data_2D4P
# 
_entry.id   2D4P 
# 
_audit_conform.dict_name       mmcif_pdbx.dic 
_audit_conform.dict_version    5.380 
_audit_conform.dict_location   http://mmcif.pdb.org/dictionaries/ascii/mmcif_pdbx.dic 
# 
loop_
_database_2.database_id 
_database_2.database_code 
_database_2.pdbx_database_accession 
_database_2.pdbx_DOI 
PDB   2D4P         pdb_00002d4p 10.2210/pdb2d4p/pdb 
RCSB  RCSB024983   ?            ?                   
WWPDB D_1000024983 ?            ?                   
# 
loop_
_pdbx_database_related.db_name 
_pdbx_database_related.db_id 
_pdbx_database_related.details 
_pdbx_database_related.content_type 
PDB      2D4O           'the same protein(I68M)' unspecified 
TargetDB ttk003001619.1 .                        unspecified 
# 
_pdbx_database_status.status_code                     REL 
_pdbx_database_status.entry_id                        2D4P 
_pdbx_database_status.recvd_initial_deposition_date   2005-10-21 
_pdbx_database_status.deposit_site                    PDBJ 
_pdbx_database_status.process_site                    PDBJ 
_pdbx_database_status.status_code_sf                  REL 
_pdbx_database_status.status_code_mr                  ? 
_pdbx_database_status.SG_entry                        Y 
_pdbx_database_status.pdb_format_compatible           Y 
_pdbx_database_status.status_code_cs                  ? 
_pdbx_database_status.status_code_nmr_data            ? 
_pdbx_database_status.methods_development_category    ? 
# 
loop_
_audit_author.name 
_audit_author.pdbx_ordinal 
'Mizohata, E.'                                           1 
'Uchikubo, T.'                                           2 
'Kinoshita, Y.'                                          3 
'Terada, T.'                                             4 
'Shirouzu, M.'                                           5 
'Kuramitsu, S.'                                          6 
'Yokoyama, S.'                                           7 
'RIKEN Structural Genomics/Proteomics Initiative (RSGI)' 8 
# 
_citation.id                        primary 
_citation.title                     'Crystal structure of TTHA1254 (wild type) from Thermus thermophilus HB8' 
_citation.journal_abbrev            'To be Published' 
_citation.journal_volume            ? 
_citation.page_first                ? 
_citation.page_last                 ? 
_citation.year                      ? 
_citation.journal_id_ASTM           ? 
_citation.country                   ? 
_citation.journal_id_ISSN           ? 
_citation.journal_id_CSD            0353 
_citation.book_publisher            ? 
_citation.pdbx_database_id_PubMed   ? 
_citation.pdbx_database_id_DOI      ? 
# 
loop_
_citation_author.citation_id 
_citation_author.name 
_citation_author.ordinal 
_citation_author.identifier_ORCID 
primary 'Mizohata, E.'  1 ? 
primary 'Uchikubo, T.'  2 ? 
primary 'Kinoshita, Y.' 3 ? 
primary 'Terada, T.'    4 ? 
primary 'Shirouzu, M.'  5 ? 
primary 'Kuramitsu, S.' 6 ? 
primary 'Yokoyama, S.'  7 ? 
# 
_cell.entry_id           2D4P 
_cell.length_a           61.721 
_cell.length_b           61.721 
_cell.length_c           74.707 
_cell.angle_alpha        90.00 
_cell.angle_beta         90.00 
_cell.angle_gamma        120.00 
_cell.Z_PDB              6 
_cell.pdbx_unique_axis   ? 
_cell.length_a_esd       ? 
_cell.length_b_esd       ? 
_cell.length_c_esd       ? 
_cell.angle_alpha_esd    ? 
_cell.angle_beta_esd     ? 
_cell.angle_gamma_esd    ? 
# 
_symmetry.entry_id                         2D4P 
_symmetry.space_group_name_H-M             'P 31 2 1' 
_symmetry.pdbx_full_space_group_name_H-M   ? 
_symmetry.cell_setting                     ? 
_symmetry.Int_Tables_number                152 
_symmetry.space_group_name_Hall            ? 
# 
loop_
_entity.id 
_entity.type 
_entity.src_method 
_entity.pdbx_description 
_entity.formula_weight 
_entity.pdbx_number_of_molecules 
_entity.pdbx_ec 
_entity.pdbx_mutation 
_entity.pdbx_fragment 
_entity.details 
1 polymer man 'hypothetical protein TTHA1254' 15484.720 1   ? ? ? ? 
2 water   nat water                           18.015    157 ? ? ? ? 
# 
_entity_poly.entity_id                      1 
_entity_poly.type                           'polypeptide(L)' 
_entity_poly.nstd_linkage                   no 
_entity_poly.nstd_monomer                   no 
_entity_poly.pdbx_seq_one_letter_code       
;MRFRPFTEEDLDRLNRLAGKRPVSLGALRFFARTGHSFLAEEGEEPMGFALAQAVWQGEATTVLVTRIEGRSVEALRGLL
RAVVKSAYDAGVYEVALHLDPERKELEEALKAEGFALGPLVLAVRVLGSRGARGETRGVLE
;
_entity_poly.pdbx_seq_one_letter_code_can   
;MRFRPFTEEDLDRLNRLAGKRPVSLGALRFFARTGHSFLAEEGEEPMGFALAQAVWQGEATTVLVTRIEGRSVEALRGLL
RAVVKSAYDAGVYEVALHLDPERKELEEALKAEGFALGPLVLAVRVLGSRGARGETRGVLE
;
_entity_poly.pdbx_strand_id                 A 
_entity_poly.pdbx_target_identifier         ttk003001619.1 
# 
loop_
_entity_poly_seq.entity_id 
_entity_poly_seq.num 
_entity_poly_seq.mon_id 
_entity_poly_seq.hetero 
1 1   MET n 
1 2   ARG n 
1 3   PHE n 
1 4   ARG n 
1 5   PRO n 
1 6   PHE n 
1 7   THR n 
1 8   GLU n 
1 9   GLU n 
1 10  ASP n 
1 11  LEU n 
1 12  ASP n 
1 13  ARG n 
1 14  LEU n 
1 15  ASN n 
1 16  ARG n 
1 17  LEU n 
1 18  ALA n 
1 19  GLY n 
1 20  LYS n 
1 21  ARG n 
1 22  PRO n 
1 23  VAL n 
1 24  SER n 
1 25  LEU n 
1 26  GLY n 
1 27  ALA n 
1 28  LEU n 
1 29  ARG n 
1 30  PHE n 
1 31  PHE n 
1 32  ALA n 
1 33  ARG n 
1 34  THR n 
1 35  GLY n 
1 36  HIS n 
1 37  SER n 
1 38  PHE n 
1 39  LEU n 
1 40  ALA n 
1 41  GLU n 
1 42  GLU n 
1 43  GLY n 
1 44  GLU n 
1 45  GLU n 
1 46  PRO n 
1 47  MET n 
1 48  GLY n 
1 49  PHE n 
1 50  ALA n 
1 51  LEU n 
1 52  ALA n 
1 53  GLN n 
1 54  ALA n 
1 55  VAL n 
1 56  TRP n 
1 57  GLN n 
1 58  GLY n 
1 59  GLU n 
1 60  ALA n 
1 61  THR n 
1 62  THR n 
1 63  VAL n 
1 64  LEU n 
1 65  VAL n 
1 66  THR n 
1 67  ARG n 
1 68  ILE n 
1 69  GLU n 
1 70  GLY n 
1 71  ARG n 
1 72  SER n 
1 73  VAL n 
1 74  GLU n 
1 75  ALA n 
1 76  LEU n 
1 77  ARG n 
1 78  GLY n 
1 79  LEU n 
1 80  LEU n 
1 81  ARG n 
1 82  ALA n 
1 83  VAL n 
1 84  VAL n 
1 85  LYS n 
1 86  SER n 
1 87  ALA n 
1 88  TYR n 
1 89  ASP n 
1 90  ALA n 
1 91  GLY n 
1 92  VAL n 
1 93  TYR n 
1 94  GLU n 
1 95  VAL n 
1 96  ALA n 
1 97  LEU n 
1 98  HIS n 
1 99  LEU n 
1 100 ASP n 
1 101 PRO n 
1 102 GLU n 
1 103 ARG n 
1 104 LYS n 
1 105 GLU n 
1 106 LEU n 
1 107 GLU n 
1 108 GLU n 
1 109 ALA n 
1 110 LEU n 
1 111 LYS n 
1 112 ALA n 
1 113 GLU n 
1 114 GLY n 
1 115 PHE n 
1 116 ALA n 
1 117 LEU n 
1 118 GLY n 
1 119 PRO n 
1 120 LEU n 
1 121 VAL n 
1 122 LEU n 
1 123 ALA n 
1 124 VAL n 
1 125 ARG n 
1 126 VAL n 
1 127 LEU n 
1 128 GLY n 
1 129 SER n 
1 130 ARG n 
1 131 GLY n 
1 132 ALA n 
1 133 ARG n 
1 134 GLY n 
1 135 GLU n 
1 136 THR n 
1 137 ARG n 
1 138 GLY n 
1 139 VAL n 
1 140 LEU n 
1 141 GLU n 
# 
_entity_src_gen.entity_id                          1 
_entity_src_gen.pdbx_src_id                        1 
_entity_src_gen.pdbx_alt_source_flag               sample 
_entity_src_gen.pdbx_seq_type                      ? 
_entity_src_gen.pdbx_beg_seq_num                   ? 
_entity_src_gen.pdbx_end_seq_num                   ? 
_entity_src_gen.gene_src_common_name               ? 
_entity_src_gen.gene_src_genus                     Thermus 
_entity_src_gen.pdbx_gene_src_gene                 ? 
_entity_src_gen.gene_src_species                   'Thermus thermophilus' 
_entity_src_gen.gene_src_strain                    HB8 
_entity_src_gen.gene_src_tissue                    ? 
_entity_src_gen.gene_src_tissue_fraction           ? 
_entity_src_gen.gene_src_details                   ? 
_entity_src_gen.pdbx_gene_src_fragment             ? 
_entity_src_gen.pdbx_gene_src_scientific_name      'Thermus thermophilus' 
_entity_src_gen.pdbx_gene_src_ncbi_taxonomy_id     300852 
_entity_src_gen.pdbx_gene_src_variant              ? 
_entity_src_gen.pdbx_gene_src_cell_line            ? 
_entity_src_gen.pdbx_gene_src_atcc                 ? 
_entity_src_gen.pdbx_gene_src_organ                ? 
_entity_src_gen.pdbx_gene_src_organelle            ? 
_entity_src_gen.pdbx_gene_src_cell                 ? 
_entity_src_gen.pdbx_gene_src_cellular_location    ? 
_entity_src_gen.host_org_common_name               ? 
_entity_src_gen.pdbx_host_org_scientific_name      'Escherichia coli BL21(DE3)' 
_entity_src_gen.pdbx_host_org_ncbi_taxonomy_id     469008 
_entity_src_gen.host_org_genus                     Escherichia 
_entity_src_gen.pdbx_host_org_gene                 ? 
_entity_src_gen.pdbx_host_org_organ                ? 
_entity_src_gen.host_org_species                   'Escherichia coli' 
_entity_src_gen.pdbx_host_org_tissue               ? 
_entity_src_gen.pdbx_host_org_tissue_fraction      ? 
_entity_src_gen.pdbx_host_org_strain               'BL21(DE3)' 
_entity_src_gen.pdbx_host_org_variant              ? 
_entity_src_gen.pdbx_host_org_cell_line            ? 
_entity_src_gen.pdbx_host_org_atcc                 ? 
_entity_src_gen.pdbx_host_org_culture_collection   ? 
_entity_src_gen.pdbx_host_org_cell                 ? 
_entity_src_gen.pdbx_host_org_organelle            ? 
_entity_src_gen.pdbx_host_org_cellular_location    ? 
_entity_src_gen.pdbx_host_org_vector_type          plasmid 
_entity_src_gen.pdbx_host_org_vector               ? 
_entity_src_gen.host_org_details                   ? 
_entity_src_gen.expression_system_id               ? 
_entity_src_gen.plasmid_name                       pET11a 
_entity_src_gen.plasmid_details                    ? 
_entity_src_gen.pdbx_description                   ? 
# 
_struct_ref.id                         1 
_struct_ref.db_name                    UNP 
_struct_ref.db_code                    Q72J89_THET2 
_struct_ref.pdbx_db_accession          Q72J89 
_struct_ref.entity_id                  1 
_struct_ref.pdbx_align_begin           1 
_struct_ref.pdbx_db_isoform            ? 
_struct_ref.pdbx_seq_one_letter_code   ? 
# 
_struct_ref_seq.align_id                      1 
_struct_ref_seq.ref_id                        1 
_struct_ref_seq.pdbx_PDB_id_code              2D4P 
_struct_ref_seq.pdbx_strand_id                A 
_struct_ref_seq.seq_align_beg                 1 
_struct_ref_seq.pdbx_seq_align_beg_ins_code   ? 
_struct_ref_seq.seq_align_end                 141 
_struct_ref_seq.pdbx_seq_align_end_ins_code   ? 
_struct_ref_seq.pdbx_db_accession             Q72J89 
_struct_ref_seq.db_align_beg                  1 
_struct_ref_seq.pdbx_db_align_beg_ins_code    ? 
_struct_ref_seq.db_align_end                  141 
_struct_ref_seq.pdbx_db_align_end_ins_code    ? 
_struct_ref_seq.pdbx_auth_seq_align_beg       1 
_struct_ref_seq.pdbx_auth_seq_align_end       141 
# 
loop_
_chem_comp.id 
_chem_comp.type 
_chem_comp.mon_nstd_flag 
_chem_comp.name 
_chem_comp.pdbx_synonyms 
_chem_comp.formula 
_chem_comp.formula_weight 
ALA 'L-peptide linking' y ALANINE         ? 'C3 H7 N O2'     89.093  
ARG 'L-peptide linking' y ARGININE        ? 'C6 H15 N4 O2 1' 175.209 
ASN 'L-peptide linking' y ASPARAGINE      ? 'C4 H8 N2 O3'    132.118 
ASP 'L-peptide linking' y 'ASPARTIC ACID' ? 'C4 H7 N O4'     133.103 
GLN 'L-peptide linking' y GLUTAMINE       ? 'C5 H10 N2 O3'   146.144 
GLU 'L-peptide linking' y 'GLUTAMIC ACID' ? 'C5 H9 N O4'     147.129 
GLY 'peptide linking'   y GLYCINE         ? 'C2 H5 N O2'     75.067  
HIS 'L-peptide linking' y HISTIDINE       ? 'C6 H10 N3 O2 1' 156.162 
HOH non-polymer         . WATER           ? 'H2 O'           18.015  
ILE 'L-peptide linking' y ISOLEUCINE      ? 'C6 H13 N O2'    131.173 
LEU 'L-peptide linking' y LEUCINE         ? 'C6 H13 N O2'    131.173 
LYS 'L-peptide linking' y LYSINE          ? 'C6 H15 N2 O2 1' 147.195 
MET 'L-peptide linking' y METHIONINE      ? 'C5 H11 N O2 S'  149.211 
PHE 'L-peptide linking' y PHENYLALANINE   ? 'C9 H11 N O2'    165.189 
PRO 'L-peptide linking' y PROLINE         ? 'C5 H9 N O2'     115.130 
SER 'L-peptide linking' y SERINE          ? 'C3 H7 N O3'     105.093 
THR 'L-peptide linking' y THREONINE       ? 'C4 H9 N O3'     119.119 
TRP 'L-peptide linking' y TRYPTOPHAN      ? 'C11 H12 N2 O2'  204.225 
TYR 'L-peptide linking' y TYROSINE        ? 'C9 H11 N O3'    181.189 
VAL 'L-peptide linking' y VALINE          ? 'C5 H11 N O2'    117.146 
# 
_exptl.entry_id          2D4P 
_exptl.method            'X-RAY DIFFRACTION' 
_exptl.crystals_number   1 
# 
_exptl_crystal.id                    1 
_exptl_crystal.density_meas          ? 
_exptl_crystal.density_Matthews      2.65 
_exptl_crystal.density_percent_sol   53.62 
_exptl_crystal.description           ? 
_exptl_crystal.F_000                 ? 
_exptl_crystal.preparation           ? 
# 
_exptl_crystal_grow.crystal_id      1 
_exptl_crystal_grow.method          'VAPOR DIFFUSION, SITTING DROP' 
_exptl_crystal_grow.temp            277 
_exptl_crystal_grow.temp_details    ? 
_exptl_crystal_grow.pH              ? 
_exptl_crystal_grow.pdbx_details    'PEG3350, Tris, NaCl, Ammonium nitrate, VAPOR DIFFUSION, SITTING DROP, temperature 277K' 
_exptl_crystal_grow.pdbx_pH_range   . 
# 
_diffrn.id                     1 
_diffrn.ambient_temp           100 
_diffrn.ambient_temp_details   ? 
_diffrn.crystal_id             1 
# 
_diffrn_detector.diffrn_id              1 
_diffrn_detector.detector               'IMAGE PLATE' 
_diffrn_detector.type                   'RIGAKU RAXIS IV++' 
_diffrn_detector.pdbx_collection_date   2005-02-10 
_diffrn_detector.details                ? 
# 
_diffrn_radiation.diffrn_id                        1 
_diffrn_radiation.wavelength_id                    1 
_diffrn_radiation.pdbx_monochromatic_or_laue_m_l   M 
_diffrn_radiation.monochromator                    ? 
_diffrn_radiation.pdbx_diffrn_protocol             'SINGLE WAVELENGTH' 
_diffrn_radiation.pdbx_scattering_type             x-ray 
# 
_diffrn_radiation_wavelength.id           1 
_diffrn_radiation_wavelength.wavelength   1.5418 
_diffrn_radiation_wavelength.wt           1.0 
# 
_diffrn_source.diffrn_id                   1 
_diffrn_source.source                      'ROTATING ANODE' 
_diffrn_source.type                        'RIGAKU MICROMAX-007' 
_diffrn_source.pdbx_synchrotron_site       ? 
_diffrn_source.pdbx_synchrotron_beamline   ? 
_diffrn_source.pdbx_wavelength             ? 
_diffrn_source.pdbx_wavelength_list        1.5418 
# 
_reflns.entry_id                     2D4P 
_reflns.observed_criterion_sigma_I   ? 
_reflns.observed_criterion_sigma_F   ? 
_reflns.d_resolution_low             50 
_reflns.d_resolution_high            1.7 
_reflns.number_obs                   18129 
_reflns.number_all                   ? 
_reflns.percent_possible_obs         ? 
_reflns.pdbx_Rmerge_I_obs            ? 
_reflns.pdbx_Rsym_value              ? 
_reflns.pdbx_netI_over_sigmaI        ? 
_reflns.B_iso_Wilson_estimate        ? 
_reflns.pdbx_redundancy              ? 
_reflns.R_free_details               ? 
_reflns.limit_h_max                  ? 
_reflns.limit_h_min                  ? 
_reflns.limit_k_max                  ? 
_reflns.limit_k_min                  ? 
_reflns.limit_l_max                  ? 
_reflns.limit_l_min                  ? 
_reflns.observed_criterion_F_max     ? 
_reflns.observed_criterion_F_min     ? 
_reflns.pdbx_chi_squared             ? 
_reflns.pdbx_scaling_rejects         ? 
_reflns.pdbx_ordinal                 1 
_reflns.pdbx_diffrn_id               1 
# 
_refine.entry_id                                 2D4P 
_refine.ls_number_reflns_obs                     17189 
_refine.ls_number_reflns_all                     ? 
_refine.pdbx_ls_sigma_I                          ? 
_refine.pdbx_ls_sigma_F                          ? 
_refine.pdbx_data_cutoff_high_absF               ? 
_refine.pdbx_data_cutoff_low_absF                ? 
_refine.pdbx_data_cutoff_high_rms_absF           ? 
_refine.ls_d_res_low                             50 
_refine.ls_d_res_high                            1.70 
_refine.ls_percent_reflns_obs                    97.66 
_refine.ls_R_factor_obs                          0.16958 
_refine.ls_R_factor_all                          ? 
_refine.ls_R_factor_R_work                       0.1683 
_refine.ls_R_factor_R_free                       0.19485 
_refine.ls_R_factor_R_free_error                 ? 
_refine.ls_R_factor_R_free_error_details         ? 
_refine.ls_percent_reflns_R_free                 5.1 
_refine.ls_number_reflns_R_free                  933 
_refine.ls_number_parameters                     ? 
_refine.ls_number_restraints                     ? 
_refine.occupancy_min                            ? 
_refine.occupancy_max                            ? 
_refine.correlation_coeff_Fo_to_Fc               0.967 
_refine.correlation_coeff_Fo_to_Fc_free          0.961 
_refine.B_iso_mean                               22.655 
_refine.aniso_B[1][1]                            0.78 
_refine.aniso_B[2][2]                            0.78 
_refine.aniso_B[3][3]                            -1.18 
_refine.aniso_B[1][2]                            0.39 
_refine.aniso_B[1][3]                            0.00 
_refine.aniso_B[2][3]                            0.00 
_refine.solvent_model_details                    'BABINET MODEL WITH MASK' 
_refine.solvent_model_param_ksol                 ? 
_refine.solvent_model_param_bsol                 ? 
_refine.pdbx_solvent_vdw_probe_radii             1.40 
_refine.pdbx_solvent_ion_probe_radii             0.80 
_refine.pdbx_solvent_shrinkage_radii             0.80 
_refine.pdbx_ls_cross_valid_method               THROUGHOUT 
_refine.details                                  'HYDROGENS HAVE BEEN ADDED IN THE RIDING POSITIONS' 
_refine.pdbx_starting_model                      2D4O 
_refine.pdbx_method_to_determine_struct          'MOLECULAR REPLACEMENT' 
_refine.pdbx_isotropic_thermal_model             ? 
_refine.pdbx_stereochemistry_target_values       'MAXIMUM LIKELIHOOD' 
_refine.pdbx_stereochem_target_val_spec_case     ? 
_refine.pdbx_R_Free_selection_details            RANDOM 
_refine.pdbx_overall_ESU_R                       0.090 
_refine.pdbx_overall_ESU_R_Free                  0.089 
_refine.overall_SU_ML                            0.062 
_refine.overall_SU_B                             1.945 
_refine.ls_redundancy_reflns_obs                 ? 
_refine.B_iso_min                                ? 
_refine.B_iso_max                                ? 
_refine.overall_SU_R_Cruickshank_DPI             ? 
_refine.overall_SU_R_free                        ? 
_refine.ls_wR_factor_R_free                      ? 
_refine.ls_wR_factor_R_work                      ? 
_refine.overall_FOM_free_R_set                   ? 
_refine.overall_FOM_work_R_set                   ? 
_refine.pdbx_refine_id                           'X-RAY DIFFRACTION' 
_refine.pdbx_TLS_residual_ADP_flag               'LIKELY RESIDUAL' 
_refine.pdbx_diffrn_id                           1 
_refine.pdbx_overall_phase_error                 ? 
_refine.pdbx_overall_SU_R_free_Cruickshank_DPI   ? 
_refine.pdbx_overall_SU_R_Blow_DPI               ? 
_refine.pdbx_overall_SU_R_free_Blow_DPI          ? 
# 
_refine_hist.pdbx_refine_id                   'X-RAY DIFFRACTION' 
_refine_hist.cycle_id                         LAST 
_refine_hist.pdbx_number_atoms_protein        1011 
_refine_hist.pdbx_number_atoms_nucleic_acid   0 
_refine_hist.pdbx_number_atoms_ligand         0 
_refine_hist.number_atoms_solvent             157 
_refine_hist.number_atoms_total               1168 
_refine_hist.d_res_high                       1.70 
_refine_hist.d_res_low                        50 
# 
loop_
_refine_ls_restr.type 
_refine_ls_restr.dev_ideal 
_refine_ls_restr.dev_ideal_target 
_refine_ls_restr.weight 
_refine_ls_restr.number 
_refine_ls_restr.pdbx_refine_id 
_refine_ls_restr.pdbx_restraint_function 
r_bond_refined_d             0.013 0.021 ? 1028 'X-RAY DIFFRACTION' ? 
r_bond_other_d               0.002 0.020 ? 996  'X-RAY DIFFRACTION' ? 
r_angle_refined_deg          1.428 1.980 ? 1386 'X-RAY DIFFRACTION' ? 
r_angle_other_deg            0.822 3.000 ? 2284 'X-RAY DIFFRACTION' ? 
r_dihedral_angle_1_deg       6.074 5.000 ? 129  'X-RAY DIFFRACTION' ? 
r_dihedral_angle_2_deg       ?     ?     ? ?    'X-RAY DIFFRACTION' ? 
r_dihedral_angle_3_deg       ?     ?     ? ?    'X-RAY DIFFRACTION' ? 
r_dihedral_angle_4_deg       ?     ?     ? ?    'X-RAY DIFFRACTION' ? 
r_chiral_restr               0.090 0.200 ? 155  'X-RAY DIFFRACTION' ? 
r_gen_planes_refined         0.006 0.020 ? 1153 'X-RAY DIFFRACTION' ? 
r_gen_planes_other           0.004 0.020 ? 232  'X-RAY DIFFRACTION' ? 
r_nbd_refined                0.207 0.200 ? 157  'X-RAY DIFFRACTION' ? 
r_nbd_other                  0.254 0.200 ? 1095 'X-RAY DIFFRACTION' ? 
r_nbtor_refined              ?     ?     ? ?    'X-RAY DIFFRACTION' ? 
r_nbtor_other                0.083 0.200 ? 703  'X-RAY DIFFRACTION' ? 
r_xyhbond_nbd_refined        0.122 0.200 ? 88   'X-RAY DIFFRACTION' ? 
r_xyhbond_nbd_other          ?     ?     ? ?    'X-RAY DIFFRACTION' ? 
r_metal_ion_refined          ?     ?     ? ?    'X-RAY DIFFRACTION' ? 
r_metal_ion_other            ?     ?     ? ?    'X-RAY DIFFRACTION' ? 
r_symmetry_vdw_refined       0.049 0.200 ? 4    'X-RAY DIFFRACTION' ? 
r_symmetry_vdw_other         0.396 0.200 ? 59   'X-RAY DIFFRACTION' ? 
r_symmetry_hbond_refined     0.153 0.200 ? 13   'X-RAY DIFFRACTION' ? 
r_symmetry_hbond_other       ?     ?     ? ?    'X-RAY DIFFRACTION' ? 
r_symmetry_metal_ion_refined ?     ?     ? ?    'X-RAY DIFFRACTION' ? 
r_symmetry_metal_ion_other   ?     ?     ? ?    'X-RAY DIFFRACTION' ? 
r_mcbond_it                  0.815 1.500 ? 642  'X-RAY DIFFRACTION' ? 
r_mcbond_other               ?     ?     ? ?    'X-RAY DIFFRACTION' ? 
r_mcangle_it                 1.566 2.000 ? 1017 'X-RAY DIFFRACTION' ? 
r_scbond_it                  2.543 3.000 ? 386  'X-RAY DIFFRACTION' ? 
r_scangle_it                 4.329 4.500 ? 369  'X-RAY DIFFRACTION' ? 
r_rigid_bond_restr           ?     ?     ? ?    'X-RAY DIFFRACTION' ? 
r_sphericity_free            ?     ?     ? ?    'X-RAY DIFFRACTION' ? 
r_sphericity_bonded          ?     ?     ? ?    'X-RAY DIFFRACTION' ? 
# 
_refine_ls_shell.pdbx_total_number_of_bins_used   20 
_refine_ls_shell.d_res_high                       1.700 
_refine_ls_shell.d_res_low                        1.744 
_refine_ls_shell.number_reflns_R_work             1165 
_refine_ls_shell.R_factor_R_work                  0.236 
_refine_ls_shell.percent_reflns_obs               ? 
_refine_ls_shell.R_factor_R_free                  0.269 
_refine_ls_shell.R_factor_R_free_error            ? 
_refine_ls_shell.percent_reflns_R_free            ? 
_refine_ls_shell.number_reflns_R_free             67 
_refine_ls_shell.number_reflns_obs                ? 
_refine_ls_shell.redundancy_reflns_obs            ? 
_refine_ls_shell.number_reflns_all                ? 
_refine_ls_shell.R_factor_all                     ? 
_refine_ls_shell.pdbx_refine_id                   'X-RAY DIFFRACTION' 
# 
_struct.entry_id                  2D4P 
_struct.title                     'Crystal structure of TTHA1254 (wild type) from Thermus thermophilus HB8' 
_struct.pdbx_model_details        ? 
_struct.pdbx_CASP_flag            ? 
_struct.pdbx_model_type_details   ? 
# 
_struct_keywords.entry_id        2D4P 
_struct_keywords.pdbx_keywords   'STRUCTURAL GENOMICS, UNKNOWN FUNCTION' 
_struct_keywords.text            
;structural genomics, NPPSFA, National Project on Protein Structural and Functional Analyses, RIKEN Structural Genomics/Proteomics Initiative, RSGI, UNKNOWN FUNCTION
;
# 
loop_
_struct_asym.id 
_struct_asym.pdbx_blank_PDB_chainid_flag 
_struct_asym.pdbx_modified 
_struct_asym.entity_id 
_struct_asym.details 
A N N 1 ? 
B N N 2 ? 
# 
_struct_biol.id   1 
# 
loop_
_struct_conf.conf_type_id 
_struct_conf.id 
_struct_conf.pdbx_PDB_helix_id 
_struct_conf.beg_label_comp_id 
_struct_conf.beg_label_asym_id 
_struct_conf.beg_label_seq_id 
_struct_conf.pdbx_beg_PDB_ins_code 
_struct_conf.end_label_comp_id 
_struct_conf.end_label_asym_id 
_struct_conf.end_label_seq_id 
_struct_conf.pdbx_end_PDB_ins_code 
_struct_conf.beg_auth_comp_id 
_struct_conf.beg_auth_asym_id 
_struct_conf.beg_auth_seq_id 
_struct_conf.end_auth_comp_id 
_struct_conf.end_auth_asym_id 
_struct_conf.end_auth_seq_id 
_struct_conf.pdbx_PDB_helix_class 
_struct_conf.details 
_struct_conf.pdbx_PDB_helix_length 
HELX_P HELX_P1 1 THR A 7   ? GLU A 9   ? THR A 7   GLU A 9   5 ? 3  
HELX_P HELX_P2 2 ASP A 10  ? LEU A 17  ? ASP A 10  LEU A 17  1 ? 8  
HELX_P HELX_P3 3 SER A 24  ? GLY A 35  ? SER A 24  GLY A 35  1 ? 12 
HELX_P HELX_P4 4 SER A 72  ? ALA A 90  ? SER A 72  ALA A 90  1 ? 19 
HELX_P HELX_P5 5 ARG A 103 ? GLU A 113 ? ARG A 103 GLU A 113 1 ? 11 
# 
_struct_conf_type.id          HELX_P 
_struct_conf_type.criteria    ? 
_struct_conf_type.reference   ? 
# 
_struct_mon_prot_cis.pdbx_id                1 
_struct_mon_prot_cis.label_comp_id          GLY 
_struct_mon_prot_cis.label_seq_id           118 
_struct_mon_prot_cis.label_asym_id          A 
_struct_mon_prot_cis.label_alt_id           . 
_struct_mon_prot_cis.pdbx_PDB_ins_code      ? 
_struct_mon_prot_cis.auth_comp_id           GLY 
_struct_mon_prot_cis.auth_seq_id            118 
_struct_mon_prot_cis.auth_asym_id           A 
_struct_mon_prot_cis.pdbx_label_comp_id_2   PRO 
_struct_mon_prot_cis.pdbx_label_seq_id_2    119 
_struct_mon_prot_cis.pdbx_label_asym_id_2   A 
_struct_mon_prot_cis.pdbx_PDB_ins_code_2    ? 
_struct_mon_prot_cis.pdbx_auth_comp_id_2    PRO 
_struct_mon_prot_cis.pdbx_auth_seq_id_2     119 
_struct_mon_prot_cis.pdbx_auth_asym_id_2    A 
_struct_mon_prot_cis.pdbx_PDB_model_num     1 
_struct_mon_prot_cis.pdbx_omega_angle       6.13 
# 
_struct_sheet.id               A 
_struct_sheet.type             ? 
_struct_sheet.number_strands   5 
_struct_sheet.details          ? 
# 
loop_
_struct_sheet_order.sheet_id 
_struct_sheet_order.range_id_1 
_struct_sheet_order.range_id_2 
_struct_sheet_order.offset 
_struct_sheet_order.sense 
A 1 2 ? anti-parallel 
A 2 3 ? anti-parallel 
A 3 4 ? anti-parallel 
A 4 5 ? parallel      
# 
loop_
_struct_sheet_range.sheet_id 
_struct_sheet_range.id 
_struct_sheet_range.beg_label_comp_id 
_struct_sheet_range.beg_label_asym_id 
_struct_sheet_range.beg_label_seq_id 
_struct_sheet_range.pdbx_beg_PDB_ins_code 
_struct_sheet_range.end_label_comp_id 
_struct_sheet_range.end_label_asym_id 
_struct_sheet_range.end_label_seq_id 
_struct_sheet_range.pdbx_end_PDB_ins_code 
_struct_sheet_range.beg_auth_comp_id 
_struct_sheet_range.beg_auth_asym_id 
_struct_sheet_range.beg_auth_seq_id 
_struct_sheet_range.end_auth_comp_id 
_struct_sheet_range.end_auth_asym_id 
_struct_sheet_range.end_auth_seq_id 
A 1 ARG A 2  ? ARG A 4  ? ARG A 2  ARG A 4  
A 2 PHE A 38 ? GLU A 42 ? PHE A 38 GLU A 42 
A 3 GLU A 45 ? TRP A 56 ? GLU A 45 TRP A 56 
A 4 THR A 61 ? GLY A 70 ? THR A 61 GLY A 70 
A 5 GLU A 94 ? LEU A 97 ? GLU A 94 LEU A 97 
# 
loop_
_pdbx_struct_sheet_hbond.sheet_id 
_pdbx_struct_sheet_hbond.range_id_1 
_pdbx_struct_sheet_hbond.range_id_2 
_pdbx_struct_sheet_hbond.range_1_label_atom_id 
_pdbx_struct_sheet_hbond.range_1_label_comp_id 
_pdbx_struct_sheet_hbond.range_1_label_asym_id 
_pdbx_struct_sheet_hbond.range_1_label_seq_id 
_pdbx_struct_sheet_hbond.range_1_PDB_ins_code 
_pdbx_struct_sheet_hbond.range_1_auth_atom_id 
_pdbx_struct_sheet_hbond.range_1_auth_comp_id 
_pdbx_struct_sheet_hbond.range_1_auth_asym_id 
_pdbx_struct_sheet_hbond.range_1_auth_seq_id 
_pdbx_struct_sheet_hbond.range_2_label_atom_id 
_pdbx_struct_sheet_hbond.range_2_label_comp_id 
_pdbx_struct_sheet_hbond.range_2_label_asym_id 
_pdbx_struct_sheet_hbond.range_2_label_seq_id 
_pdbx_struct_sheet_hbond.range_2_PDB_ins_code 
_pdbx_struct_sheet_hbond.range_2_auth_atom_id 
_pdbx_struct_sheet_hbond.range_2_auth_comp_id 
_pdbx_struct_sheet_hbond.range_2_auth_asym_id 
_pdbx_struct_sheet_hbond.range_2_auth_seq_id 
A 1 2 N ARG A 4  ? N ARG A 4  O LEU A 39 ? O LEU A 39 
A 2 3 N ALA A 40 ? N ALA A 40 O MET A 47 ? O MET A 47 
A 3 4 N VAL A 55 ? N VAL A 55 O THR A 62 ? O THR A 62 
A 4 5 N VAL A 65 ? N VAL A 65 O ALA A 96 ? O ALA A 96 
# 
_atom_sites.entry_id                    2D4P 
_atom_sites.fract_transf_matrix[1][1]   0.00498682 
_atom_sites.fract_transf_matrix[1][2]   0.00984019 
_atom_sites.fract_transf_matrix[1][3]   0.01510975 
_atom_sites.fract_transf_matrix[2][1]   -0.00304533 
_atom_sites.fract_transf_matrix[2][2]   -0.00693794 
_atom_sites.fract_transf_matrix[2][3]   0.01710497 
_atom_sites.fract_transf_matrix[3][1]   0.01206287 
_atom_sites.fract_transf_matrix[3][2]   -0.00579916 
_atom_sites.fract_transf_matrix[3][3]   -0.00020455 
_atom_sites.fract_transf_vector[1]      0.472155 
_atom_sites.fract_transf_vector[2]      0.405708 
_atom_sites.fract_transf_vector[3]      0.342656 
# 
loop_
_atom_type.symbol 
C 
N 
O 
S 
# 
loop_
_atom_site.group_PDB 
_atom_site.id 
_atom_site.type_symbol 
_atom_site.label_atom_id 
_atom_site.label_alt_id 
_atom_site.label_comp_id 
_atom_site.label_asym_id 
_atom_site.label_entity_id 
_atom_site.label_seq_id 
_atom_site.pdbx_PDB_ins_code 
_atom_site.Cartn_x 
_atom_site.Cartn_y 
_atom_site.Cartn_z 
_atom_site.occupancy 
_atom_site.B_iso_or_equiv 
_atom_site.pdbx_formal_charge 
_atom_site.auth_seq_id 
_atom_site.auth_comp_id 
_atom_site.auth_asym_id 
_atom_site.auth_atom_id 
_atom_site.pdbx_PDB_model_num 
ATOM   1    N N   . MET A 1 1   ? -9.829  15.014  -2.502  1.00 23.21 ? 1   MET A N   1 
ATOM   2    C CA  . MET A 1 1   ? -9.226  13.761  -1.963  1.00 23.18 ? 1   MET A CA  1 
ATOM   3    C C   . MET A 1 1   ? -8.040  13.987  -1.058  1.00 21.32 ? 1   MET A C   1 
ATOM   4    O O   . MET A 1 1   ? -7.173  14.798  -1.344  1.00 20.25 ? 1   MET A O   1 
ATOM   5    C CB  . MET A 1 1   ? -8.806  12.810  -3.075  1.00 23.80 ? 1   MET A CB  1 
ATOM   6    C CG  . MET A 1 1   ? -8.700  11.418  -2.506  1.00 26.18 ? 1   MET A CG  1 
ATOM   7    S SD  . MET A 1 1   ? -8.478  10.153  -3.630  1.00 27.30 ? 1   MET A SD  1 
ATOM   8    C CE  . MET A 1 1   ? -9.824  10.362  -4.752  1.00 28.99 ? 1   MET A CE  1 
ATOM   9    N N   . ARG A 1 2   ? -8.006  13.247  0.048   1.00 20.26 ? 2   ARG A N   1 
ATOM   10   C CA  . ARG A 1 2   ? -6.940  13.378  1.032   1.00 19.74 ? 2   ARG A CA  1 
ATOM   11   C C   . ARG A 1 2   ? -6.416  12.018  1.468   1.00 19.20 ? 2   ARG A C   1 
ATOM   12   O O   . ARG A 1 2   ? -7.111  11.006  1.345   1.00 18.62 ? 2   ARG A O   1 
ATOM   13   C CB  . ARG A 1 2   ? -7.406  14.162  2.276   1.00 20.63 ? 2   ARG A CB  1 
ATOM   14   C CG  . ARG A 1 2   ? -7.772  15.605  2.024   1.00 21.15 ? 2   ARG A CG  1 
ATOM   15   C CD  . ARG A 1 2   ? -6.621  16.493  1.578   1.00 22.67 ? 2   ARG A CD  1 
ATOM   16   N NE  . ARG A 1 2   ? -7.103  17.873  1.360   1.00 23.45 ? 2   ARG A NE  1 
ATOM   17   C CZ  . ARG A 1 2   ? -7.657  18.323  0.224   1.00 25.98 ? 2   ARG A CZ  1 
ATOM   18   N NH1 . ARG A 1 2   ? -7.833  17.533  -0.834  1.00 24.39 ? 2   ARG A NH1 1 
ATOM   19   N NH2 . ARG A 1 2   ? -8.063  19.578  0.151   1.00 27.13 ? 2   ARG A NH2 1 
ATOM   20   N N   . PHE A 1 3   ? -5.191  12.033  1.994   1.00 18.69 ? 3   PHE A N   1 
ATOM   21   C CA  . PHE A 1 3   ? -4.456  10.842  2.369   1.00 19.54 ? 3   PHE A CA  1 
ATOM   22   C C   . PHE A 1 3   ? -3.925  10.973  3.788   1.00 19.61 ? 3   PHE A C   1 
ATOM   23   O O   . PHE A 1 3   ? -3.225  11.939  4.115   1.00 19.32 ? 3   PHE A O   1 
ATOM   24   C CB  . PHE A 1 3   ? -3.328  10.615  1.349   1.00 19.93 ? 3   PHE A CB  1 
ATOM   25   C CG  . PHE A 1 3   ? -3.826  10.638  -0.059  1.00 19.96 ? 3   PHE A CG  1 
ATOM   26   C CD1 . PHE A 1 3   ? -4.274  9.472   -0.673  1.00 20.13 ? 3   PHE A CD1 1 
ATOM   27   C CD2 . PHE A 1 3   ? -3.913  11.840  -0.762  1.00 20.96 ? 3   PHE A CD2 1 
ATOM   28   C CE1 . PHE A 1 3   ? -4.778  9.512   -1.973  1.00 19.58 ? 3   PHE A CE1 1 
ATOM   29   C CE2 . PHE A 1 3   ? -4.427  11.894  -2.029  1.00 19.61 ? 3   PHE A CE2 1 
ATOM   30   C CZ  . PHE A 1 3   ? -4.880  10.730  -2.645  1.00 19.80 ? 3   PHE A CZ  1 
ATOM   31   N N   . ARG A 1 4   ? -4.289  10.023  4.651   1.00 19.63 ? 4   ARG A N   1 
ATOM   32   C CA  . ARG A 1 4   ? -3.966  10.128  6.058   1.00 19.83 ? 4   ARG A CA  1 
ATOM   33   C C   . ARG A 1 4   ? -3.707  8.770   6.692   1.00 20.16 ? 4   ARG A C   1 
ATOM   34   O O   . ARG A 1 4   ? -4.111  7.734   6.157   1.00 19.90 ? 4   ARG A O   1 
ATOM   35   C CB  . ARG A 1 4   ? -5.101  10.833  6.823   1.00 19.76 ? 4   ARG A CB  1 
ATOM   36   C CG  . ARG A 1 4   ? -6.468  10.127  6.745   1.00 20.85 ? 4   ARG A CG  1 
ATOM   37   C CD  . ARG A 1 4   ? -7.507  10.788  7.654   1.00 20.87 ? 4   ARG A CD  1 
ATOM   38   N NE  . ARG A 1 4   ? -8.819  10.141  7.632   1.00 20.36 ? 4   ARG A NE  1 
ATOM   39   C CZ  . ARG A 1 4   ? -9.167  9.053   8.323   1.00 22.95 ? 4   ARG A CZ  1 
ATOM   40   N NH1 . ARG A 1 4   ? -8.303  8.440   9.125   1.00 23.08 ? 4   ARG A NH1 1 
ATOM   41   N NH2 . ARG A 1 4   ? -10.404 8.589   8.230   1.00 23.11 ? 4   ARG A NH2 1 
ATOM   42   N N   . PRO A 1 5   ? -3.050  8.789   7.853   1.00 20.98 ? 5   PRO A N   1 
ATOM   43   C CA  . PRO A 1 5   ? -2.933  7.576   8.669   1.00 21.11 ? 5   PRO A CA  1 
ATOM   44   C C   . PRO A 1 5   ? -4.329  7.187   9.071   1.00 20.77 ? 5   PRO A C   1 
ATOM   45   O O   . PRO A 1 5   ? -5.224  8.045   9.216   1.00 20.35 ? 5   PRO A O   1 
ATOM   46   C CB  . PRO A 1 5   ? -2.168  8.031   9.908   1.00 21.25 ? 5   PRO A CB  1 
ATOM   47   C CG  . PRO A 1 5   ? -1.428  9.225   9.432   1.00 22.48 ? 5   PRO A CG  1 
ATOM   48   C CD  . PRO A 1 5   ? -2.411  9.933   8.508   1.00 21.36 ? 5   PRO A CD  1 
ATOM   49   N N   . PHE A 1 6   ? -4.525  5.888   9.239   1.00 21.15 ? 6   PHE A N   1 
ATOM   50   C CA  . PHE A 1 6   ? -5.779  5.377   9.743   1.00 20.68 ? 6   PHE A CA  1 
ATOM   51   C C   . PHE A 1 6   ? -5.594  4.930   11.199  1.00 21.14 ? 6   PHE A C   1 
ATOM   52   O O   . PHE A 1 6   ? -4.464  4.679   11.680  1.00 21.45 ? 6   PHE A O   1 
ATOM   53   C CB  . PHE A 1 6   ? -6.385  4.249   8.865   1.00 21.42 ? 6   PHE A CB  1 
ATOM   54   C CG  . PHE A 1 6   ? -5.412  3.158   8.502   1.00 18.42 ? 6   PHE A CG  1 
ATOM   55   C CD1 . PHE A 1 6   ? -5.042  2.210   9.438   1.00 20.15 ? 6   PHE A CD1 1 
ATOM   56   C CD2 . PHE A 1 6   ? -4.834  3.105   7.234   1.00 20.74 ? 6   PHE A CD2 1 
ATOM   57   C CE1 . PHE A 1 6   ? -4.139  1.213   9.110   1.00 20.10 ? 6   PHE A CE1 1 
ATOM   58   C CE2 . PHE A 1 6   ? -3.942  2.102   6.894   1.00 21.17 ? 6   PHE A CE2 1 
ATOM   59   C CZ  . PHE A 1 6   ? -3.573  1.163   7.847   1.00 22.63 ? 6   PHE A CZ  1 
ATOM   60   N N   . THR A 1 7   ? -6.731  4.873   11.885  1.00 21.72 ? 7   THR A N   1 
ATOM   61   C CA  . THR A 1 7   ? -6.839  4.394   13.279  1.00 22.22 ? 7   THR A CA  1 
ATOM   62   C C   . THR A 1 7   ? -7.887  3.309   13.382  1.00 22.49 ? 7   THR A C   1 
ATOM   63   O O   . THR A 1 7   ? -8.544  2.949   12.398  1.00 22.03 ? 7   THR A O   1 
ATOM   64   C CB  . THR A 1 7   ? -7.196  5.535   14.269  1.00 22.39 ? 7   THR A CB  1 
ATOM   65   O OG1 . THR A 1 7   ? -8.546  5.964   14.064  1.00 21.45 ? 7   THR A OG1 1 
ATOM   66   C CG2 . THR A 1 7   ? -6.326  6.784   14.007  1.00 24.44 ? 7   THR A CG2 1 
ATOM   67   N N   . GLU A 1 8   ? -8.067  2.800   14.597  1.00 23.30 ? 8   GLU A N   1 
ATOM   68   C CA  . GLU A 1 8   ? -9.012  1.698   14.803  1.00 24.74 ? 8   GLU A CA  1 
ATOM   69   C C   . GLU A 1 8   ? -10.426 2.075   14.404  1.00 24.18 ? 8   GLU A C   1 
ATOM   70   O O   . GLU A 1 8   ? -11.201 1.224   13.983  1.00 23.96 ? 8   GLU A O   1 
ATOM   71   C CB  . GLU A 1 8   ? -8.932  1.199   16.243  1.00 25.49 ? 8   GLU A CB  1 
ATOM   72   C CG  . GLU A 1 8   ? -7.624  0.476   16.492  1.00 29.96 ? 8   GLU A CG  1 
ATOM   73   C CD  . GLU A 1 8   ? -7.454  -0.001  17.922  1.00 35.04 ? 8   GLU A CD  1 
ATOM   74   O OE1 . GLU A 1 8   ? -8.489  -0.221  18.601  1.00 37.47 ? 8   GLU A OE1 1 
ATOM   75   O OE2 . GLU A 1 8   ? -6.276  -0.156  18.347  1.00 37.89 ? 8   GLU A OE2 1 
ATOM   76   N N   . GLU A 1 9   ? -10.730 3.370   14.502  1.00 23.30 ? 9   GLU A N   1 
ATOM   77   C CA  . GLU A 1 9   ? -12.037 3.907   14.146  1.00 24.45 ? 9   GLU A CA  1 
ATOM   78   C C   . GLU A 1 9   ? -12.348 3.752   12.655  1.00 23.34 ? 9   GLU A C   1 
ATOM   79   O O   . GLU A 1 9   ? -13.512 3.824   12.249  1.00 23.49 ? 9   GLU A O   1 
ATOM   80   C CB  . GLU A 1 9   ? -12.121 5.387   14.553  1.00 24.96 ? 9   GLU A CB  1 
ATOM   81   C CG  . GLU A 1 9   ? -12.276 5.625   16.061  1.00 28.95 ? 9   GLU A CG  1 
ATOM   82   C CD  . GLU A 1 9   ? -11.010 5.353   16.904  1.00 34.81 ? 9   GLU A CD  1 
ATOM   83   O OE1 . GLU A 1 9   ? -9.861  5.428   16.387  1.00 35.54 ? 9   GLU A OE1 1 
ATOM   84   O OE2 . GLU A 1 9   ? -11.166 5.057   18.121  1.00 39.43 ? 9   GLU A OE2 1 
ATOM   85   N N   . ASP A 1 10  ? -11.300 3.526   11.860  1.00 22.30 ? 10  ASP A N   1 
ATOM   86   C CA  . ASP A 1 10  ? -11.398 3.381   10.421  1.00 21.67 ? 10  ASP A CA  1 
ATOM   87   C C   . ASP A 1 10  ? -11.556 1.949   9.934   1.00 21.62 ? 10  ASP A C   1 
ATOM   88   O O   . ASP A 1 10  ? -11.546 1.697   8.732   1.00 21.25 ? 10  ASP A O   1 
ATOM   89   C CB  . ASP A 1 10  ? -10.130 3.935   9.787   1.00 20.85 ? 10  ASP A CB  1 
ATOM   90   C CG  . ASP A 1 10  ? -9.999  5.418   9.956   1.00 23.23 ? 10  ASP A CG  1 
ATOM   91   O OD1 . ASP A 1 10  ? -10.985 6.159   9.716   1.00 22.23 ? 10  ASP A OD1 1 
ATOM   92   O OD2 . ASP A 1 10  ? -8.937  5.938   10.315  1.00 22.30 ? 10  ASP A OD2 1 
ATOM   93   N N   . LEU A 1 11  ? -11.700 1.006   10.848  1.00 22.28 ? 11  LEU A N   1 
ATOM   94   C CA  . LEU A 1 11  ? -11.807 -0.392  10.442  1.00 23.11 ? 11  LEU A CA  1 
ATOM   95   C C   . LEU A 1 11  ? -12.914 -0.638  9.363   1.00 23.04 ? 11  LEU A C   1 
ATOM   96   O O   . LEU A 1 11  ? -12.646 -1.230  8.317   1.00 22.70 ? 11  LEU A O   1 
ATOM   97   C CB  . LEU A 1 11  ? -11.973 -1.276  11.686  1.00 23.93 ? 11  LEU A CB  1 
ATOM   98   C CG  . LEU A 1 11  ? -12.017 -2.781  11.444  1.00 25.26 ? 11  LEU A CG  1 
ATOM   99   C CD1 . LEU A 1 11  ? -10.750 -3.285  10.800  1.00 25.06 ? 11  LEU A CD1 1 
ATOM   100  C CD2 . LEU A 1 11  ? -12.298 -3.482  12.769  1.00 28.08 ? 11  LEU A CD2 1 
ATOM   101  N N   . ASP A 1 12  ? -14.129 -0.137  9.591   1.00 23.74 ? 12  ASP A N   1 
ATOM   102  C CA  . ASP A 1 12  ? -15.212 -0.246  8.605   1.00 24.52 ? 12  ASP A CA  1 
ATOM   103  C C   . ASP A 1 12  ? -14.927 0.384   7.246   1.00 24.61 ? 12  ASP A C   1 
ATOM   104  O O   . ASP A 1 12  ? -15.261 -0.194  6.220   1.00 23.54 ? 12  ASP A O   1 
ATOM   105  C CB  . ASP A 1 12  ? -16.503 0.349   9.177   1.00 25.85 ? 12  ASP A CB  1 
ATOM   106  C CG  . ASP A 1 12  ? -17.076 -0.491  10.283  1.00 28.22 ? 12  ASP A CG  1 
ATOM   107  O OD1 . ASP A 1 12  ? -16.616 -1.631  10.427  1.00 33.17 ? 12  ASP A OD1 1 
ATOM   108  O OD2 . ASP A 1 12  ? -18.006 -0.108  11.033  1.00 34.58 ? 12  ASP A OD2 1 
ATOM   109  N N   . ARG A 1 13  ? -14.327 1.570   7.252   1.00 24.38 ? 13  ARG A N   1 
ATOM   110  C CA  . ARG A 1 13  ? -13.924 2.259   6.037   1.00 24.69 ? 13  ARG A CA  1 
ATOM   111  C C   . ARG A 1 13  ? -12.939 1.420   5.242   1.00 24.34 ? 13  ARG A C   1 
ATOM   112  O O   . ARG A 1 13  ? -13.071 1.304   4.024   1.00 24.34 ? 13  ARG A O   1 
ATOM   113  C CB  . ARG A 1 13  ? -13.239 3.584   6.371   1.00 25.26 ? 13  ARG A CB  1 
ATOM   114  C CG  . ARG A 1 13  ? -14.130 4.679   6.879   1.00 28.33 ? 13  ARG A CG  1 
ATOM   115  C CD  . ARG A 1 13  ? -13.321 5.934   7.135   1.00 31.18 ? 13  ARG A CD  1 
ATOM   116  N NE  . ARG A 1 13  ? -14.119 7.106   7.473   1.00 35.64 ? 13  ARG A NE  1 
ATOM   117  C CZ  . ARG A 1 13  ? -14.500 7.423   8.692   1.00 39.17 ? 13  ARG A CZ  1 
ATOM   118  N NH1 . ARG A 1 13  ? -14.201 6.637   9.723   1.00 41.01 ? 13  ARG A NH1 1 
ATOM   119  N NH2 . ARG A 1 13  ? -15.217 8.530   8.880   1.00 40.73 ? 13  ARG A NH2 1 
ATOM   120  N N   . LEU A 1 14  ? -11.937 0.846   5.922   1.00 24.13 ? 14  LEU A N   1 
ATOM   121  C CA  . LEU A 1 14  ? -10.980 -0.013  5.235   1.00 24.64 ? 14  LEU A CA  1 
ATOM   122  C C   . LEU A 1 14  ? -11.693 -1.202  4.597   1.00 24.13 ? 14  LEU A C   1 
ATOM   123  O O   . LEU A 1 14  ? -11.448 -1.528  3.455   1.00 24.36 ? 14  LEU A O   1 
ATOM   124  C CB  . LEU A 1 14  ? -9.897  -0.521  6.178   1.00 24.80 ? 14  LEU A CB  1 
ATOM   125  C CG  . LEU A 1 14  ? -8.897  0.521   6.699   1.00 27.24 ? 14  LEU A CG  1 
ATOM   126  C CD1 . LEU A 1 14  ? -7.801  -0.213  7.501   1.00 30.64 ? 14  LEU A CD1 1 
ATOM   127  C CD2 . LEU A 1 14  ? -8.281  1.262   5.572   1.00 26.73 ? 14  LEU A CD2 1 
ATOM   128  N N   . ASN A 1 15  ? -12.601 -1.807  5.344   1.00 23.97 ? 15  ASN A N   1 
ATOM   129  C CA  . ASN A 1 15  ? -13.250 -3.022  4.886   1.00 24.66 ? 15  ASN A CA  1 
ATOM   130  C C   . ASN A 1 15  ? -14.256 -2.726  3.794   1.00 25.06 ? 15  ASN A C   1 
ATOM   131  O O   . ASN A 1 15  ? -14.524 -3.566  2.940   1.00 24.74 ? 15  ASN A O   1 
ATOM   132  C CB  . ASN A 1 15  ? -13.826 -3.763  6.080   1.00 24.52 ? 15  ASN A CB  1 
ATOM   133  C CG  . ASN A 1 15  ? -12.773 -4.581  6.778   1.00 26.42 ? 15  ASN A CG  1 
ATOM   134  O OD1 . ASN A 1 15  ? -12.295 -5.559  6.219   1.00 29.46 ? 15  ASN A OD1 1 
ATOM   135  N ND2 . ASN A 1 15  ? -12.363 -4.164  7.973   1.00 26.56 ? 15  ASN A ND2 1 
ATOM   136  N N   . ARG A 1 16  ? -14.776 -1.504  3.763   1.00 25.61 ? 16  ARG A N   1 
ATOM   137  C CA  . ARG A 1 16  ? -15.603 -1.090  2.626   1.00 25.85 ? 16  ARG A CA  1 
ATOM   138  C C   . ARG A 1 16  ? -14.799 -1.110  1.318   1.00 24.69 ? 16  ARG A C   1 
ATOM   139  O O   . ARG A 1 16  ? -15.376 -1.271  0.237   1.00 24.83 ? 16  ARG A O   1 
ATOM   140  C CB  . ARG A 1 16  ? -16.202 0.309   2.853   1.00 27.11 ? 16  ARG A CB  1 
ATOM   141  C CG  . ARG A 1 16  ? -17.544 0.288   3.556   1.00 31.80 ? 16  ARG A CG  1 
ATOM   142  C CD  . ARG A 1 16  ? -18.010 1.682   3.970   1.00 36.13 ? 16  ARG A CD  1 
ATOM   143  N NE  . ARG A 1 16  ? -18.360 2.472   2.792   1.00 40.77 ? 16  ARG A NE  1 
ATOM   144  C CZ  . ARG A 1 16  ? -18.547 3.794   2.779   1.00 42.69 ? 16  ARG A CZ  1 
ATOM   145  N NH1 . ARG A 1 16  ? -18.396 4.517   3.895   1.00 43.36 ? 16  ARG A NH1 1 
ATOM   146  N NH2 . ARG A 1 16  ? -18.873 4.394   1.632   1.00 42.85 ? 16  ARG A NH2 1 
ATOM   147  N N   . LEU A 1 17  ? -13.476 -0.936  1.420   1.00 23.02 ? 17  LEU A N   1 
ATOM   148  C CA  . LEU A 1 17  ? -12.559 -0.985  0.280   1.00 22.83 ? 17  LEU A CA  1 
ATOM   149  C C   . LEU A 1 17  ? -11.888 -2.337  0.052   1.00 22.46 ? 17  LEU A C   1 
ATOM   150  O O   . LEU A 1 17  ? -11.173 -2.507  -0.931  1.00 23.11 ? 17  LEU A O   1 
ATOM   151  C CB  . LEU A 1 17  ? -11.436 0.046   0.466   1.00 22.77 ? 17  LEU A CB  1 
ATOM   152  C CG  . LEU A 1 17  ? -11.902 1.498   0.531   1.00 24.92 ? 17  LEU A CG  1 
ATOM   153  C CD1 . LEU A 1 17  ? -10.882 2.334   1.296   1.00 24.80 ? 17  LEU A CD1 1 
ATOM   154  C CD2 . LEU A 1 17  ? -12.189 2.045   -0.866  1.00 26.53 ? 17  LEU A CD2 1 
ATOM   155  N N   . ALA A 1 18  ? -12.084 -3.280  0.970   1.00 21.69 ? 18  ALA A N   1 
ATOM   156  C CA  . ALA A 1 18  ? -11.281 -4.505  1.018   1.00 21.37 ? 18  ALA A CA  1 
ATOM   157  C C   . ALA A 1 18  ? -11.876 -5.703  0.238   1.00 21.20 ? 18  ALA A C   1 
ATOM   158  O O   . ALA A 1 18  ? -11.271 -6.772  0.194   1.00 21.34 ? 18  ALA A O   1 
ATOM   159  C CB  . ALA A 1 18  ? -11.060 -4.907  2.464   1.00 22.09 ? 18  ALA A CB  1 
ATOM   160  N N   . GLY A 1 19  ? -13.043 -5.508  -0.368  1.00 22.08 ? 19  GLY A N   1 
ATOM   161  C CA  . GLY A 1 19  ? -13.654 -6.515  -1.198  1.00 21.77 ? 19  GLY A CA  1 
ATOM   162  C C   . GLY A 1 19  ? -13.856 -7.828  -0.429  1.00 22.35 ? 19  GLY A C   1 
ATOM   163  O O   . GLY A 1 19  ? -14.424 -7.834  0.674   1.00 21.57 ? 19  GLY A O   1 
ATOM   164  N N   . LYS A 1 20  ? -13.376 -8.923  -1.009  1.00 22.14 ? 20  LYS A N   1 
ATOM   165  C CA  . LYS A 1 20  ? -13.569 -10.249 -0.431  1.00 22.67 ? 20  LYS A CA  1 
ATOM   166  C C   . LYS A 1 20  ? -12.404 -10.681 0.430   1.00 22.83 ? 20  LYS A C   1 
ATOM   167  O O   . LYS A 1 20  ? -12.294 -11.855 0.776   1.00 22.13 ? 20  LYS A O   1 
ATOM   168  C CB  . LYS A 1 20  ? -13.821 -11.264 -1.543  1.00 22.53 ? 20  LYS A CB  1 
ATOM   169  C CG  . LYS A 1 20  ? -15.110 -11.008 -2.288  1.00 25.18 ? 20  LYS A CG  1 
ATOM   170  C CD  . LYS A 1 20  ? -15.264 -11.936 -3.471  1.00 27.12 ? 20  LYS A CD  1 
ATOM   171  C CE  . LYS A 1 20  ? -16.485 -11.584 -4.257  1.00 28.83 ? 20  LYS A CE  1 
ATOM   172  N NZ  . LYS A 1 20  ? -16.752 -12.557 -5.364  1.00 32.86 ? 20  LYS A NZ  1 
ATOM   173  N N   . ARG A 1 21  ? -11.501 -9.754  0.739   1.00 23.56 ? 21  ARG A N   1 
ATOM   174  C CA  . ARG A 1 21  ? -10.333 -10.034 1.573   1.00 24.76 ? 21  ARG A CA  1 
ATOM   175  C C   . ARG A 1 21  ? -10.265 -9.001  2.698   1.00 24.75 ? 21  ARG A C   1 
ATOM   176  O O   . ARG A 1 21  ? -9.626  -7.950  2.586   1.00 24.35 ? 21  ARG A O   1 
ATOM   177  C CB  . ARG A 1 21  ? -9.047  -10.041 0.743   1.00 25.85 ? 21  ARG A CB  1 
ATOM   178  C CG  . ARG A 1 21  ? -8.981  -11.157 -0.269  1.00 30.13 ? 21  ARG A CG  1 
ATOM   179  C CD  . ARG A 1 21  ? -7.898  -10.965 -1.321  1.00 37.81 ? 21  ARG A CD  1 
ATOM   180  N NE  . ARG A 1 21  ? -6.640  -10.486 -0.738  1.00 43.34 ? 21  ARG A NE  1 
ATOM   181  C CZ  . ARG A 1 21  ? -5.848  -9.537  -1.261  1.00 47.04 ? 21  ARG A CZ  1 
ATOM   182  N NH1 . ARG A 1 21  ? -6.169  -8.926  -2.414  1.00 47.82 ? 21  ARG A NH1 1 
ATOM   183  N NH2 . ARG A 1 21  ? -4.718  -9.208  -0.623  1.00 48.29 ? 21  ARG A NH2 1 
ATOM   184  N N   . PRO A 1 22  ? -10.929 -9.315  3.796   1.00 25.38 ? 22  PRO A N   1 
ATOM   185  C CA  . PRO A 1 22  ? -11.090 -8.355  4.886   1.00 25.36 ? 22  PRO A CA  1 
ATOM   186  C C   . PRO A 1 22  ? -9.781  -8.056  5.612   1.00 24.50 ? 22  PRO A C   1 
ATOM   187  O O   . PRO A 1 22  ? -8.840  -8.855  5.641   1.00 24.46 ? 22  PRO A O   1 
ATOM   188  C CB  . PRO A 1 22  ? -12.107 -9.033  5.826   1.00 25.66 ? 22  PRO A CB  1 
ATOM   189  C CG  . PRO A 1 22  ? -12.144 -10.463 5.448   1.00 27.44 ? 22  PRO A CG  1 
ATOM   190  C CD  . PRO A 1 22  ? -11.576 -10.610 4.077   1.00 25.91 ? 22  PRO A CD  1 
ATOM   191  N N   . VAL A 1 23  ? -9.740  -6.865  6.180   1.00 24.63 ? 23  VAL A N   1 
ATOM   192  C CA  . VAL A 1 23  ? -8.653  -6.419  7.036   1.00 24.58 ? 23  VAL A CA  1 
ATOM   193  C C   . VAL A 1 23  ? -9.121  -6.621  8.459   1.00 24.00 ? 23  VAL A C   1 
ATOM   194  O O   . VAL A 1 23  ? -10.184 -6.115  8.861   1.00 23.81 ? 23  VAL A O   1 
ATOM   195  C CB  . VAL A 1 23  ? -8.347  -4.896  6.802   1.00 25.33 ? 23  VAL A CB  1 
ATOM   196  C CG1 . VAL A 1 23  ? -7.163  -4.443  7.655   1.00 26.51 ? 23  VAL A CG1 1 
ATOM   197  C CG2 . VAL A 1 23  ? -8.097  -4.628  5.332   1.00 24.84 ? 23  VAL A CG2 1 
ATOM   198  N N   . SER A 1 24  ? -8.357  -7.382  9.231   1.00 23.16 ? 24  SER A N   1 
ATOM   199  C CA  . SER A 1 24  ? -8.688  -7.563  10.636  1.00 23.18 ? 24  SER A CA  1 
ATOM   200  C C   . SER A 1 24  ? -8.245  -6.353  11.452  1.00 22.93 ? 24  SER A C   1 
ATOM   201  O O   . SER A 1 24  ? -7.412  -5.552  11.016  1.00 22.61 ? 24  SER A O   1 
ATOM   202  C CB  . SER A 1 24  ? -8.016  -8.828  11.196  1.00 23.45 ? 24  SER A CB  1 
ATOM   203  O OG  . SER A 1 24  ? -6.590  -8.652  11.228  1.00 21.70 ? 24  SER A OG  1 
ATOM   204  N N   . LEU A 1 25  ? -8.792  -6.248  12.651  1.00 22.43 ? 25  LEU A N   1 
ATOM   205  C CA  . LEU A 1 25  ? -8.354  -5.255  13.606  1.00 23.21 ? 25  LEU A CA  1 
ATOM   206  C C   . LEU A 1 25  ? -6.878  -5.416  13.916  1.00 23.09 ? 25  LEU A C   1 
ATOM   207  O O   . LEU A 1 25  ? -6.182  -4.420  14.052  1.00 22.47 ? 25  LEU A O   1 
ATOM   208  C CB  . LEU A 1 25  ? -9.134  -5.364  14.919  1.00 23.48 ? 25  LEU A CB  1 
ATOM   209  C CG  . LEU A 1 25  ? -8.856  -4.325  15.999  1.00 25.14 ? 25  LEU A CG  1 
ATOM   210  C CD1 . LEU A 1 25  ? -9.044  -2.921  15.462  1.00 26.33 ? 25  LEU A CD1 1 
ATOM   211  C CD2 . LEU A 1 25  ? -9.775  -4.563  17.187  1.00 29.24 ? 25  LEU A CD2 1 
ATOM   212  N N   . GLY A 1 26  ? -6.420  -6.671  14.024  1.00 23.16 ? 26  GLY A N   1 
ATOM   213  C CA  . GLY A 1 26  ? -5.015  -6.936  14.281  1.00 23.56 ? 26  GLY A CA  1 
ATOM   214  C C   . GLY A 1 26  ? -4.129  -6.403  13.173  1.00 22.88 ? 26  GLY A C   1 
ATOM   215  O O   . GLY A 1 26  ? -3.082  -5.795  13.430  1.00 22.32 ? 26  GLY A O   1 
ATOM   216  N N   . ALA A 1 27  ? -4.554  -6.629  11.935  1.00 22.16 ? 27  ALA A N   1 
ATOM   217  C CA  . ALA A 1 27  ? -3.826  -6.131  10.770  1.00 22.04 ? 27  ALA A CA  1 
ATOM   218  C C   . ALA A 1 27  ? -3.838  -4.601  10.729  1.00 21.47 ? 27  ALA A C   1 
ATOM   219  O O   . ALA A 1 27  ? -2.807  -3.992  10.530  1.00 21.90 ? 27  ALA A O   1 
ATOM   220  C CB  . ALA A 1 27  ? -4.398  -6.704  9.487   1.00 21.84 ? 27  ALA A CB  1 
ATOM   221  N N   . LEU A 1 28  ? -4.991  -4.001  10.987  1.00 21.49 ? 28  LEU A N   1 
ATOM   222  C CA  . LEU A 1 28  ? -5.105  -2.549  11.015  1.00 21.43 ? 28  LEU A CA  1 
ATOM   223  C C   . LEU A 1 28  ? -4.129  -1.966  12.041  1.00 21.94 ? 28  LEU A C   1 
ATOM   224  O O   . LEU A 1 28  ? -3.375  -1.046  11.734  1.00 20.82 ? 28  LEU A O   1 
ATOM   225  C CB  . LEU A 1 28  ? -6.547  -2.131  11.349  1.00 21.50 ? 28  LEU A CB  1 
ATOM   226  C CG  . LEU A 1 28  ? -6.852  -0.619  11.400  1.00 22.81 ? 28  LEU A CG  1 
ATOM   227  C CD1 . LEU A 1 28  ? -8.352  -0.381  11.222  1.00 24.55 ? 28  LEU A CD1 1 
ATOM   228  C CD2 . LEU A 1 28  ? -6.412  0.024   12.705  1.00 22.77 ? 28  LEU A CD2 1 
ATOM   229  N N   . ARG A 1 29  ? -4.108  -2.541  13.245  1.00 22.21 ? 29  ARG A N   1 
ATOM   230  C CA  . ARG A 1 29  ? -3.244  -2.059  14.319  1.00 23.51 ? 29  ARG A CA  1 
ATOM   231  C C   . ARG A 1 29  ? -1.755  -2.129  13.969  1.00 22.69 ? 29  ARG A C   1 
ATOM   232  O O   . ARG A 1 29  ? -1.000  -1.178  14.200  1.00 23.27 ? 29  ARG A O   1 
ATOM   233  C CB  . ARG A 1 29  ? -3.514  -2.837  15.610  1.00 24.39 ? 29  ARG A CB  1 
ATOM   234  C CG  . ARG A 1 29  ? -4.749  -2.390  16.350  1.00 27.16 ? 29  ARG A CG  1 
ATOM   235  C CD  . ARG A 1 29  ? -5.134  -3.327  17.489  1.00 31.17 ? 29  ARG A CD  1 
ATOM   236  N NE  . ARG A 1 29  ? -6.308  -2.833  18.197  1.00 34.55 ? 29  ARG A NE  1 
ATOM   237  C CZ  . ARG A 1 29  ? -6.892  -3.462  19.220  1.00 36.35 ? 29  ARG A CZ  1 
ATOM   238  N NH1 . ARG A 1 29  ? -6.438  -4.634  19.637  1.00 37.36 ? 29  ARG A NH1 1 
ATOM   239  N NH2 . ARG A 1 29  ? -7.949  -2.923  19.810  1.00 37.06 ? 29  ARG A NH2 1 
ATOM   240  N N   . PHE A 1 30  ? -1.348  -3.249  13.399  1.00 23.13 ? 30  PHE A N   1 
ATOM   241  C CA  . PHE A 1 30  ? 0.016   -3.442  12.954  1.00 22.87 ? 30  PHE A CA  1 
ATOM   242  C C   . PHE A 1 30  ? 0.413   -2.441  11.876  1.00 21.55 ? 30  PHE A C   1 
ATOM   243  O O   . PHE A 1 30  ? 1.457   -1.788  11.964  1.00 21.98 ? 30  PHE A O   1 
ATOM   244  C CB  . PHE A 1 30  ? 0.170   -4.848  12.421  1.00 22.67 ? 30  PHE A CB  1 
ATOM   245  C CG  . PHE A 1 30  ? 1.503   -5.113  11.811  1.00 23.21 ? 30  PHE A CG  1 
ATOM   246  C CD1 . PHE A 1 30  ? 1.699   -5.016  10.431  1.00 22.14 ? 30  PHE A CD1 1 
ATOM   247  C CD2 . PHE A 1 30  ? 2.573   -5.466  12.612  1.00 27.05 ? 30  PHE A CD2 1 
ATOM   248  C CE1 . PHE A 1 30  ? 2.941   -5.281  9.871   1.00 24.74 ? 30  PHE A CE1 1 
ATOM   249  C CE2 . PHE A 1 30  ? 3.834   -5.739  12.035  1.00 28.18 ? 30  PHE A CE2 1 
ATOM   250  C CZ  . PHE A 1 30  ? 4.001   -5.628  10.668  1.00 25.44 ? 30  PHE A CZ  1 
ATOM   251  N N   . PHE A 1 31  ? -0.413  -2.311  10.850  1.00 21.14 ? 31  PHE A N   1 
ATOM   252  C CA  . PHE A 1 31  ? -0.105  -1.380  9.766   1.00 20.40 ? 31  PHE A CA  1 
ATOM   253  C C   . PHE A 1 31  ? -0.192  0.089   10.192  1.00 21.57 ? 31  PHE A C   1 
ATOM   254  O O   . PHE A 1 31  ? 0.553   0.924   9.699   1.00 20.78 ? 31  PHE A O   1 
ATOM   255  C CB  . PHE A 1 31  ? -0.902  -1.700  8.492   1.00 19.90 ? 31  PHE A CB  1 
ATOM   256  C CG  . PHE A 1 31  ? -0.391  -2.941  7.783   1.00 20.80 ? 31  PHE A CG  1 
ATOM   257  C CD1 . PHE A 1 31  ? 0.862   -2.933  7.140   1.00 20.40 ? 31  PHE A CD1 1 
ATOM   258  C CD2 . PHE A 1 31  ? -1.123  -4.115  7.768   1.00 19.91 ? 31  PHE A CD2 1 
ATOM   259  C CE1 . PHE A 1 31  ? 1.330   -4.056  6.522   1.00 21.14 ? 31  PHE A CE1 1 
ATOM   260  C CE2 . PHE A 1 31  ? -0.629  -5.267  7.147   1.00 22.14 ? 31  PHE A CE2 1 
ATOM   261  C CZ  . PHE A 1 31  ? 0.604   -5.242  6.533   1.00 22.06 ? 31  PHE A CZ  1 
ATOM   262  N N   . ALA A 1 32  ? -1.079  0.410   11.143  1.00 21.79 ? 32  ALA A N   1 
ATOM   263  C CA  . ALA A 1 32  ? -1.115  1.765   11.696  1.00 22.48 ? 32  ALA A CA  1 
ATOM   264  C C   . ALA A 1 32  ? 0.213   2.111   12.373  1.00 22.64 ? 32  ALA A C   1 
ATOM   265  O O   . ALA A 1 32  ? 0.610   3.267   12.356  1.00 23.41 ? 32  ALA A O   1 
ATOM   266  C CB  . ALA A 1 32  ? -2.267  1.932   12.695  1.00 22.52 ? 32  ALA A CB  1 
ATOM   267  N N   . ARG A 1 33  ? 0.872   1.127   12.966  1.00 23.48 ? 33  ARG A N   1 
ATOM   268  C CA  . ARG A 1 33  ? 2.113   1.357   13.724  1.00 25.29 ? 33  ARG A CA  1 
ATOM   269  C C   . ARG A 1 33  ? 3.326   1.533   12.788  1.00 24.05 ? 33  ARG A C   1 
ATOM   270  O O   . ARG A 1 33  ? 4.346   2.050   13.232  1.00 23.89 ? 33  ARG A O   1 
ATOM   271  C CB  . ARG A 1 33  ? 2.418   0.189   14.690  1.00 25.77 ? 33  ARG A CB  1 
ATOM   272  C CG  . ARG A 1 33  ? 1.704   0.202   16.053  1.00 33.23 ? 33  ARG A CG  1 
ATOM   273  C CD  . ARG A 1 33  ? 2.159   -0.953  16.964  1.00 39.52 ? 33  ARG A CD  1 
ATOM   274  N NE  . ARG A 1 33  ? 1.311   -2.163  16.831  1.00 45.70 ? 33  ARG A NE  1 
ATOM   275  C CZ  . ARG A 1 33  ? 1.699   -3.364  16.361  1.00 47.23 ? 33  ARG A CZ  1 
ATOM   276  N NH1 . ARG A 1 33  ? 2.945   -3.591  15.917  1.00 49.87 ? 33  ARG A NH1 1 
ATOM   277  N NH2 . ARG A 1 33  ? 0.803   -4.354  16.316  1.00 47.43 ? 33  ARG A NH2 1 
ATOM   278  N N   . THR A 1 34  ? 3.235   1.136   11.518  1.00 22.78 ? 34  THR A N   1 
ATOM   279  C CA  . THR A 1 34  ? 4.434   1.161   10.640  1.00 22.25 ? 34  THR A CA  1 
ATOM   280  C C   . THR A 1 34  ? 4.905   2.552   10.326  1.00 21.72 ? 34  THR A C   1 
ATOM   281  O O   . THR A 1 34  ? 6.102   2.775   10.107  1.00 22.48 ? 34  THR A O   1 
ATOM   282  C CB  . THR A 1 34  ? 4.216   0.460   9.284   1.00 21.96 ? 34  THR A CB  1 
ATOM   283  O OG1 . THR A 1 34  ? 3.127   1.088   8.593   1.00 21.33 ? 34  THR A OG1 1 
ATOM   284  C CG2 . THR A 1 34  ? 3.833   -1.017  9.438   1.00 23.20 ? 34  THR A CG2 1 
ATOM   285  N N   . GLY A 1 35  ? 3.968   3.492   10.269  1.00 22.09 ? 35  GLY A N   1 
ATOM   286  C CA  . GLY A 1 35  ? 4.214   4.822   9.705   1.00 21.46 ? 35  GLY A CA  1 
ATOM   287  C C   . GLY A 1 35  ? 4.292   4.896   8.189   1.00 21.75 ? 35  GLY A C   1 
ATOM   288  O O   . GLY A 1 35  ? 4.636   5.923   7.648   1.00 22.28 ? 35  GLY A O   1 
ATOM   289  N N   . HIS A 1 36  ? 3.939   3.808   7.513   1.00 20.60 ? 36  HIS A N   1 
ATOM   290  C CA  . HIS A 1 36  ? 3.996   3.680   6.062   1.00 18.93 ? 36  HIS A CA  1 
ATOM   291  C C   . HIS A 1 36  ? 2.648   3.360   5.411   1.00 18.81 ? 36  HIS A C   1 
ATOM   292  O O   . HIS A 1 36  ? 2.575   3.199   4.206   1.00 18.57 ? 36  HIS A O   1 
ATOM   293  C CB  . HIS A 1 36  ? 5.022   2.607   5.674   1.00 19.08 ? 36  HIS A CB  1 
ATOM   294  C CG  . HIS A 1 36  ? 6.419   2.934   6.110   1.00 19.48 ? 36  HIS A CG  1 
ATOM   295  N ND1 . HIS A 1 36  ? 7.070   4.077   5.682   1.00 19.89 ? 36  HIS A ND1 1 
ATOM   296  C CD2 . HIS A 1 36  ? 7.256   2.323   6.981   1.00 21.99 ? 36  HIS A CD2 1 
ATOM   297  C CE1 . HIS A 1 36  ? 8.271   4.117   6.236   1.00 20.75 ? 36  HIS A CE1 1 
ATOM   298  N NE2 . HIS A 1 36  ? 8.403   3.075   7.042   1.00 20.37 ? 36  HIS A NE2 1 
ATOM   299  N N   . SER A 1 37  ? 1.586   3.294   6.208   1.00 19.15 ? 37  SER A N   1 
ATOM   300  C CA  . SER A 1 37  ? 0.266   2.850   5.729   1.00 18.99 ? 37  SER A CA  1 
ATOM   301  C C   . SER A 1 37  ? -0.730  4.018   5.800   1.00 20.12 ? 37  SER A C   1 
ATOM   302  O O   . SER A 1 37  ? -0.697  4.829   6.734   1.00 20.06 ? 37  SER A O   1 
ATOM   303  C CB  . SER A 1 37  ? -0.212  1.671   6.570   1.00 18.43 ? 37  SER A CB  1 
ATOM   304  O OG  . SER A 1 37  ? 0.704   0.595   6.467   1.00 18.23 ? 37  SER A OG  1 
ATOM   305  N N   . PHE A 1 38  ? -1.594  4.099   4.789   1.00 19.65 ? 38  PHE A N   1 
ATOM   306  C CA  . PHE A 1 38  ? -2.476  5.241   4.592   1.00 20.15 ? 38  PHE A CA  1 
ATOM   307  C C   . PHE A 1 38  ? -3.864  4.868   4.118   1.00 20.20 ? 38  PHE A C   1 
ATOM   308  O O   . PHE A 1 38  ? -4.066  3.828   3.512   1.00 19.42 ? 38  PHE A O   1 
ATOM   309  C CB  . PHE A 1 38  ? -1.821  6.226   3.605   1.00 20.55 ? 38  PHE A CB  1 
ATOM   310  C CG  . PHE A 1 38  ? -0.536  6.749   4.093   1.00 20.28 ? 38  PHE A CG  1 
ATOM   311  C CD1 . PHE A 1 38  ? 0.640   6.096   3.809   1.00 18.32 ? 38  PHE A CD1 1 
ATOM   312  C CD2 . PHE A 1 38  ? -0.514  7.860   4.939   1.00 21.06 ? 38  PHE A CD2 1 
ATOM   313  C CE1 . PHE A 1 38  ? 1.809   6.528   4.326   1.00 20.27 ? 38  PHE A CE1 1 
ATOM   314  C CE2 . PHE A 1 38  ? 0.688   8.336   5.457   1.00 23.50 ? 38  PHE A CE2 1 
ATOM   315  C CZ  . PHE A 1 38  ? 1.852   7.678   5.131   1.00 23.21 ? 38  PHE A CZ  1 
ATOM   316  N N   . LEU A 1 39  ? -4.804  5.774   4.389   1.00 19.85 ? 39  LEU A N   1 
ATOM   317  C CA  . LEU A 1 39  ? -6.166  5.746   3.876   1.00 20.75 ? 39  LEU A CA  1 
ATOM   318  C C   . LEU A 1 39  ? -6.363  6.959   2.972   1.00 20.95 ? 39  LEU A C   1 
ATOM   319  O O   . LEU A 1 39  ? -5.884  8.057   3.296   1.00 20.85 ? 39  LEU A O   1 
ATOM   320  C CB  . LEU A 1 39  ? -7.142  5.824   5.060   1.00 21.09 ? 39  LEU A CB  1 
ATOM   321  C CG  . LEU A 1 39  ? -8.659  5.891   4.809   1.00 23.71 ? 39  LEU A CG  1 
ATOM   322  C CD1 . LEU A 1 39  ? -9.181  4.566   4.234   1.00 25.59 ? 39  LEU A CD1 1 
ATOM   323  C CD2 . LEU A 1 39  ? -9.384  6.221   6.100   1.00 26.90 ? 39  LEU A CD2 1 
ATOM   324  N N   . ALA A 1 40  ? -7.032  6.729   1.838   1.00 20.30 ? 40  ALA A N   1 
ATOM   325  C CA  . ALA A 1 40  ? -7.477  7.773   0.930   1.00 20.91 ? 40  ALA A CA  1 
ATOM   326  C C   . ALA A 1 40  ? -8.977  7.981   1.118   1.00 21.51 ? 40  ALA A C   1 
ATOM   327  O O   . ALA A 1 40  ? -9.720  7.012   1.236   1.00 21.28 ? 40  ALA A O   1 
ATOM   328  C CB  . ALA A 1 40  ? -7.227  7.361   -0.498  1.00 20.69 ? 40  ALA A CB  1 
ATOM   329  N N   . GLU A 1 41  ? -9.405  9.235   1.112   1.00 23.16 ? 41  GLU A N   1 
ATOM   330  C CA  . GLU A 1 41  ? -10.802 9.617   1.333   1.00 25.77 ? 41  GLU A CA  1 
ATOM   331  C C   . GLU A 1 41  ? -11.154 10.771  0.423   1.00 27.60 ? 41  GLU A C   1 
ATOM   332  O O   . GLU A 1 41  ? -10.364 11.672  0.314   1.00 25.15 ? 41  GLU A O   1 
ATOM   333  C CB  . GLU A 1 41  ? -10.929 10.232  2.719   1.00 26.77 ? 41  GLU A CB  1 
ATOM   334  C CG  . GLU A 1 41  ? -11.081 9.264   3.824   1.00 29.40 ? 41  GLU A CG  1 
ATOM   335  C CD  . GLU A 1 41  ? -11.202 9.966   5.159   1.00 27.28 ? 41  GLU A CD  1 
ATOM   336  O OE1 . GLU A 1 41  ? -10.738 11.134  5.398   1.00 23.77 ? 41  GLU A OE1 1 
ATOM   337  O OE2 . GLU A 1 41  ? -11.760 9.305   6.011   1.00 27.83 ? 41  GLU A OE2 1 
ATOM   338  N N   . GLU A 1 42  ? -12.358 10.770  -0.153  1.00 30.48 ? 42  GLU A N   1 
ATOM   339  C CA  . GLU A 1 42  ? -12.917 11.927  -0.873  1.00 33.65 ? 42  GLU A CA  1 
ATOM   340  C C   . GLU A 1 42  ? -14.100 12.397  -0.064  1.00 34.90 ? 42  GLU A C   1 
ATOM   341  O O   . GLU A 1 42  ? -15.162 11.757  -0.061  1.00 34.17 ? 42  GLU A O   1 
ATOM   342  C CB  . GLU A 1 42  ? -13.382 11.528  -2.282  1.00 34.40 ? 42  GLU A CB  1 
ATOM   343  C CG  . GLU A 1 42  ? -13.825 12.690  -3.161  1.00 37.68 ? 42  GLU A CG  1 
ATOM   344  C CD  . GLU A 1 42  ? -12.642 13.461  -3.698  1.00 40.18 ? 42  GLU A CD  1 
ATOM   345  O OE1 . GLU A 1 42  ? -12.086 13.073  -4.753  1.00 43.01 ? 42  GLU A OE1 1 
ATOM   346  O OE2 . GLU A 1 42  ? -12.262 14.436  -3.048  1.00 42.78 ? 42  GLU A OE2 1 
ATOM   347  N N   . GLY A 1 43  ? -13.914 13.498  0.649   1.00 37.07 ? 43  GLY A N   1 
ATOM   348  C CA  . GLY A 1 43  ? -14.844 13.872  1.686   1.00 38.67 ? 43  GLY A CA  1 
ATOM   349  C C   . GLY A 1 43  ? -14.672 12.801  2.732   1.00 39.38 ? 43  GLY A C   1 
ATOM   350  O O   . GLY A 1 43  ? -13.562 12.598  3.223   1.00 41.11 ? 43  GLY A O   1 
ATOM   351  N N   . GLU A 1 44  ? -15.753 12.099  3.059   1.00 39.57 ? 44  GLU A N   1 
ATOM   352  C CA  . GLU A 1 44  ? -15.666 10.953  3.966   1.00 39.76 ? 44  GLU A CA  1 
ATOM   353  C C   . GLU A 1 44  ? -16.094 9.656   3.276   1.00 37.59 ? 44  GLU A C   1 
ATOM   354  O O   . GLU A 1 44  ? -16.343 8.652   3.932   1.00 39.47 ? 44  GLU A O   1 
ATOM   355  C CB  . GLU A 1 44  ? -16.439 11.226  5.281   1.00 40.61 ? 44  GLU A CB  1 
ATOM   356  C CG  . GLU A 1 44  ? -15.509 11.580  6.469   1.00 43.64 ? 44  GLU A CG  1 
ATOM   357  C CD  . GLU A 1 44  ? -16.175 12.452  7.543   1.00 47.41 ? 44  GLU A CD  1 
ATOM   358  O OE1 . GLU A 1 44  ? -15.591 12.627  8.655   1.00 49.27 ? 44  GLU A OE1 1 
ATOM   359  O OE2 . GLU A 1 44  ? -17.279 12.987  7.272   1.00 49.81 ? 44  GLU A OE2 1 
ATOM   360  N N   . GLU A 1 45  ? -16.163 9.680   1.949   1.00 34.93 ? 45  GLU A N   1 
ATOM   361  C CA  . GLU A 1 45  ? -16.236 8.471   1.149   1.00 33.13 ? 45  GLU A CA  1 
ATOM   362  C C   . GLU A 1 45  ? -14.827 7.860   1.179   1.00 30.88 ? 45  GLU A C   1 
ATOM   363  O O   . GLU A 1 45  ? -13.872 8.529   0.798   1.00 29.20 ? 45  GLU A O   1 
ATOM   364  C CB  . GLU A 1 45  ? -16.631 8.838   -0.285  1.00 33.66 ? 45  GLU A CB  1 
ATOM   365  C CG  . GLU A 1 45  ? -16.905 7.669   -1.219  1.00 36.10 ? 45  GLU A CG  1 
ATOM   366  C CD  . GLU A 1 45  ? -18.191 6.928   -0.877  1.00 39.12 ? 45  GLU A CD  1 
ATOM   367  O OE1 . GLU A 1 45  ? -19.011 7.455   -0.089  1.00 42.05 ? 45  GLU A OE1 1 
ATOM   368  O OE2 . GLU A 1 45  ? -18.387 5.810   -1.394  1.00 40.88 ? 45  GLU A OE2 1 
ATOM   369  N N   . PRO A 1 46  ? -14.665 6.638   1.681   1.00 28.19 ? 46  PRO A N   1 
ATOM   370  C CA  . PRO A 1 46  ? -13.363 5.979   1.566   1.00 26.69 ? 46  PRO A CA  1 
ATOM   371  C C   . PRO A 1 46  ? -13.038 5.720   0.092   1.00 25.16 ? 46  PRO A C   1 
ATOM   372  O O   . PRO A 1 46  ? -13.914 5.357   -0.678  1.00 23.45 ? 46  PRO A O   1 
ATOM   373  C CB  . PRO A 1 46  ? -13.541 4.655   2.326   1.00 27.10 ? 46  PRO A CB  1 
ATOM   374  C CG  . PRO A 1 46  ? -14.815 4.765   3.051   1.00 27.61 ? 46  PRO A CG  1 
ATOM   375  C CD  . PRO A 1 46  ? -15.647 5.821   2.416   1.00 28.37 ? 46  PRO A CD  1 
ATOM   376  N N   . MET A 1 47  ? -11.786 5.909   -0.297  1.00 23.20 ? 47  MET A N   1 
ATOM   377  C CA  . MET A 1 47  ? -11.420 5.767   -1.696  1.00 22.76 ? 47  MET A CA  1 
ATOM   378  C C   . MET A 1 47  ? -10.247 4.817   -1.934  1.00 21.54 ? 47  MET A C   1 
ATOM   379  O O   . MET A 1 47  ? -9.998  4.440   -3.073  1.00 20.65 ? 47  MET A O   1 
ATOM   380  C CB  . MET A 1 47  ? -11.103 7.139   -2.302  1.00 23.44 ? 47  MET A CB  1 
ATOM   381  C CG  . MET A 1 47  ? -12.348 8.025   -2.544  1.00 26.75 ? 47  MET A CG  1 
ATOM   382  S SD  . MET A 1 47  ? -13.489 7.290   -3.725  1.00 29.03 ? 47  MET A SD  1 
ATOM   383  C CE  . MET A 1 47  ? -12.609 7.555   -5.276  1.00 29.17 ? 47  MET A CE  1 
ATOM   384  N N   . GLY A 1 48  ? -9.525  4.440   -0.882  1.00 20.32 ? 48  GLY A N   1 
ATOM   385  C CA  . GLY A 1 48  ? -8.453  3.482   -1.034  1.00 20.73 ? 48  GLY A CA  1 
ATOM   386  C C   . GLY A 1 48  ? -7.653  3.342   0.235   1.00 20.74 ? 48  GLY A C   1 
ATOM   387  O O   . GLY A 1 48  ? -7.822  4.116   1.190   1.00 20.13 ? 48  GLY A O   1 
ATOM   388  N N   . PHE A 1 49  ? -6.760  2.368   0.242   1.00 20.42 ? 49  PHE A N   1 
ATOM   389  C CA  . PHE A 1 49  ? -5.802  2.260   1.336   1.00 20.73 ? 49  PHE A CA  1 
ATOM   390  C C   . PHE A 1 49  ? -4.552  1.546   0.868   1.00 20.47 ? 49  PHE A C   1 
ATOM   391  O O   . PHE A 1 49  ? -4.573  0.817   -0.119  1.00 19.85 ? 49  PHE A O   1 
ATOM   392  C CB  . PHE A 1 49  ? -6.429  1.546   2.556   1.00 20.38 ? 49  PHE A CB  1 
ATOM   393  C CG  . PHE A 1 49  ? -6.746  0.071   2.336   1.00 20.43 ? 49  PHE A CG  1 
ATOM   394  C CD1 . PHE A 1 49  ? -5.777  -0.908  2.487   1.00 21.08 ? 49  PHE A CD1 1 
ATOM   395  C CD2 . PHE A 1 49  ? -8.043  -0.325  2.058   1.00 22.15 ? 49  PHE A CD2 1 
ATOM   396  C CE1 . PHE A 1 49  ? -6.081  -2.232  2.287   1.00 22.06 ? 49  PHE A CE1 1 
ATOM   397  C CE2 . PHE A 1 49  ? -8.354  -1.663  1.860   1.00 21.98 ? 49  PHE A CE2 1 
ATOM   398  C CZ  . PHE A 1 49  ? -7.373  -2.610  1.990   1.00 21.70 ? 49  PHE A CZ  1 
ATOM   399  N N   . ALA A 1 50  ? -3.457  1.770   1.588   1.00 20.79 ? 50  ALA A N   1 
ATOM   400  C CA  . ALA A 1 50  ? -2.197  1.083   1.332   1.00 20.73 ? 50  ALA A CA  1 
ATOM   401  C C   . ALA A 1 50  ? -1.675  0.543   2.656   1.00 20.80 ? 50  ALA A C   1 
ATOM   402  O O   . ALA A 1 50  ? -1.578  1.284   3.624   1.00 20.18 ? 50  ALA A O   1 
ATOM   403  C CB  . ALA A 1 50  ? -1.173  2.017   0.709   1.00 21.33 ? 50  ALA A CB  1 
ATOM   404  N N   . LEU A 1 51  ? -1.378  -0.761  2.683   1.00 20.69 ? 51  LEU A N   1 
ATOM   405  C CA  . LEU A 1 51  ? -0.738  -1.411  3.826   1.00 20.17 ? 51  LEU A CA  1 
ATOM   406  C C   . LEU A 1 51  ? 0.696   -1.643  3.432   1.00 19.95 ? 51  LEU A C   1 
ATOM   407  O O   . LEU A 1 51  ? 0.955   -2.357  2.487   1.00 19.50 ? 51  LEU A O   1 
ATOM   408  C CB  . LEU A 1 51  ? -1.399  -2.750  4.126   1.00 20.56 ? 51  LEU A CB  1 
ATOM   409  C CG  . LEU A 1 51  ? -2.902  -2.685  4.307   1.00 20.41 ? 51  LEU A CG  1 
ATOM   410  C CD1 . LEU A 1 51  ? -3.371  -4.062  4.722   1.00 23.87 ? 51  LEU A CD1 1 
ATOM   411  C CD2 . LEU A 1 51  ? -3.358  -1.605  5.291   1.00 22.08 ? 51  LEU A CD2 1 
ATOM   412  N N   . ALA A 1 52  ? 1.600   -0.981  4.126   1.00 20.44 ? 52  ALA A N   1 
ATOM   413  C CA  . ALA A 1 52  ? 3.026   -1.013  3.810   1.00 20.25 ? 52  ALA A CA  1 
ATOM   414  C C   . ALA A 1 52  ? 3.867   -1.070  5.081   1.00 20.37 ? 52  ALA A C   1 
ATOM   415  O O   . ALA A 1 52  ? 3.440   -0.653  6.150   1.00 19.89 ? 52  ALA A O   1 
ATOM   416  C CB  . ALA A 1 52  ? 3.431   0.167   2.945   1.00 20.20 ? 52  ALA A CB  1 
ATOM   417  N N   . GLN A 1 53  ? 5.081   -1.598  4.946   1.00 19.81 ? 53  GLN A N   1 
ATOM   418  C CA  . GLN A 1 53  ? 5.950   -1.824  6.099   1.00 18.78 ? 53  GLN A CA  1 
ATOM   419  C C   . GLN A 1 53  ? 7.401   -1.871  5.698   1.00 18.59 ? 53  GLN A C   1 
ATOM   420  O O   . GLN A 1 53  ? 7.743   -2.213  4.552   1.00 19.17 ? 53  GLN A O   1 
ATOM   421  C CB  . GLN A 1 53  ? 5.580   -3.142  6.828   1.00 19.03 ? 53  GLN A CB  1 
ATOM   422  C CG  . GLN A 1 53  ? 5.854   -4.381  5.989   1.00 20.47 ? 53  GLN A CG  1 
ATOM   423  C CD  . GLN A 1 53  ? 5.347   -5.647  6.689   1.00 20.61 ? 53  GLN A CD  1 
ATOM   424  O OE1 . GLN A 1 53  ? 5.857   -5.997  7.762   1.00 21.26 ? 53  GLN A OE1 1 
ATOM   425  N NE2 . GLN A 1 53  ? 4.332   -6.281  6.119   1.00 19.76 ? 53  GLN A NE2 1 
ATOM   426  N N   . ALA A 1 54  ? 8.255   -1.541  6.669   1.00 19.14 ? 54  ALA A N   1 
ATOM   427  C CA  . ALA A 1 54  ? 9.689   -1.605  6.483   1.00 19.64 ? 54  ALA A CA  1 
ATOM   428  C C   . ALA A 1 54  ? 10.239  -2.980  6.705   1.00 19.68 ? 54  ALA A C   1 
ATOM   429  O O   . ALA A 1 54  ? 9.886   -3.661  7.692   1.00 21.52 ? 54  ALA A O   1 
ATOM   430  C CB  . ALA A 1 54  ? 10.402  -0.617  7.397   1.00 19.88 ? 54  ALA A CB  1 
ATOM   431  N N   . VAL A 1 55  ? 11.092  -3.389  5.770   1.00 19.29 ? 55  VAL A N   1 
ATOM   432  C CA  . VAL A 1 55  ? 11.780  -4.672  5.814   1.00 19.84 ? 55  VAL A CA  1 
ATOM   433  C C   . VAL A 1 55  ? 13.285  -4.416  5.686   1.00 19.70 ? 55  VAL A C   1 
ATOM   434  O O   . VAL A 1 55  ? 13.726  -3.873  4.671   1.00 19.31 ? 55  VAL A O   1 
ATOM   435  C CB  . VAL A 1 55  ? 11.347  -5.580  4.676   1.00 20.69 ? 55  VAL A CB  1 
ATOM   436  C CG1 . VAL A 1 55  ? 12.121  -6.932  4.721   1.00 21.45 ? 55  VAL A CG1 1 
ATOM   437  C CG2 . VAL A 1 55  ? 9.819   -5.814  4.714   1.00 23.10 ? 55  VAL A CG2 1 
ATOM   438  N N   . TRP A 1 56  ? 14.028  -4.750  6.726   1.00 20.65 ? 56  TRP A N   1 
ATOM   439  C CA  . TRP A 1 56  ? 15.494  -4.547  6.753   1.00 21.47 ? 56  TRP A CA  1 
ATOM   440  C C   . TRP A 1 56  ? 16.149  -5.561  5.808   1.00 22.22 ? 56  TRP A C   1 
ATOM   441  O O   . TRP A 1 56  ? 15.819  -6.769  5.805   1.00 21.98 ? 56  TRP A O   1 
ATOM   442  C CB  . TRP A 1 56  ? 16.043  -4.674  8.155   1.00 22.23 ? 56  TRP A CB  1 
ATOM   443  C CG  . TRP A 1 56  ? 17.438  -4.153  8.332   1.00 22.43 ? 56  TRP A CG  1 
ATOM   444  C CD1 . TRP A 1 56  ? 17.911  -2.896  7.996   1.00 23.00 ? 56  TRP A CD1 1 
ATOM   445  C CD2 . TRP A 1 56  ? 18.532  -4.844  8.917   1.00 22.04 ? 56  TRP A CD2 1 
ATOM   446  N NE1 . TRP A 1 56  ? 19.240  -2.786  8.338   1.00 23.29 ? 56  TRP A NE1 1 
ATOM   447  C CE2 . TRP A 1 56  ? 19.649  -3.969  8.900   1.00 21.03 ? 56  TRP A CE2 1 
ATOM   448  C CE3 . TRP A 1 56  ? 18.701  -6.136  9.429   1.00 24.03 ? 56  TRP A CE3 1 
ATOM   449  C CZ2 . TRP A 1 56  ? 20.897  -4.329  9.408   1.00 23.28 ? 56  TRP A CZ2 1 
ATOM   450  C CZ3 . TRP A 1 56  ? 19.971  -6.498  9.939   1.00 24.72 ? 56  TRP A CZ3 1 
ATOM   451  C CH2 . TRP A 1 56  ? 21.040  -5.603  9.921   1.00 25.69 ? 56  TRP A CH2 1 
ATOM   452  N N   . GLN A 1 57  ? 17.028  -5.051  4.958   1.00 21.47 ? 57  GLN A N   1 
ATOM   453  C CA  . GLN A 1 57  ? 17.760  -5.894  4.017   1.00 22.81 ? 57  GLN A CA  1 
ATOM   454  C C   . GLN A 1 57  ? 19.128  -6.351  4.562   1.00 22.67 ? 57  GLN A C   1 
ATOM   455  O O   . GLN A 1 57  ? 19.843  -7.067  3.881   1.00 23.33 ? 57  GLN A O   1 
ATOM   456  C CB  . GLN A 1 57  ? 17.965  -5.157  2.694   1.00 22.99 ? 57  GLN A CB  1 
ATOM   457  C CG  . GLN A 1 57  ? 16.728  -4.546  2.089   1.00 26.31 ? 57  GLN A CG  1 
ATOM   458  C CD  . GLN A 1 57  ? 15.731  -5.560  1.657   1.00 29.69 ? 57  GLN A CD  1 
ATOM   459  O OE1 . GLN A 1 57  ? 16.013  -6.325  0.732   1.00 32.54 ? 57  GLN A OE1 1 
ATOM   460  N NE2 . GLN A 1 57  ? 14.545  -5.565  2.288   1.00 28.90 ? 57  GLN A NE2 1 
ATOM   461  N N   . GLY A 1 58  ? 19.525  -5.904  5.754   1.00 21.83 ? 58  GLY A N   1 
ATOM   462  C CA  . GLY A 1 58  ? 20.859  -6.160  6.254   1.00 21.99 ? 58  GLY A CA  1 
ATOM   463  C C   . GLY A 1 58  ? 21.770  -4.932  6.286   1.00 21.73 ? 58  GLY A C   1 
ATOM   464  O O   . GLY A 1 58  ? 22.859  -4.976  6.866   1.00 21.72 ? 58  GLY A O   1 
ATOM   465  N N   . GLU A 1 59  ? 21.335  -3.849  5.660   1.00 21.68 ? 59  GLU A N   1 
ATOM   466  C CA  . GLU A 1 59  ? 22.048  -2.571  5.749   1.00 22.73 ? 59  GLU A CA  1 
ATOM   467  C C   . GLU A 1 59  ? 21.051  -1.494  5.388   1.00 22.72 ? 59  GLU A C   1 
ATOM   468  O O   . GLU A 1 59  ? 20.694  -0.635  6.208   1.00 22.53 ? 59  GLU A O   1 
ATOM   469  C CB  . GLU A 1 59  ? 23.278  -2.540  4.823   1.00 23.78 ? 59  GLU A CB  1 
ATOM   470  C CG  . GLU A 1 59  ? 24.095  -1.250  4.895   1.00 26.93 ? 59  GLU A CG  1 
ATOM   471  C CD  . GLU A 1 59  ? 25.289  -1.282  3.942   1.00 30.62 ? 59  GLU A CD  1 
ATOM   472  O OE1 . GLU A 1 59  ? 25.098  -1.135  2.719   1.00 34.60 ? 59  GLU A OE1 1 
ATOM   473  O OE2 . GLU A 1 59  ? 26.408  -1.516  4.405   1.00 36.23 ? 59  GLU A OE2 1 
ATOM   474  N N   . ALA A 1 60  ? 20.552  -1.579  4.164   1.00 22.27 ? 60  ALA A N   1 
ATOM   475  C CA  . ALA A 1 60  ? 19.475  -0.709  3.726   1.00 21.44 ? 60  ALA A CA  1 
ATOM   476  C C   . ALA A 1 60  ? 18.138  -1.316  4.143   1.00 21.35 ? 60  ALA A C   1 
ATOM   477  O O   . ALA A 1 60  ? 18.062  -2.478  4.585   1.00 19.91 ? 60  ALA A O   1 
ATOM   478  C CB  . ALA A 1 60  ? 19.530  -0.568  2.238   1.00 22.36 ? 60  ALA A CB  1 
ATOM   479  N N   . THR A 1 61  ? 17.095  -0.510  4.012   1.00 20.76 ? 61  THR A N   1 
ATOM   480  C CA  . THR A 1 61  ? 15.716  -0.908  4.259   1.00 20.59 ? 61  THR A CA  1 
ATOM   481  C C   . THR A 1 61  ? 14.889  -0.719  3.003   1.00 20.80 ? 61  THR A C   1 
ATOM   482  O O   . THR A 1 61  ? 15.127  0.192   2.210   1.00 21.25 ? 61  THR A O   1 
ATOM   483  C CB  . THR A 1 61  ? 15.178  -0.079  5.416   1.00 21.03 ? 61  THR A CB  1 
ATOM   484  O OG1 . THR A 1 61  ? 15.941  -0.383  6.594   1.00 23.77 ? 61  THR A OG1 1 
ATOM   485  C CG2 . THR A 1 61  ? 13.708  -0.374  5.754   1.00 21.31 ? 61  THR A CG2 1 
ATOM   486  N N   . THR A 1 62  ? 13.936  -1.624  2.789   1.00 20.37 ? 62  THR A N   1 
ATOM   487  C CA  . THR A 1 62  ? 12.932  -1.474  1.763   1.00 20.87 ? 62  THR A CA  1 
ATOM   488  C C   . THR A 1 62  ? 11.572  -1.319  2.418   1.00 21.48 ? 62  THR A C   1 
ATOM   489  O O   . THR A 1 62  ? 11.304  -1.979  3.432   1.00 22.91 ? 62  THR A O   1 
ATOM   490  C CB  . THR A 1 62  ? 12.890  -2.754  0.877   1.00 21.18 ? 62  THR A CB  1 
ATOM   491  O OG1 . THR A 1 62  ? 14.132  -2.877  0.147   1.00 23.90 ? 62  THR A OG1 1 
ATOM   492  C CG2 . THR A 1 62  ? 11.809  -2.645  -0.166  1.00 21.54 ? 62  THR A CG2 1 
ATOM   493  N N   . VAL A 1 63  ? 10.720  -0.453  1.859   1.00 20.03 ? 63  VAL A N   1 
ATOM   494  C CA  . VAL A 1 63  ? 9.328   -0.437  2.240   1.00 20.69 ? 63  VAL A CA  1 
ATOM   495  C C   . VAL A 1 63  ? 8.555   -1.261  1.224   1.00 20.26 ? 63  VAL A C   1 
ATOM   496  O O   . VAL A 1 63  ? 8.566   -0.968  0.040   1.00 20.43 ? 63  VAL A O   1 
ATOM   497  C CB  . VAL A 1 63  ? 8.787   1.012   2.378   1.00 20.98 ? 63  VAL A CB  1 
ATOM   498  C CG1 . VAL A 1 63  ? 7.236   0.987   2.343   1.00 21.80 ? 63  VAL A CG1 1 
ATOM   499  C CG2 . VAL A 1 63  ? 9.280   1.609   3.688   1.00 21.60 ? 63  VAL A CG2 1 
ATOM   500  N N   . LEU A 1 64  ? 7.940   -2.352  1.693   1.00 20.71 ? 64  LEU A N   1 
ATOM   501  C CA  . LEU A 1 64  ? 7.098   -3.182  0.867   1.00 21.43 ? 64  LEU A CA  1 
ATOM   502  C C   . LEU A 1 64  ? 5.635   -2.835  1.067   1.00 21.24 ? 64  LEU A C   1 
ATOM   503  O O   . LEU A 1 64  ? 5.129   -2.793  2.200   1.00 21.87 ? 64  LEU A O   1 
ATOM   504  C CB  . LEU A 1 64  ? 7.318   -4.644  1.236   1.00 22.67 ? 64  LEU A CB  1 
ATOM   505  C CG  . LEU A 1 64  ? 6.653   -5.685  0.352   1.00 27.75 ? 64  LEU A CG  1 
ATOM   506  C CD1 . LEU A 1 64  ? 7.073   -5.611  -1.136  1.00 32.25 ? 64  LEU A CD1 1 
ATOM   507  C CD2 . LEU A 1 64  ? 6.971   -7.080  0.952   1.00 34.85 ? 64  LEU A CD2 1 
ATOM   508  N N   . VAL A 1 65  ? 4.967   -2.558  -0.040  1.00 21.01 ? 65  VAL A N   1 
ATOM   509  C CA  . VAL A 1 65  ? 3.523   -2.345  -0.032  1.00 21.49 ? 65  VAL A CA  1 
ATOM   510  C C   . VAL A 1 65  ? 2.880   -3.730  -0.186  1.00 21.61 ? 65  VAL A C   1 
ATOM   511  O O   . VAL A 1 65  ? 2.827   -4.300  -1.274  1.00 24.01 ? 65  VAL A O   1 
ATOM   512  C CB  . VAL A 1 65  ? 3.058   -1.400  -1.164  1.00 21.50 ? 65  VAL A CB  1 
ATOM   513  C CG1 . VAL A 1 65  ? 1.564   -1.157  -1.037  1.00 23.35 ? 65  VAL A CG1 1 
ATOM   514  C CG2 . VAL A 1 65  ? 3.814   -0.082  -1.170  1.00 22.43 ? 65  VAL A CG2 1 
ATOM   515  N N   . THR A 1 66  ? 2.411   -4.234  0.925   1.00 23.24 ? 66  THR A N   1 
ATOM   516  C CA  . THR A 1 66  ? 1.804   -5.514  1.063   1.00 24.68 ? 66  THR A CA  1 
ATOM   517  C C   . THR A 1 66  ? 0.482   -5.578  0.353   1.00 23.79 ? 66  THR A C   1 
ATOM   518  O O   . THR A 1 66  ? 0.102   -6.607  -0.232  1.00 24.47 ? 66  THR A O   1 
ATOM   519  C CB  . THR A 1 66  ? 1.657   -5.757  2.627   1.00 25.07 ? 66  THR A CB  1 
ATOM   520  O OG1 . THR A 1 66  ? 2.978   -5.620  3.217   1.00 32.10 ? 66  THR A OG1 1 
ATOM   521  C CG2 . THR A 1 66  ? 1.240   -7.101  2.874   1.00 29.95 ? 66  THR A CG2 1 
ATOM   522  N N   . ARG A 1 67  ? -0.258  -4.471  0.423   1.00 21.90 ? 67  ARG A N   1 
ATOM   523  C CA  . ARG A 1 67  ? -1.551  -4.372  -0.193  1.00 22.05 ? 67  ARG A CA  1 
ATOM   524  C C   . ARG A 1 67  ? -1.896  -2.944  -0.542  1.00 21.91 ? 67  ARG A C   1 
ATOM   525  O O   . ARG A 1 67  ? -1.697  -2.046  0.274   1.00 20.97 ? 67  ARG A O   1 
ATOM   526  C CB  . ARG A 1 67  ? -2.634  -4.913  0.748   1.00 22.19 ? 67  ARG A CB  1 
ATOM   527  C CG  . ARG A 1 67  ? -3.964  -5.009  0.070   1.00 24.04 ? 67  ARG A CG  1 
ATOM   528  C CD  . ARG A 1 67  ? -4.939  -5.824  0.832   1.00 25.41 ? 67  ARG A CD  1 
ATOM   529  N NE  . ARG A 1 67  ? -6.206  -5.917  0.116   1.00 25.06 ? 67  ARG A NE  1 
ATOM   530  C CZ  . ARG A 1 67  ? -7.295  -6.408  0.670   1.00 23.76 ? 67  ARG A CZ  1 
ATOM   531  N NH1 . ARG A 1 67  ? -7.248  -6.826  1.932   1.00 24.30 ? 67  ARG A NH1 1 
ATOM   532  N NH2 . ARG A 1 67  ? -8.433  -6.444  -0.022  1.00 22.57 ? 67  ARG A NH2 1 
ATOM   533  N N   . ILE A 1 68  ? -2.487  -2.762  -1.714  1.00 22.24 ? 68  ILE A N   1 
ATOM   534  C CA  . ILE A 1 68  ? -3.027  -1.451  -2.072  1.00 21.64 ? 68  ILE A CA  1 
ATOM   535  C C   . ILE A 1 68  ? -4.364  -1.673  -2.769  1.00 21.97 ? 68  ILE A C   1 
ATOM   536  O O   . ILE A 1 68  ? -4.512  -2.583  -3.595  1.00 22.58 ? 68  ILE A O   1 
ATOM   537  C CB  . ILE A 1 68  ? -2.021  -0.617  -2.905  1.00 21.31 ? 68  ILE A CB  1 
ATOM   538  C CG1 . ILE A 1 68  ? -2.552  0.819   -3.057  1.00 23.48 ? 68  ILE A CG1 1 
ATOM   539  C CG2 . ILE A 1 68  ? -1.733  -1.227  -4.282  1.00 22.21 ? 68  ILE A CG2 1 
ATOM   540  C CD1 . ILE A 1 68  ? -1.547  1.779   -3.752  1.00 24.38 ? 68  ILE A CD1 1 
ATOM   541  N N   . GLU A 1 69  ? -5.340  -0.871  -2.378  1.00 21.28 ? 69  GLU A N   1 
ATOM   542  C CA  . GLU A 1 69  ? -6.657  -0.882  -2.953  1.00 21.62 ? 69  GLU A CA  1 
ATOM   543  C C   . GLU A 1 69  ? -7.043  0.545   -3.259  1.00 21.87 ? 69  GLU A C   1 
ATOM   544  O O   . GLU A 1 69  ? -6.686  1.459   -2.507  1.00 20.23 ? 69  GLU A O   1 
ATOM   545  C CB  . GLU A 1 69  ? -7.675  -1.524  -2.004  1.00 21.52 ? 69  GLU A CB  1 
ATOM   546  C CG  . GLU A 1 69  ? -7.353  -2.953  -1.575  1.00 23.49 ? 69  GLU A CG  1 
ATOM   547  C CD  . GLU A 1 69  ? -7.341  -3.974  -2.716  1.00 27.23 ? 69  GLU A CD  1 
ATOM   548  O OE1 . GLU A 1 69  ? -7.866  -3.699  -3.803  1.00 26.50 ? 69  GLU A OE1 1 
ATOM   549  O OE2 . GLU A 1 69  ? -6.804  -5.078  -2.497  1.00 29.44 ? 69  GLU A OE2 1 
ATOM   550  N N   . GLY A 1 70  ? -7.780  0.740   -4.345  1.00 21.52 ? 70  GLY A N   1 
ATOM   551  C CA  . GLY A 1 70  ? -8.224  2.074   -4.705  1.00 22.68 ? 70  GLY A CA  1 
ATOM   552  C C   . GLY A 1 70  ? -9.273  2.119   -5.801  1.00 23.74 ? 70  GLY A C   1 
ATOM   553  O O   . GLY A 1 70  ? -9.256  1.315   -6.727  1.00 24.68 ? 70  GLY A O   1 
ATOM   554  N N   . ARG A 1 71  ? -10.169 3.092   -5.680  1.00 24.01 ? 71  ARG A N   1 
ATOM   555  C CA  . ARG A 1 71  ? -11.329 3.214   -6.550  1.00 24.21 ? 71  ARG A CA  1 
ATOM   556  C C   . ARG A 1 71  ? -11.065 4.018   -7.816  1.00 23.44 ? 71  ARG A C   1 
ATOM   557  O O   . ARG A 1 71  ? -11.940 4.101   -8.713  1.00 21.60 ? 71  ARG A O   1 
ATOM   558  C CB  . ARG A 1 71  ? -12.447 3.852   -5.764  1.00 25.46 ? 71  ARG A CB  1 
ATOM   559  C CG  . ARG A 1 71  ? -13.110 2.894   -4.815  1.00 28.70 ? 71  ARG A CG  1 
ATOM   560  C CD  . ARG A 1 71  ? -14.596 3.170   -4.666  1.00 36.74 ? 71  ARG A CD  1 
ATOM   561  N NE  . ARG A 1 71  ? -14.960 3.282   -3.263  1.00 42.04 ? 71  ARG A NE  1 
ATOM   562  C CZ  . ARG A 1 71  ? -16.065 3.862   -2.810  1.00 44.93 ? 71  ARG A CZ  1 
ATOM   563  N NH1 . ARG A 1 71  ? -16.957 4.384   -3.657  1.00 46.71 ? 71  ARG A NH1 1 
ATOM   564  N NH2 . ARG A 1 71  ? -16.274 3.900   -1.495  1.00 45.98 ? 71  ARG A NH2 1 
ATOM   565  N N   . SER A 1 72  ? -9.879  4.613   -7.895  1.00 21.52 ? 72  SER A N   1 
ATOM   566  C CA  . SER A 1 72  ? -9.487  5.399   -9.046  1.00 21.90 ? 72  SER A CA  1 
ATOM   567  C C   . SER A 1 72  ? -7.973  5.472   -9.154  1.00 22.23 ? 72  SER A C   1 
ATOM   568  O O   . SER A 1 72  ? -7.268  5.271   -8.177  1.00 20.93 ? 72  SER A O   1 
ATOM   569  C CB  . SER A 1 72  ? -10.056 6.813   -8.918  1.00 21.68 ? 72  SER A CB  1 
ATOM   570  O OG  . SER A 1 72  ? -9.445  7.522   -7.846  1.00 21.57 ? 72  SER A OG  1 
ATOM   571  N N   . VAL A 1 73  ? -7.488  5.795   -10.341 1.00 22.51 ? 73  VAL A N   1 
ATOM   572  C CA  . VAL A 1 73  ? -6.065  6.111   -10.510 1.00 23.14 ? 73  VAL A CA  1 
ATOM   573  C C   . VAL A 1 73  ? -5.619  7.212   -9.535  1.00 22.94 ? 73  VAL A C   1 
ATOM   574  O O   . VAL A 1 73  ? -4.566  7.093   -8.896  1.00 22.77 ? 73  VAL A O   1 
ATOM   575  C CB  . VAL A 1 73  ? -5.732  6.481   -11.950 1.00 23.19 ? 73  VAL A CB  1 
ATOM   576  C CG1 . VAL A 1 73  ? -4.318  7.060   -12.053 1.00 22.92 ? 73  VAL A CG1 1 
ATOM   577  C CG2 . VAL A 1 73  ? -5.895  5.268   -12.866 1.00 23.06 ? 73  VAL A CG2 1 
ATOM   578  N N   . GLU A 1 74  ? -6.440  8.248   -9.386  1.00 22.77 ? 74  GLU A N   1 
ATOM   579  C CA  . GLU A 1 74  ? -6.127  9.328   -8.477  1.00 22.32 ? 74  GLU A CA  1 
ATOM   580  C C   . GLU A 1 74  ? -5.892  8.813   -7.045  1.00 21.23 ? 74  GLU A C   1 
ATOM   581  O O   . GLU A 1 74  ? -4.919  9.187   -6.406  1.00 20.93 ? 74  GLU A O   1 
ATOM   582  C CB  . GLU A 1 74  ? -7.214  10.422  -8.514  1.00 23.29 ? 74  GLU A CB  1 
ATOM   583  C CG  . GLU A 1 74  ? -6.911  11.587  -7.595  1.00 23.83 ? 74  GLU A CG  1 
ATOM   584  C CD  . GLU A 1 74  ? -8.023  12.611  -7.477  1.00 26.05 ? 74  GLU A CD  1 
ATOM   585  O OE1 . GLU A 1 74  ? -9.069  12.445  -8.136  1.00 27.62 ? 74  GLU A OE1 1 
ATOM   586  O OE2 . GLU A 1 74  ? -7.844  13.582  -6.693  1.00 26.02 ? 74  GLU A OE2 1 
ATOM   587  N N   . ALA A 1 75  ? -6.772  7.955   -6.539  1.00 20.49 ? 75  ALA A N   1 
ATOM   588  C CA  . ALA A 1 75  ? -6.602  7.408   -5.189  1.00 20.20 ? 75  ALA A CA  1 
ATOM   589  C C   . ALA A 1 75  ? -5.299  6.585   -5.100  1.00 20.46 ? 75  ALA A C   1 
ATOM   590  O O   . ALA A 1 75  ? -4.501  6.712   -4.163  1.00 20.43 ? 75  ALA A O   1 
ATOM   591  C CB  . ALA A 1 75  ? -7.800  6.578   -4.814  1.00 20.01 ? 75  ALA A CB  1 
ATOM   592  N N   . LEU A 1 76  ? -5.070  5.746   -6.090  1.00 19.94 ? 76  LEU A N   1 
ATOM   593  C CA  . LEU A 1 76  ? -3.896  4.879   -6.083  1.00 20.71 ? 76  LEU A CA  1 
ATOM   594  C C   . LEU A 1 76  ? -2.614  5.699   -6.129  1.00 19.93 ? 76  LEU A C   1 
ATOM   595  O O   . LEU A 1 76  ? -1.663  5.406   -5.412  1.00 19.11 ? 76  LEU A O   1 
ATOM   596  C CB  . LEU A 1 76  ? -3.975  3.904   -7.258  1.00 20.55 ? 76  LEU A CB  1 
ATOM   597  C CG  . LEU A 1 76  ? -5.077  2.855   -7.118  1.00 21.43 ? 76  LEU A CG  1 
ATOM   598  C CD1 . LEU A 1 76  ? -5.259  2.105   -8.476  1.00 22.73 ? 76  LEU A CD1 1 
ATOM   599  C CD2 . LEU A 1 76  ? -4.812  1.876   -5.992  1.00 20.49 ? 76  LEU A CD2 1 
ATOM   600  N N   . ARG A 1 77  ? -2.588  6.710   -6.992  1.00 20.21 ? 77  ARG A N   1 
ATOM   601  C CA  . ARG A 1 77  ? -1.411  7.578   -7.098  1.00 20.60 ? 77  ARG A CA  1 
ATOM   602  C C   . ARG A 1 77  ? -1.090  8.287   -5.788  1.00 20.51 ? 77  ARG A C   1 
ATOM   603  O O   . ARG A 1 77  ? 0.066   8.343   -5.371  1.00 21.13 ? 77  ARG A O   1 
ATOM   604  C CB  . ARG A 1 77  ? -1.574  8.616   -8.201  1.00 21.64 ? 77  ARG A CB  1 
ATOM   605  C CG  . ARG A 1 77  ? -1.445  8.085   -9.593  1.00 21.71 ? 77  ARG A CG  1 
ATOM   606  C CD  . ARG A 1 77  ? -1.476  9.201   -10.625 1.00 25.58 ? 77  ARG A CD  1 
ATOM   607  N NE  . ARG A 1 77  ? -0.336  10.104  -10.471 1.00 26.70 ? 77  ARG A NE  1 
ATOM   608  C CZ  . ARG A 1 77  ? -0.155  11.206  -11.192 1.00 30.83 ? 77  ARG A CZ  1 
ATOM   609  N NH1 . ARG A 1 77  ? -1.016  11.559  -12.133 1.00 31.07 ? 77  ARG A NH1 1 
ATOM   610  N NH2 . ARG A 1 77  ? 0.900   11.968  -10.975 1.00 32.17 ? 77  ARG A NH2 1 
ATOM   611  N N   . GLY A 1 78  ? -2.113  8.827   -5.126  1.00 20.13 ? 78  GLY A N   1 
ATOM   612  C CA  . GLY A 1 78  ? -1.902  9.576   -3.907  1.00 20.14 ? 78  GLY A CA  1 
ATOM   613  C C   . GLY A 1 78  ? -1.447  8.687   -2.772  1.00 20.65 ? 78  GLY A C   1 
ATOM   614  O O   . GLY A 1 78  ? -0.619  9.090   -1.950  1.00 19.84 ? 78  GLY A O   1 
ATOM   615  N N   . LEU A 1 79  ? -1.977  7.460   -2.726  1.00 20.63 ? 79  LEU A N   1 
ATOM   616  C CA  . LEU A 1 79  ? -1.514  6.479   -1.748  1.00 19.78 ? 79  LEU A CA  1 
ATOM   617  C C   . LEU A 1 79  ? -0.025  6.142   -1.983  1.00 19.77 ? 79  LEU A C   1 
ATOM   618  O O   . LEU A 1 79  ? 0.784   6.093   -1.045  1.00 20.46 ? 79  LEU A O   1 
ATOM   619  C CB  . LEU A 1 79  ? -2.364  5.220   -1.794  1.00 19.39 ? 79  LEU A CB  1 
ATOM   620  C CG  . LEU A 1 79  ? -3.792  5.352   -1.264  1.00 19.75 ? 79  LEU A CG  1 
ATOM   621  C CD1 . LEU A 1 79  ? -4.646  4.228   -1.718  1.00 19.14 ? 79  LEU A CD1 1 
ATOM   622  C CD2 . LEU A 1 79  ? -3.811  5.500   0.252   1.00 22.25 ? 79  LEU A CD2 1 
ATOM   623  N N   . LEU A 1 80  ? 0.350   5.926   -3.237  1.00 20.13 ? 80  LEU A N   1 
ATOM   624  C CA  . LEU A 1 80  ? 1.748   5.649   -3.544  1.00 19.83 ? 80  LEU A CA  1 
ATOM   625  C C   . LEU A 1 80  ? 2.630   6.807   -3.140  1.00 20.13 ? 80  LEU A C   1 
ATOM   626  O O   . LEU A 1 80  ? 3.694   6.609   -2.588  1.00 21.14 ? 80  LEU A O   1 
ATOM   627  C CB  . LEU A 1 80  ? 1.939   5.334   -5.023  1.00 20.75 ? 80  LEU A CB  1 
ATOM   628  C CG  . LEU A 1 80  ? 1.298   4.023   -5.476  1.00 21.02 ? 80  LEU A CG  1 
ATOM   629  C CD1 . LEU A 1 80  ? 1.304   4.002   -6.994  1.00 22.86 ? 80  LEU A CD1 1 
ATOM   630  C CD2 . LEU A 1 80  ? 2.032   2.806   -4.852  1.00 22.71 ? 80  LEU A CD2 1 
ATOM   631  N N   . ARG A 1 81  ? 2.172   8.023   -3.399  1.00 20.86 ? 81  ARG A N   1 
ATOM   632  C CA  . ARG A 1 81  ? 2.942   9.209   -3.046  1.00 20.74 ? 81  ARG A CA  1 
ATOM   633  C C   . ARG A 1 81  ? 3.117   9.292   -1.533  1.00 20.85 ? 81  ARG A C   1 
ATOM   634  O O   . ARG A 1 81  ? 4.195   9.668   -1.019  1.00 19.94 ? 81  ARG A O   1 
ATOM   635  C CB  . ARG A 1 81  ? 2.247   10.480  -3.572  1.00 21.23 ? 81  ARG A CB  1 
ATOM   636  C CG  . ARG A 1 81  ? 2.475   10.728  -5.054  1.00 25.35 ? 81  ARG A CG  1 
ATOM   637  C CD  . ARG A 1 81  ? 2.174   12.149  -5.518  1.00 28.91 ? 81  ARG A CD  1 
ATOM   638  N NE  . ARG A 1 81  ? 0.913   12.634  -4.978  1.00 30.47 ? 81  ARG A NE  1 
ATOM   639  C CZ  . ARG A 1 81  ? -0.279  12.482  -5.555  1.00 31.91 ? 81  ARG A CZ  1 
ATOM   640  N NH1 . ARG A 1 81  ? -0.396  11.866  -6.732  1.00 31.85 ? 81  ARG A NH1 1 
ATOM   641  N NH2 . ARG A 1 81  ? -1.368  12.969  -4.940  1.00 32.46 ? 81  ARG A NH2 1 
ATOM   642  N N   . ALA A 1 82  ? 2.066   8.945   -0.797  1.00 20.54 ? 82  ALA A N   1 
ATOM   643  C CA  . ALA A 1 82  ? 2.121   9.041   0.656   1.00 20.62 ? 82  ALA A CA  1 
ATOM   644  C C   . ALA A 1 82  ? 3.103   7.983   1.177   1.00 20.02 ? 82  ALA A C   1 
ATOM   645  O O   . ALA A 1 82  ? 3.912   8.241   2.059   1.00 18.99 ? 82  ALA A O   1 
ATOM   646  C CB  . ALA A 1 82  ? 0.728   8.846   1.261   1.00 19.79 ? 82  ALA A CB  1 
ATOM   647  N N   . VAL A 1 83  ? 3.043   6.789   0.601   1.00 20.96 ? 83  VAL A N   1 
ATOM   648  C CA  . VAL A 1 83  ? 3.985   5.744   0.989   1.00 20.18 ? 83  VAL A CA  1 
ATOM   649  C C   . VAL A 1 83  ? 5.436   6.172   0.688   1.00 19.72 ? 83  VAL A C   1 
ATOM   650  O O   . VAL A 1 83  ? 6.315   6.039   1.551   1.00 19.71 ? 83  VAL A O   1 
ATOM   651  C CB  . VAL A 1 83  ? 3.671   4.390   0.330   1.00 20.61 ? 83  VAL A CB  1 
ATOM   652  C CG1 . VAL A 1 83  ? 4.793   3.409   0.622   1.00 19.18 ? 83  VAL A CG1 1 
ATOM   653  C CG2 . VAL A 1 83  ? 2.289   3.841   0.815   1.00 22.02 ? 83  VAL A CG2 1 
ATOM   654  N N   . VAL A 1 84  ? 5.675   6.687   -0.509  1.00 19.57 ? 84  VAL A N   1 
ATOM   655  C CA  . VAL A 1 84  ? 7.011   7.117   -0.944  1.00 20.02 ? 84  VAL A CA  1 
ATOM   656  C C   . VAL A 1 84  ? 7.513   8.210   -0.015  1.00 19.97 ? 84  VAL A C   1 
ATOM   657  O O   . VAL A 1 84  ? 8.659   8.163   0.426   1.00 19.73 ? 84  VAL A O   1 
ATOM   658  C CB  . VAL A 1 84  ? 7.042   7.523   -2.448  1.00 19.16 ? 84  VAL A CB  1 
ATOM   659  C CG1 . VAL A 1 84  ? 8.321   8.268   -2.805  1.00 20.52 ? 84  VAL A CG1 1 
ATOM   660  C CG2 . VAL A 1 84  ? 6.910   6.295   -3.300  1.00 21.09 ? 84  VAL A CG2 1 
ATOM   661  N N   . LYS A 1 85  ? 6.697   9.223   0.249   1.00 20.58 ? 85  LYS A N   1 
ATOM   662  C CA  . LYS A 1 85  ? 7.104   10.277  1.182   1.00 20.76 ? 85  LYS A CA  1 
ATOM   663  C C   . LYS A 1 85  ? 7.525   9.701   2.553   1.00 20.61 ? 85  LYS A C   1 
ATOM   664  O O   . LYS A 1 85  ? 8.563   10.083  3.100   1.00 20.55 ? 85  LYS A O   1 
ATOM   665  C CB  . LYS A 1 85  ? 5.989   11.286  1.389   1.00 21.54 ? 85  LYS A CB  1 
ATOM   666  C CG  . LYS A 1 85  ? 6.406   12.433  2.284   1.00 23.82 ? 85  LYS A CG  1 
ATOM   667  C CD  . LYS A 1 85  ? 5.278   13.400  2.462   1.00 29.26 ? 85  LYS A CD  1 
ATOM   668  C CE  . LYS A 1 85  ? 5.731   14.610  3.265   1.00 31.88 ? 85  LYS A CE  1 
ATOM   669  N NZ  . LYS A 1 85  ? 6.273   14.231  4.586   1.00 34.30 ? 85  LYS A NZ  1 
ATOM   670  N N   . SER A 1 86  ? 6.731   8.779   3.085   1.00 19.93 ? 86  SER A N   1 
ATOM   671  C CA  . SER A 1 86  ? 7.026   8.167   4.378   1.00 19.65 ? 86  SER A CA  1 
ATOM   672  C C   . SER A 1 86  ? 8.356   7.364   4.332   1.00 19.69 ? 86  SER A C   1 
ATOM   673  O O   . SER A 1 86  ? 9.100   7.274   5.305   1.00 20.32 ? 86  SER A O   1 
ATOM   674  C CB  . SER A 1 86  ? 5.867   7.306   4.843   1.00 19.95 ? 86  SER A CB  1 
ATOM   675  O OG  . SER A 1 86  ? 5.788   6.050   4.171   1.00 19.74 ? 86  SER A OG  1 
ATOM   676  N N   . ALA A 1 87  ? 8.672   6.813   3.164   1.00 19.46 ? 87  ALA A N   1 
ATOM   677  C CA  . ALA A 1 87  ? 9.922   6.106   2.973   1.00 19.58 ? 87  ALA A CA  1 
ATOM   678  C C   . ALA A 1 87  ? 11.092  7.078   2.896   1.00 19.25 ? 87  ALA A C   1 
ATOM   679  O O   . ALA A 1 87  ? 12.120  6.891   3.549   1.00 19.38 ? 87  ALA A O   1 
ATOM   680  C CB  . ALA A 1 87  ? 9.825   5.268   1.711   1.00 19.35 ? 87  ALA A CB  1 
ATOM   681  N N   . TYR A 1 88  ? 10.954  8.126   2.105   1.00 19.71 ? 88  TYR A N   1 
ATOM   682  C CA  . TYR A 1 88  ? 12.006  9.158   2.033   1.00 20.88 ? 88  TYR A CA  1 
ATOM   683  C C   . TYR A 1 88  ? 12.305  9.686   3.432   1.00 21.46 ? 88  TYR A C   1 
ATOM   684  O O   . TYR A 1 88  ? 13.476  9.782   3.861   1.00 20.97 ? 88  TYR A O   1 
ATOM   685  C CB  . TYR A 1 88  ? 11.562  10.341  1.184   1.00 21.99 ? 88  TYR A CB  1 
ATOM   686  C CG  . TYR A 1 88  ? 11.934  10.286  -0.292  1.00 23.77 ? 88  TYR A CG  1 
ATOM   687  C CD1 . TYR A 1 88  ? 13.259  10.271  -0.722  1.00 27.02 ? 88  TYR A CD1 1 
ATOM   688  C CD2 . TYR A 1 88  ? 10.936  10.318  -1.249  1.00 26.30 ? 88  TYR A CD2 1 
ATOM   689  C CE1 . TYR A 1 88  ? 13.569  10.233  -2.119  1.00 27.45 ? 88  TYR A CE1 1 
ATOM   690  C CE2 . TYR A 1 88  ? 11.205  10.278  -2.603  1.00 25.49 ? 88  TYR A CE2 1 
ATOM   691  C CZ  . TYR A 1 88  ? 12.512  10.222  -3.049  1.00 26.83 ? 88  TYR A CZ  1 
ATOM   692  O OH  . TYR A 1 88  ? 12.714  10.219  -4.410  1.00 23.92 ? 88  TYR A OH  1 
ATOM   693  N N   . ASP A 1 89  ? 11.239  9.985   4.174   1.00 21.15 ? 89  ASP A N   1 
ATOM   694  C CA  . ASP A 1 89  ? 11.399  10.581  5.495   1.00 21.17 ? 89  ASP A CA  1 
ATOM   695  C C   . ASP A 1 89  ? 12.098  9.645   6.467   1.00 21.37 ? 89  ASP A C   1 
ATOM   696  O O   . ASP A 1 89  ? 12.803  10.115  7.366   1.00 23.21 ? 89  ASP A O   1 
ATOM   697  C CB  . ASP A 1 89  ? 10.054  11.039  6.092   1.00 21.83 ? 89  ASP A CB  1 
ATOM   698  C CG  . ASP A 1 89  ? 9.467   12.254  5.405   1.00 24.04 ? 89  ASP A CG  1 
ATOM   699  O OD1 . ASP A 1 89  ? 10.146  12.965  4.617   1.00 26.74 ? 89  ASP A OD1 1 
ATOM   700  O OD2 . ASP A 1 89  ? 8.276   12.580  5.624   1.00 29.72 ? 89  ASP A OD2 1 
ATOM   701  N N   . ALA A 1 90  ? 11.921  8.341   6.289   1.00 20.35 ? 90  ALA A N   1 
ATOM   702  C CA  . ALA A 1 90  ? 12.576  7.335   7.094   1.00 21.74 ? 90  ALA A CA  1 
ATOM   703  C C   . ALA A 1 90  ? 13.958  6.890   6.584   1.00 22.18 ? 90  ALA A C   1 
ATOM   704  O O   . ALA A 1 90  ? 14.539  5.968   7.147   1.00 23.40 ? 90  ALA A O   1 
ATOM   705  C CB  . ALA A 1 90  ? 11.680  6.140   7.200   1.00 21.68 ? 90  ALA A CB  1 
ATOM   706  N N   . GLY A 1 91  ? 14.464  7.533   5.533   1.00 22.08 ? 91  GLY A N   1 
ATOM   707  C CA  . GLY A 1 91  ? 15.735  7.157   4.902   1.00 21.69 ? 91  GLY A CA  1 
ATOM   708  C C   . GLY A 1 91  ? 15.752  5.789   4.263   1.00 21.90 ? 91  GLY A C   1 
ATOM   709  O O   . GLY A 1 91  ? 16.794  5.139   4.163   1.00 22.41 ? 91  GLY A O   1 
ATOM   710  N N   . VAL A 1 92  ? 14.583  5.354   3.825   1.00 20.19 ? 92  VAL A N   1 
ATOM   711  C CA  . VAL A 1 92  ? 14.408  4.027   3.207   1.00 20.22 ? 92  VAL A CA  1 
ATOM   712  C C   . VAL A 1 92  ? 14.948  4.108   1.754   1.00 20.00 ? 92  VAL A C   1 
ATOM   713  O O   . VAL A 1 92  ? 14.710  5.082   1.059   1.00 20.08 ? 92  VAL A O   1 
ATOM   714  C CB  . VAL A 1 92  ? 12.917  3.675   3.249   1.00 20.56 ? 92  VAL A CB  1 
ATOM   715  C CG1 . VAL A 1 92  ? 12.538  2.614   2.214   1.00 19.60 ? 92  VAL A CG1 1 
ATOM   716  C CG2 . VAL A 1 92  ? 12.510  3.231   4.674   1.00 22.95 ? 92  VAL A CG2 1 
ATOM   717  N N   . TYR A 1 93  ? 15.658  3.063   1.326   1.00 19.84 ? 93  TYR A N   1 
ATOM   718  C CA  . TYR A 1 93  ? 16.330  3.016   0.025   1.00 19.39 ? 93  TYR A CA  1 
ATOM   719  C C   . TYR A 1 93  ? 15.394  2.817   -1.152  1.00 19.90 ? 93  TYR A C   1 
ATOM   720  O O   . TYR A 1 93  ? 15.612  3.429   -2.202  1.00 18.63 ? 93  TYR A O   1 
ATOM   721  C CB  . TYR A 1 93  ? 17.367  1.901   0.058   1.00 19.92 ? 93  TYR A CB  1 
ATOM   722  C CG  . TYR A 1 93  ? 18.177  1.824   -1.221  1.00 21.53 ? 93  TYR A CG  1 
ATOM   723  C CD1 . TYR A 1 93  ? 19.257  2.672   -1.427  1.00 23.73 ? 93  TYR A CD1 1 
ATOM   724  C CD2 . TYR A 1 93  ? 17.832  0.927   -2.224  1.00 21.12 ? 93  TYR A CD2 1 
ATOM   725  C CE1 . TYR A 1 93  ? 19.993  2.611   -2.606  1.00 25.10 ? 93  TYR A CE1 1 
ATOM   726  C CE2 . TYR A 1 93  ? 18.573  0.837   -3.395  1.00 23.24 ? 93  TYR A CE2 1 
ATOM   727  C CZ  . TYR A 1 93  ? 19.637  1.697   -3.595  1.00 26.02 ? 93  TYR A CZ  1 
ATOM   728  O OH  . TYR A 1 93  ? 20.389  1.627   -4.772  1.00 28.40 ? 93  TYR A OH  1 
ATOM   729  N N   . GLU A 1 94  ? 14.388  1.967   -1.013  1.00 19.98 ? 94  GLU A N   1 
ATOM   730  C CA  . GLU A 1 94  ? 13.442  1.722   -2.099  1.00 21.00 ? 94  GLU A CA  1 
ATOM   731  C C   . GLU A 1 94  ? 12.096  1.298   -1.598  1.00 20.84 ? 94  GLU A C   1 
ATOM   732  O O   . GLU A 1 94  ? 11.953  0.881   -0.458  1.00 19.70 ? 94  GLU A O   1 
ATOM   733  C CB  . GLU A 1 94  ? 13.965  0.681   -3.060  1.00 22.07 ? 94  GLU A CB  1 
ATOM   734  C CG  . GLU A 1 94  ? 14.162  -0.715  -2.497  1.00 26.12 ? 94  GLU A CG  1 
ATOM   735  C CD  . GLU A 1 94  ? 14.650  -1.680  -3.571  1.00 32.07 ? 94  GLU A CD  1 
ATOM   736  O OE1 . GLU A 1 94  ? 15.603  -1.329  -4.280  1.00 31.07 ? 94  GLU A OE1 1 
ATOM   737  O OE2 . GLU A 1 94  ? 14.041  -2.765  -3.748  1.00 37.49 ? 94  GLU A OE2 1 
ATOM   738  N N   . VAL A 1 95  ? 11.109  1.413   -2.476  1.00 19.94 ? 95  VAL A N   1 
ATOM   739  C CA  . VAL A 1 95  ? 9.761   0.978   -2.209  1.00 20.53 ? 95  VAL A CA  1 
ATOM   740  C C   . VAL A 1 95  ? 9.417   -0.057  -3.284  1.00 20.90 ? 95  VAL A C   1 
ATOM   741  O O   . VAL A 1 95  ? 9.696   0.132   -4.472  1.00 20.75 ? 95  VAL A O   1 
ATOM   742  C CB  . VAL A 1 95  ? 8.762   2.150   -2.285  1.00 20.21 ? 95  VAL A CB  1 
ATOM   743  C CG1 . VAL A 1 95  ? 7.349   1.695   -2.066  1.00 19.57 ? 95  VAL A CG1 1 
ATOM   744  C CG2 . VAL A 1 95  ? 9.158   3.321   -1.298  1.00 20.87 ? 95  VAL A CG2 1 
ATOM   745  N N   . ALA A 1 96  ? 8.824   -1.151  -2.858  1.00 21.14 ? 96  ALA A N   1 
ATOM   746  C CA  . ALA A 1 96  ? 8.493   -2.262  -3.750  1.00 21.87 ? 96  ALA A CA  1 
ATOM   747  C C   . ALA A 1 96  ? 7.077   -2.741  -3.535  1.00 22.52 ? 96  ALA A C   1 
ATOM   748  O O   . ALA A 1 96  ? 6.514   -2.599  -2.438  1.00 21.40 ? 96  ALA A O   1 
ATOM   749  C CB  . ALA A 1 96  ? 9.481   -3.440  -3.525  1.00 21.93 ? 96  ALA A CB  1 
ATOM   750  N N   . LEU A 1 97  ? 6.511   -3.348  -4.584  1.00 23.07 ? 97  LEU A N   1 
ATOM   751  C CA  . LEU A 1 97  ? 5.136   -3.826  -4.561  1.00 24.03 ? 97  LEU A CA  1 
ATOM   752  C C   . LEU A 1 97  ? 5.078   -5.041  -5.493  1.00 24.05 ? 97  LEU A C   1 
ATOM   753  O O   . LEU A 1 97  ? 5.723   -5.048  -6.543  1.00 23.40 ? 97  LEU A O   1 
ATOM   754  C CB  . LEU A 1 97  ? 4.232   -2.702  -5.093  1.00 25.09 ? 97  LEU A CB  1 
ATOM   755  C CG  . LEU A 1 97  ? 2.716   -2.809  -5.098  1.00 30.29 ? 97  LEU A CG  1 
ATOM   756  C CD1 . LEU A 1 97  ? 2.104   -1.450  -4.939  1.00 28.90 ? 97  LEU A CD1 1 
ATOM   757  C CD2 . LEU A 1 97  ? 2.253   -3.440  -6.389  1.00 33.38 ? 97  LEU A CD2 1 
ATOM   758  N N   . HIS A 1 98  ? 4.305   -6.057  -5.115  1.00 24.58 ? 98  HIS A N   1 
ATOM   759  C CA  . HIS A 1 98  ? 4.028   -7.196  -6.000  1.00 26.78 ? 98  HIS A CA  1 
ATOM   760  C C   . HIS A 1 98  ? 2.703   -6.939  -6.753  1.00 28.07 ? 98  HIS A C   1 
ATOM   761  O O   . HIS A 1 98  ? 1.622   -6.948  -6.165  1.00 31.11 ? 98  HIS A O   1 
ATOM   762  C CB  . HIS A 1 98  ? 3.995   -8.514  -5.205  1.00 27.07 ? 98  HIS A CB  1 
ATOM   763  C CG  . HIS A 1 98  ? 5.249   -8.790  -4.422  1.00 29.21 ? 98  HIS A CG  1 
ATOM   764  N ND1 . HIS A 1 98  ? 5.265   -9.604  -3.307  1.00 34.56 ? 98  HIS A ND1 1 
ATOM   765  C CD2 . HIS A 1 98  ? 6.535   -8.405  -4.617  1.00 32.90 ? 98  HIS A CD2 1 
ATOM   766  C CE1 . HIS A 1 98  ? 6.498   -9.670  -2.825  1.00 35.90 ? 98  HIS A CE1 1 
ATOM   767  N NE2 . HIS A 1 98  ? 7.289   -8.953  -3.598  1.00 34.65 ? 98  HIS A NE2 1 
ATOM   768  N N   . LEU A 1 99  ? 2.801   -6.650  -8.034  1.00 27.57 ? 99  LEU A N   1 
ATOM   769  C CA  . LEU A 1 99  ? 1.698   -6.193  -8.857  1.00 28.53 ? 99  LEU A CA  1 
ATOM   770  C C   . LEU A 1 99  ? 1.002   -7.363  -9.627  1.00 27.85 ? 99  LEU A C   1 
ATOM   771  O O   . LEU A 1 99  ? 1.646   -8.151  -10.285 1.00 27.86 ? 99  LEU A O   1 
ATOM   772  C CB  . LEU A 1 99  ? 2.237   -5.135  -9.836  1.00 28.43 ? 99  LEU A CB  1 
ATOM   773  C CG  . LEU A 1 99  ? 1.373   -4.715  -11.033 1.00 30.45 ? 99  LEU A CG  1 
ATOM   774  C CD1 . LEU A 1 99  ? 0.128   -3.933  -10.588 1.00 31.48 ? 99  LEU A CD1 1 
ATOM   775  C CD2 . LEU A 1 99  ? 2.180   -3.937  -12.081 1.00 31.33 ? 99  LEU A CD2 1 
ATOM   776  N N   . ASP A 1 100 ? -0.313  -7.462  -9.512  1.00 27.57 ? 100 ASP A N   1 
ATOM   777  C CA  . ASP A 1 100 ? -1.106  -8.266  -10.464 1.00 27.67 ? 100 ASP A CA  1 
ATOM   778  C C   . ASP A 1 100 ? -1.245  -7.404  -11.700 1.00 27.25 ? 100 ASP A C   1 
ATOM   779  O O   . ASP A 1 100 ? -1.854  -6.347  -11.642 1.00 27.06 ? 100 ASP A O   1 
ATOM   780  C CB  . ASP A 1 100 ? -2.461  -8.563  -9.847  1.00 28.17 ? 100 ASP A CB  1 
ATOM   781  C CG  . ASP A 1 100 ? -3.422  -9.226  -10.794 1.00 30.02 ? 100 ASP A CG  1 
ATOM   782  O OD1 . ASP A 1 100 ? -3.093  -9.518  -11.969 1.00 27.99 ? 100 ASP A OD1 1 
ATOM   783  O OD2 . ASP A 1 100 ? -4.578  -9.470  -10.404 1.00 34.93 ? 100 ASP A OD2 1 
ATOM   784  N N   . PRO A 1 101 ? -0.668  -7.810  -12.825 1.00 28.13 ? 101 PRO A N   1 
ATOM   785  C CA  . PRO A 1 101 ? -0.690  -6.964  -14.031 1.00 28.76 ? 101 PRO A CA  1 
ATOM   786  C C   . PRO A 1 101 ? -2.063  -6.795  -14.708 1.00 28.64 ? 101 PRO A C   1 
ATOM   787  O O   . PRO A 1 101 ? -2.192  -5.980  -15.618 1.00 29.30 ? 101 PRO A O   1 
ATOM   788  C CB  . PRO A 1 101 ? 0.309   -7.662  -14.965 1.00 29.28 ? 101 PRO A CB  1 
ATOM   789  C CG  . PRO A 1 101 ? 0.285   -9.080  -14.548 1.00 29.42 ? 101 PRO A CG  1 
ATOM   790  C CD  . PRO A 1 101 ? 0.038   -9.087  -13.055 1.00 28.21 ? 101 PRO A CD  1 
ATOM   791  N N   . GLU A 1 102 ? -3.067  -7.556  -14.287 1.00 28.81 ? 102 GLU A N   1 
ATOM   792  C CA  . GLU A 1 102 ? -4.455  -7.318  -14.695 1.00 28.97 ? 102 GLU A CA  1 
ATOM   793  C C   . GLU A 1 102 ? -5.004  -5.994  -14.127 1.00 27.25 ? 102 GLU A C   1 
ATOM   794  O O   . GLU A 1 102 ? -5.998  -5.468  -14.615 1.00 26.70 ? 102 GLU A O   1 
ATOM   795  C CB  . GLU A 1 102 ? -5.366  -8.469  -14.240 1.00 29.74 ? 102 GLU A CB  1 
ATOM   796  C CG  . GLU A 1 102 ? -5.050  -9.824  -14.882 1.00 34.08 ? 102 GLU A CG  1 
ATOM   797  C CD  . GLU A 1 102 ? -6.263  -10.759 -15.011 1.00 38.91 ? 102 GLU A CD  1 
ATOM   798  O OE1 . GLU A 1 102 ? -6.328  -11.766 -14.262 1.00 41.82 ? 102 GLU A OE1 1 
ATOM   799  O OE2 . GLU A 1 102 ? -7.137  -10.524 -15.892 1.00 44.00 ? 102 GLU A OE2 1 
ATOM   800  N N   . ARG A 1 103 ? -4.374  -5.471  -13.081 1.00 25.75 ? 103 ARG A N   1 
ATOM   801  C CA  . ARG A 1 103 ? -4.859  -4.257  -12.442 1.00 24.88 ? 103 ARG A CA  1 
ATOM   802  C C   . ARG A 1 103 ? -4.317  -3.053  -13.199 1.00 24.24 ? 103 ARG A C   1 
ATOM   803  O O   . ARG A 1 103 ? -3.282  -2.506  -12.869 1.00 23.23 ? 103 ARG A O   1 
ATOM   804  C CB  . ARG A 1 103 ? -4.422  -4.231  -10.980 1.00 25.12 ? 103 ARG A CB  1 
ATOM   805  C CG  . ARG A 1 103 ? -4.928  -5.404  -10.159 1.00 25.90 ? 103 ARG A CG  1 
ATOM   806  C CD  . ARG A 1 103 ? -4.497  -5.333  -8.682  1.00 26.03 ? 103 ARG A CD  1 
ATOM   807  N NE  . ARG A 1 103 ? -5.062  -4.156  -8.033  1.00 28.20 ? 103 ARG A NE  1 
ATOM   808  C CZ  . ARG A 1 103 ? -4.702  -3.710  -6.834  1.00 28.92 ? 103 ARG A CZ  1 
ATOM   809  N NH1 . ARG A 1 103 ? -3.794  -4.347  -6.131  1.00 28.22 ? 103 ARG A NH1 1 
ATOM   810  N NH2 . ARG A 1 103 ? -5.307  -2.636  -6.335  1.00 28.81 ? 103 ARG A NH2 1 
ATOM   811  N N   . LYS A 1 104 ? -5.037  -2.629  -14.226 1.00 24.01 ? 104 LYS A N   1 
ATOM   812  C CA  . LYS A 1 104 ? -4.549  -1.582  -15.121 1.00 24.60 ? 104 LYS A CA  1 
ATOM   813  C C   . LYS A 1 104 ? -4.485  -0.211  -14.466 1.00 24.31 ? 104 LYS A C   1 
ATOM   814  O O   . LYS A 1 104 ? -3.624  0.590   -14.818 1.00 24.40 ? 104 LYS A O   1 
ATOM   815  C CB  . LYS A 1 104 ? -5.408  -1.503  -16.384 1.00 25.39 ? 104 LYS A CB  1 
ATOM   816  C CG  . LYS A 1 104 ? -5.437  -2.774  -17.230 1.00 29.30 ? 104 LYS A CG  1 
ATOM   817  C CD  . LYS A 1 104 ? -4.118  -3.544  -17.257 1.00 33.38 ? 104 LYS A CD  1 
ATOM   818  C CE  . LYS A 1 104 ? -4.105  -4.562  -18.400 1.00 36.34 ? 104 LYS A CE  1 
ATOM   819  N NZ  . LYS A 1 104 ? -3.094  -5.650  -18.215 1.00 39.19 ? 104 LYS A NZ  1 
ATOM   820  N N   . GLU A 1 105 ? -5.403  0.065   -13.540 1.00 24.13 ? 105 GLU A N   1 
ATOM   821  C CA  . GLU A 1 105 ? -5.416  1.331   -12.832 1.00 23.74 ? 105 GLU A CA  1 
ATOM   822  C C   . GLU A 1 105 ? -4.162  1.457   -11.965 1.00 22.96 ? 105 GLU A C   1 
ATOM   823  O O   . GLU A 1 105 ? -3.506  2.506   -11.966 1.00 22.61 ? 105 GLU A O   1 
ATOM   824  C CB  . GLU A 1 105 ? -6.671  1.501   -11.975 1.00 23.92 ? 105 GLU A CB  1 
ATOM   825  C CG  . GLU A 1 105 ? -7.936  1.765   -12.794 1.00 26.32 ? 105 GLU A CG  1 
ATOM   826  C CD  . GLU A 1 105 ? -9.075  2.384   -11.983 1.00 29.46 ? 105 GLU A CD  1 
ATOM   827  O OE1 . GLU A 1 105 ? -8.916  2.665   -10.767 1.00 31.65 ? 105 GLU A OE1 1 
ATOM   828  O OE2 . GLU A 1 105 ? -10.142 2.615   -12.597 1.00 32.09 ? 105 GLU A OE2 1 
ATOM   829  N N   . LEU A 1 106 ? -3.829  0.378   -11.267 1.00 22.45 ? 106 LEU A N   1 
ATOM   830  C CA  . LEU A 1 106 ? -2.620  0.362   -10.445 1.00 22.65 ? 106 LEU A CA  1 
ATOM   831  C C   . LEU A 1 106 ? -1.348  0.477   -11.298 1.00 23.23 ? 106 LEU A C   1 
ATOM   832  O O   . LEU A 1 106 ? -0.413  1.222   -10.964 1.00 22.75 ? 106 LEU A O   1 
ATOM   833  C CB  . LEU A 1 106 ? -2.590  -0.881  -9.570  1.00 22.67 ? 106 LEU A CB  1 
ATOM   834  C CG  . LEU A 1 106 ? -1.351  -1.048  -8.674  1.00 22.84 ? 106 LEU A CG  1 
ATOM   835  C CD1 . LEU A 1 106 ? -1.208  0.139   -7.762  1.00 22.54 ? 106 LEU A CD1 1 
ATOM   836  C CD2 . LEU A 1 106 ? -1.456  -2.315  -7.868  1.00 23.12 ? 106 LEU A CD2 1 
ATOM   837  N N   . GLU A 1 107 ? -1.335  -0.211  -12.419 1.00 23.42 ? 107 GLU A N   1 
ATOM   838  C CA  . GLU A 1 107 ? -0.201  -0.136  -13.333 1.00 25.25 ? 107 GLU A CA  1 
ATOM   839  C C   . GLU A 1 107 ? 0.001   1.298   -13.810 1.00 24.60 ? 107 GLU A C   1 
ATOM   840  O O   . GLU A 1 107 ? 1.117   1.820   -13.831 1.00 24.61 ? 107 GLU A O   1 
ATOM   841  C CB  . GLU A 1 107 ? -0.462  -1.057  -14.520 1.00 25.82 ? 107 GLU A CB  1 
ATOM   842  C CG  . GLU A 1 107 ? 0.763   -1.462  -15.323 1.00 31.51 ? 107 GLU A CG  1 
ATOM   843  C CD  . GLU A 1 107 ? 0.459   -2.654  -16.228 1.00 35.00 ? 107 GLU A CD  1 
ATOM   844  O OE1 . GLU A 1 107 ? -0.319  -2.468  -17.184 1.00 38.01 ? 107 GLU A OE1 1 
ATOM   845  O OE2 . GLU A 1 107 ? 0.956   -3.778  -15.924 1.00 40.69 ? 107 GLU A OE2 1 
ATOM   846  N N   . GLU A 1 108 ? -1.104  1.949   -14.166 1.00 23.71 ? 108 GLU A N   1 
ATOM   847  C CA  . GLU A 1 108 ? -1.064  3.341   -14.558 1.00 23.54 ? 108 GLU A CA  1 
ATOM   848  C C   . GLU A 1 108 ? -0.528  4.232   -13.432 1.00 22.92 ? 108 GLU A C   1 
ATOM   849  O O   . GLU A 1 108 ? 0.295   5.095   -13.674 1.00 22.77 ? 108 GLU A O   1 
ATOM   850  C CB  . GLU A 1 108 ? -2.450  3.843   -14.990 1.00 23.97 ? 108 GLU A CB  1 
ATOM   851  C CG  . GLU A 1 108 ? -2.464  5.345   -15.295 1.00 26.02 ? 108 GLU A CG  1 
ATOM   852  C CD  . GLU A 1 108 ? -3.768  5.834   -15.914 1.00 30.68 ? 108 GLU A CD  1 
ATOM   853  O OE1 . GLU A 1 108 ? -4.522  4.991   -16.477 1.00 31.47 ? 108 GLU A OE1 1 
ATOM   854  O OE2 . GLU A 1 108 ? -4.009  7.062   -15.834 1.00 30.59 ? 108 GLU A OE2 1 
ATOM   855  N N   . ALA A 1 109 ? -1.003  4.009   -12.211 1.00 22.61 ? 109 ALA A N   1 
ATOM   856  C CA  . ALA A 1 109 ? -0.594  4.836   -11.065 1.00 22.31 ? 109 ALA A CA  1 
ATOM   857  C C   . ALA A 1 109 ? 0.905   4.652   -10.730 1.00 22.42 ? 109 ALA A C   1 
ATOM   858  O O   . ALA A 1 109 ? 1.617   5.615   -10.436 1.00 21.16 ? 109 ALA A O   1 
ATOM   859  C CB  . ALA A 1 109 ? -1.457  4.502   -9.852  1.00 23.31 ? 109 ALA A CB  1 
ATOM   860  N N   . LEU A 1 110 ? 1.360   3.398   -10.796 1.00 23.29 ? 110 LEU A N   1 
ATOM   861  C CA  . LEU A 1 110 ? 2.763   3.070   -10.552 1.00 23.52 ? 110 LEU A CA  1 
ATOM   862  C C   . LEU A 1 110 ? 3.683   3.784   -11.530 1.00 24.51 ? 110 LEU A C   1 
ATOM   863  O O   . LEU A 1 110 ? 4.685   4.359   -11.144 1.00 23.98 ? 110 LEU A O   1 
ATOM   864  C CB  . LEU A 1 110 ? 2.969   1.566   -10.636 1.00 23.44 ? 110 LEU A CB  1 
ATOM   865  C CG  . LEU A 1 110 ? 2.456   0.777   -9.424  1.00 22.09 ? 110 LEU A CG  1 
ATOM   866  C CD1 . LEU A 1 110 ? 2.306   -0.714  -9.707  1.00 24.61 ? 110 LEU A CD1 1 
ATOM   867  C CD2 . LEU A 1 110 ? 3.353   0.991   -8.202  1.00 23.14 ? 110 LEU A CD2 1 
ATOM   868  N N   . LYS A 1 111 ? 3.350   3.735   -12.817 1.00 25.41 ? 111 LYS A N   1 
ATOM   869  C CA  . LYS A 1 111 ? 4.160   4.428   -13.810 1.00 25.53 ? 111 LYS A CA  1 
ATOM   870  C C   . LYS A 1 111 ? 4.159   5.936   -13.562 1.00 25.15 ? 111 LYS A C   1 
ATOM   871  O O   . LYS A 1 111 ? 5.200   6.596   -13.652 1.00 23.10 ? 111 LYS A O   1 
ATOM   872  C CB  . LYS A 1 111 ? 3.658   4.068   -15.215 1.00 26.87 ? 111 LYS A CB  1 
ATOM   873  C CG  . LYS A 1 111 ? 4.488   4.664   -16.329 1.00 30.74 ? 111 LYS A CG  1 
ATOM   874  C CD  . LYS A 1 111 ? 4.235   3.986   -17.660 1.00 35.41 ? 111 LYS A CD  1 
ATOM   875  C CE  . LYS A 1 111 ? 4.930   4.724   -18.792 1.00 36.78 ? 111 LYS A CE  1 
ATOM   876  N NZ  . LYS A 1 111 ? 4.413   4.250   -20.134 1.00 39.75 ? 111 LYS A NZ  1 
ATOM   877  N N   . ALA A 1 112 ? 3.000   6.486   -13.211 1.00 25.40 ? 112 ALA A N   1 
ATOM   878  C CA  . ALA A 1 112 ? 2.878   7.922   -12.987 1.00 25.65 ? 112 ALA A CA  1 
ATOM   879  C C   . ALA A 1 112 ? 3.682   8.375   -11.774 1.00 25.55 ? 112 ALA A C   1 
ATOM   880  O O   . ALA A 1 112 ? 4.125   9.503   -11.722 1.00 25.38 ? 112 ALA A O   1 
ATOM   881  C CB  . ALA A 1 112 ? 1.407   8.355   -12.850 1.00 26.10 ? 112 ALA A CB  1 
ATOM   882  N N   . GLU A 1 113 ? 3.862   7.503   -10.793 1.00 24.94 ? 113 GLU A N   1 
ATOM   883  C CA  . GLU A 1 113 ? 4.610   7.852   -9.606  1.00 24.84 ? 113 GLU A CA  1 
ATOM   884  C C   . GLU A 1 113 ? 6.034   7.281   -9.572  1.00 24.79 ? 113 GLU A C   1 
ATOM   885  O O   . GLU A 1 113 ? 6.636   7.151   -8.490  1.00 26.36 ? 113 GLU A O   1 
ATOM   886  C CB  . GLU A 1 113 ? 3.823   7.436   -8.359  1.00 24.91 ? 113 GLU A CB  1 
ATOM   887  C CG  . GLU A 1 113 ? 2.469   8.124   -8.185  1.00 26.15 ? 113 GLU A CG  1 
ATOM   888  C CD  . GLU A 1 113 ? 2.536   9.640   -8.260  1.00 29.06 ? 113 GLU A CD  1 
ATOM   889  O OE1 . GLU A 1 113 ? 3.565   10.235  -7.883  1.00 32.39 ? 113 GLU A OE1 1 
ATOM   890  O OE2 . GLU A 1 113 ? 1.562   10.272  -8.695  1.00 27.88 ? 113 GLU A OE2 1 
ATOM   891  N N   . GLY A 1 114 ? 6.596   6.982   -10.738 1.00 25.26 ? 114 GLY A N   1 
ATOM   892  C CA  . GLY A 1 114 ? 8.032   6.742   -10.859 1.00 24.90 ? 114 GLY A CA  1 
ATOM   893  C C   . GLY A 1 114 ? 8.512   5.339   -10.558 1.00 24.02 ? 114 GLY A C   1 
ATOM   894  O O   . GLY A 1 114 ? 9.705   5.112   -10.359 1.00 24.89 ? 114 GLY A O   1 
ATOM   895  N N   . PHE A 1 115 ? 7.591   4.382   -10.509 1.00 22.89 ? 115 PHE A N   1 
ATOM   896  C CA  . PHE A 1 115 ? 7.971   2.993   -10.306 1.00 21.92 ? 115 PHE A CA  1 
ATOM   897  C C   . PHE A 1 115 ? 8.302   2.317   -11.627 1.00 22.61 ? 115 PHE A C   1 
ATOM   898  O O   . PHE A 1 115 ? 7.698   2.609   -12.669 1.00 23.32 ? 115 PHE A O   1 
ATOM   899  C CB  . PHE A 1 115 ? 6.857   2.196   -9.636  1.00 22.30 ? 115 PHE A CB  1 
ATOM   900  C CG  . PHE A 1 115 ? 6.665   2.510   -8.186  1.00 22.64 ? 115 PHE A CG  1 
ATOM   901  C CD1 . PHE A 1 115 ? 6.116   3.729   -7.794  1.00 21.40 ? 115 PHE A CD1 1 
ATOM   902  C CD2 . PHE A 1 115 ? 7.023   1.585   -7.208  1.00 23.91 ? 115 PHE A CD2 1 
ATOM   903  C CE1 . PHE A 1 115 ? 5.917   3.996   -6.473  1.00 22.54 ? 115 PHE A CE1 1 
ATOM   904  C CE2 . PHE A 1 115 ? 6.848   1.868   -5.888  1.00 23.12 ? 115 PHE A CE2 1 
ATOM   905  C CZ  . PHE A 1 115 ? 6.324   3.079   -5.511  1.00 22.94 ? 115 PHE A CZ  1 
ATOM   906  N N   . ALA A 1 116 ? 9.273   1.418   -11.576 1.00 22.35 ? 116 ALA A N   1 
ATOM   907  C CA  . ALA A 1 116 ? 9.649   0.577   -12.722 1.00 22.47 ? 116 ALA A CA  1 
ATOM   908  C C   . ALA A 1 116 ? 9.150   -0.853  -12.556 1.00 22.64 ? 116 ALA A C   1 
ATOM   909  O O   . ALA A 1 116 ? 9.047   -1.391  -11.425 1.00 22.15 ? 116 ALA A O   1 
ATOM   910  C CB  . ALA A 1 116 ? 11.168  0.596   -12.904 1.00 23.55 ? 116 ALA A CB  1 
ATOM   911  N N   . LEU A 1 117 ? 8.858   -1.513  -13.683 1.00 22.29 ? 117 LEU A N   1 
ATOM   912  C CA  . LEU A 1 117 ? 8.410   -2.902  -13.628 1.00 23.91 ? 117 LEU A CA  1 
ATOM   913  C C   . LEU A 1 117 ? 9.506   -3.884  -14.012 1.00 25.05 ? 117 LEU A C   1 
ATOM   914  O O   . LEU A 1 117 ? 9.262   -5.075  -14.247 1.00 26.73 ? 117 LEU A O   1 
ATOM   915  C CB  . LEU A 1 117 ? 7.180   -3.092  -14.518 1.00 24.24 ? 117 LEU A CB  1 
ATOM   916  C CG  . LEU A 1 117 ? 5.986   -2.198  -14.187 1.00 24.90 ? 117 LEU A CG  1 
ATOM   917  C CD1 . LEU A 1 117 ? 4.818   -2.573  -15.097 1.00 27.87 ? 117 LEU A CD1 1 
ATOM   918  C CD2 . LEU A 1 117 ? 5.607   -2.278  -12.727 1.00 26.80 ? 117 LEU A CD2 1 
ATOM   919  N N   . GLY A 1 118 ? 10.730  -3.395  -14.086 1.00 25.94 ? 118 GLY A N   1 
ATOM   920  C CA  . GLY A 1 118 ? 11.865  -4.240  -14.389 1.00 26.55 ? 118 GLY A CA  1 
ATOM   921  C C   . GLY A 1 118 ? 13.127  -3.479  -14.081 1.00 27.02 ? 118 GLY A C   1 
ATOM   922  O O   . GLY A 1 118 ? 13.036  -2.296  -13.695 1.00 26.82 ? 118 GLY A O   1 
ATOM   923  N N   . PRO A 1 119 ? 14.293  -4.114  -14.223 1.00 26.98 ? 119 PRO A N   1 
ATOM   924  C CA  . PRO A 1 119 ? 14.454  -5.467  -14.782 1.00 26.81 ? 119 PRO A CA  1 
ATOM   925  C C   . PRO A 1 119 ? 14.241  -6.596  -13.780 1.00 26.46 ? 119 PRO A C   1 
ATOM   926  O O   . PRO A 1 119 ? 14.072  -7.747  -14.221 1.00 26.18 ? 119 PRO A O   1 
ATOM   927  C CB  . PRO A 1 119 ? 15.924  -5.461  -15.240 1.00 27.27 ? 119 PRO A CB  1 
ATOM   928  C CG  . PRO A 1 119 ? 16.603  -4.588  -14.177 1.00 27.77 ? 119 PRO A CG  1 
ATOM   929  C CD  . PRO A 1 119 ? 15.584  -3.525  -13.818 1.00 27.56 ? 119 PRO A CD  1 
ATOM   930  N N   . LEU A 1 120 ? 14.259  -6.286  -12.485 1.00 26.79 ? 120 LEU A N   1 
ATOM   931  C CA  . LEU A 1 120 ? 14.051  -7.309  -11.457 1.00 27.06 ? 120 LEU A CA  1 
ATOM   932  C C   . LEU A 1 120 ? 12.689  -7.968  -11.649 1.00 25.99 ? 120 LEU A C   1 
ATOM   933  O O   . LEU A 1 120 ? 11.731  -7.319  -12.026 1.00 25.83 ? 120 LEU A O   1 
ATOM   934  C CB  . LEU A 1 120 ? 14.176  -6.744  -10.047 1.00 28.25 ? 120 LEU A CB  1 
ATOM   935  C CG  . LEU A 1 120 ? 15.508  -6.758  -9.283  1.00 30.34 ? 120 LEU A CG  1 
ATOM   936  C CD1 . LEU A 1 120 ? 16.688  -6.863  -10.134 1.00 30.47 ? 120 LEU A CD1 1 
ATOM   937  C CD2 . LEU A 1 120 ? 15.603  -5.588  -8.309  1.00 32.06 ? 120 LEU A CD2 1 
ATOM   938  N N   . VAL A 1 121 ? 12.651  -9.270  -11.390 1.00 25.38 ? 121 VAL A N   1 
ATOM   939  C CA  . VAL A 1 121 ? 11.512  -10.141 -11.673 1.00 26.27 ? 121 VAL A CA  1 
ATOM   940  C C   . VAL A 1 121 ? 11.100  -10.716 -10.323 1.00 26.57 ? 121 VAL A C   1 
ATOM   941  O O   . VAL A 1 121 ? 11.936  -10.863 -9.422  1.00 27.60 ? 121 VAL A O   1 
ATOM   942  C CB  . VAL A 1 121 ? 11.953  -11.266 -12.660 1.00 26.41 ? 121 VAL A CB  1 
ATOM   943  C CG1 . VAL A 1 121 ? 10.975  -12.436 -12.706 1.00 28.14 ? 121 VAL A CG1 1 
ATOM   944  C CG2 . VAL A 1 121 ? 12.148  -10.662 -14.061 1.00 28.99 ? 121 VAL A CG2 1 
ATOM   945  N N   . LEU A 1 122 ? 9.815   -10.981 -10.144 1.00 25.32 ? 122 LEU A N   1 
ATOM   946  C CA  . LEU A 1 122 ? 9.342   -11.618 -8.908  1.00 24.36 ? 122 LEU A CA  1 
ATOM   947  C C   . LEU A 1 122 ? 9.264   -13.121 -9.097  1.00 23.42 ? 122 LEU A C   1 
ATOM   948  O O   . LEU A 1 122 ? 8.599   -13.611 -10.003 1.00 23.82 ? 122 LEU A O   1 
ATOM   949  C CB  . LEU A 1 122 ? 7.966   -11.093 -8.529  1.00 24.37 ? 122 LEU A CB  1 
ATOM   950  C CG  . LEU A 1 122 ? 7.339   -11.646 -7.241  1.00 26.88 ? 122 LEU A CG  1 
ATOM   951  C CD1 . LEU A 1 122 ? 8.202   -11.294 -6.045  1.00 26.55 ? 122 LEU A CD1 1 
ATOM   952  C CD2 . LEU A 1 122 ? 5.924   -11.105 -7.092  1.00 28.16 ? 122 LEU A CD2 1 
ATOM   953  N N   . ALA A 1 123 ? 9.938   -13.855 -8.227  1.00 22.07 ? 123 ALA A N   1 
ATOM   954  C CA  . ALA A 1 123 ? 9.793   -15.297 -8.168  1.00 21.40 ? 123 ALA A CA  1 
ATOM   955  C C   . ALA A 1 123 ? 9.010   -15.692 -6.909  1.00 22.01 ? 123 ALA A C   1 
ATOM   956  O O   . ALA A 1 123 ? 9.298   -15.209 -5.810  1.00 22.11 ? 123 ALA A O   1 
ATOM   957  C CB  . ALA A 1 123 ? 11.163  -15.986 -8.223  1.00 22.10 ? 123 ALA A CB  1 
ATOM   958  N N   . VAL A 1 124 ? 7.977   -16.515 -7.097  1.00 21.45 ? 124 VAL A N   1 
ATOM   959  C CA  . VAL A 1 124 ? 7.100   -16.932 -6.024  1.00 22.93 ? 124 VAL A CA  1 
ATOM   960  C C   . VAL A 1 124 ? 6.826   -18.411 -6.049  1.00 22.01 ? 124 VAL A C   1 
ATOM   961  O O   . VAL A 1 124 ? 6.587   -19.007 -7.100  1.00 22.11 ? 124 VAL A O   1 
ATOM   962  C CB  . VAL A 1 124 ? 5.740   -16.163 -6.013  1.00 23.76 ? 124 VAL A CB  1 
ATOM   963  C CG1 . VAL A 1 124 ? 4.924   -16.549 -4.774  1.00 26.69 ? 124 VAL A CG1 1 
ATOM   964  C CG2 . VAL A 1 124 ? 5.989   -14.705 -5.961  1.00 26.37 ? 124 VAL A CG2 1 
ATOM   965  N N   . ARG A 1 125 ? 6.887   -19.028 -4.868  1.00 22.38 ? 125 ARG A N   1 
ATOM   966  C CA  . ARG A 1 125 ? 6.343   -20.354 -4.677  1.00 21.98 ? 125 ARG A CA  1 
ATOM   967  C C   . ARG A 1 125 ? 5.261   -20.336 -3.609  1.00 22.39 ? 125 ARG A C   1 
ATOM   968  O O   . ARG A 1 125 ? 5.535   -20.082 -2.424  1.00 21.25 ? 125 ARG A O   1 
ATOM   969  C CB  . ARG A 1 125 ? 7.404   -21.371 -4.307  1.00 22.22 ? 125 ARG A CB  1 
ATOM   970  C CG  . ARG A 1 125 ? 6.820   -22.759 -4.257  1.00 23.38 ? 125 ARG A CG  1 
ATOM   971  C CD  . ARG A 1 125 ? 7.818   -23.831 -4.162  1.00 23.64 ? 125 ARG A CD  1 
ATOM   972  N NE  . ARG A 1 125 ? 7.236   -25.012 -3.548  1.00 24.19 ? 125 ARG A NE  1 
ATOM   973  C CZ  . ARG A 1 125 ? 7.948   -26.070 -3.244  1.00 27.32 ? 125 ARG A CZ  1 
ATOM   974  N NH1 . ARG A 1 125 ? 9.267   -26.097 -3.494  1.00 28.59 ? 125 ARG A NH1 1 
ATOM   975  N NH2 . ARG A 1 125 ? 7.349   -27.086 -2.669  1.00 29.22 ? 125 ARG A NH2 1 
ATOM   976  N N   . VAL A 1 126 ? 4.022   -20.648 -4.013  1.00 22.44 ? 126 VAL A N   1 
ATOM   977  C CA  . VAL A 1 126 ? 2.936   -20.703 -3.038  1.00 22.07 ? 126 VAL A CA  1 
ATOM   978  C C   . VAL A 1 126 ? 2.939   -22.097 -2.401  1.00 21.38 ? 126 VAL A C   1 
ATOM   979  O O   . VAL A 1 126 ? 2.867   -23.121 -3.074  1.00 21.39 ? 126 VAL A O   1 
ATOM   980  C CB  . VAL A 1 126 ? 1.559   -20.374 -3.675  1.00 22.37 ? 126 VAL A CB  1 
ATOM   981  C CG1 . VAL A 1 126 ? 0.398   -20.671 -2.678  1.00 22.43 ? 126 VAL A CG1 1 
ATOM   982  C CG2 . VAL A 1 126 ? 1.521   -18.939 -4.186  1.00 23.47 ? 126 VAL A CG2 1 
ATOM   983  N N   . LEU A 1 127 ? 3.054   -22.121 -1.076  1.00 21.19 ? 127 LEU A N   1 
ATOM   984  C CA  . LEU A 1 127 ? 3.006   -23.338 -0.290  1.00 21.17 ? 127 LEU A CA  1 
ATOM   985  C C   . LEU A 1 127 ? 1.588   -23.685 0.146   1.00 21.97 ? 127 LEU A C   1 
ATOM   986  O O   . LEU A 1 127 ? 1.241   -24.856 0.269   1.00 22.93 ? 127 LEU A O   1 
ATOM   987  C CB  . LEU A 1 127 ? 3.859   -23.145 0.997   1.00 22.46 ? 127 LEU A CB  1 
ATOM   988  C CG  . LEU A 1 127 ? 5.312   -22.740 0.747   1.00 22.05 ? 127 LEU A CG  1 
ATOM   989  C CD1 . LEU A 1 127 ? 6.172   -22.803 2.057   1.00 21.80 ? 127 LEU A CD1 1 
ATOM   990  C CD2 . LEU A 1 127 ? 5.948   -23.589 -0.326  1.00 22.62 ? 127 LEU A CD2 1 
ATOM   991  N N   . GLY A 1 128 ? 0.827   -22.655 0.478   1.00 22.56 ? 128 GLY A N   1 
ATOM   992  C CA  . GLY A 1 128 ? -0.545  -22.821 0.918   1.00 23.41 ? 128 GLY A CA  1 
ATOM   993  C C   . GLY A 1 128 ? -0.701  -22.712 2.415   1.00 25.11 ? 128 GLY A C   1 
ATOM   994  O O   . GLY A 1 128 ? 0.271   -22.496 3.158   1.00 24.18 ? 128 GLY A O   1 
ATOM   995  N N   . SER A 1 129 ? -1.947  -22.835 2.844   1.00 26.18 ? 129 SER A N   1 
ATOM   996  C CA  . SER A 1 129 ? -2.294  -22.732 4.253   1.00 28.18 ? 129 SER A CA  1 
ATOM   997  C C   . SER A 1 129 ? -2.427  -24.090 4.894   1.00 28.23 ? 129 SER A C   1 
ATOM   998  O O   . SER A 1 129 ? -2.702  -25.100 4.241   1.00 24.76 ? 129 SER A O   1 
ATOM   999  C CB  . SER A 1 129 ? -3.620  -21.994 4.381   1.00 29.18 ? 129 SER A CB  1 
ATOM   1000 O OG  . SER A 1 129 ? -3.514  -20.737 3.728   1.00 34.18 ? 129 SER A OG  1 
ATOM   1001 N N   . ARG A 1 130 ? -2.235  -24.119 6.206   1.00 30.41 ? 130 ARG A N   1 
ATOM   1002 C CA  . ARG A 1 130 ? -2.569  -25.325 6.990   1.00 32.07 ? 130 ARG A CA  1 
ATOM   1003 C C   . ARG A 1 130 ? -4.061  -25.704 7.017   1.00 33.39 ? 130 ARG A C   1 
ATOM   1004 O O   . ARG A 1 130 ? -4.928  -24.841 6.782   1.00 34.52 ? 130 ARG A O   1 
ATOM   1005 C CB  . ARG A 1 130 ? -2.070  -25.142 8.419   1.00 33.32 ? 130 ARG A CB  1 
ATOM   1006 C CG  . ARG A 1 130 ? -0.551  -25.266 8.521   1.00 34.09 ? 130 ARG A CG  1 
ATOM   1007 C CD  . ARG A 1 130 ? -0.065  -25.780 9.889   1.00 37.80 ? 130 ARG A CD  1 
ATOM   1008 N NE  . ARG A 1 130 ? 1.362   -26.123 9.875   1.00 38.21 ? 130 ARG A NE  1 
ATOM   1009 C CZ  . ARG A 1 130 ? 2.330   -25.457 10.524  1.00 36.43 ? 130 ARG A CZ  1 
ATOM   1010 N NH1 . ARG A 1 130 ? 2.060   -24.416 11.295  1.00 34.92 ? 130 ARG A NH1 1 
ATOM   1011 N NH2 . ARG A 1 130 ? 3.588   -25.879 10.428  1.00 37.05 ? 130 ARG A NH2 1 
HETATM 1012 O O   . HOH B 2 .   ? -0.614  11.830  5.098   1.00 34.15 ? 142 HOH A O   1 
HETATM 1013 O O   . HOH B 2 .   ? -1.929  4.462   9.280   1.00 24.26 ? 143 HOH A O   1 
HETATM 1014 O O   . HOH B 2 .   ? 0.852   6.427   8.431   1.00 29.19 ? 144 HOH A O   1 
HETATM 1015 O O   . HOH B 2 .   ? -0.274  5.452   11.357  1.00 34.28 ? 145 HOH A O   1 
HETATM 1016 O O   . HOH B 2 .   ? -2.414  5.820   12.889  1.00 35.54 ? 146 HOH A O   1 
HETATM 1017 O O   . HOH B 2 .   ? 1.421   7.485   11.433  1.00 38.91 ? 147 HOH A O   1 
HETATM 1018 O O   . HOH B 2 .   ? 1.291   3.696   9.255   1.00 22.50 ? 148 HOH A O   1 
HETATM 1019 O O   . HOH B 2 .   ? -6.025  3.291   16.709  1.00 43.74 ? 149 HOH A O   1 
HETATM 1020 O O   . HOH B 2 .   ? -14.585 3.206   9.877   1.00 36.14 ? 150 HOH A O   1 
HETATM 1021 O O   . HOH B 2 .   ? -9.359  7.998   12.710  1.00 42.12 ? 151 HOH A O   1 
HETATM 1022 O O   . HOH B 2 .   ? -14.830 1.013   12.108  1.00 41.94 ? 152 HOH A O   1 
HETATM 1023 O O   . HOH B 2 .   ? -14.760 -3.397  -1.249  1.00 42.88 ? 153 HOH A O   1 
HETATM 1024 O O   . HOH B 2 .   ? -6.393  -9.053  7.807   1.00 30.07 ? 154 HOH A O   1 
HETATM 1025 O O   . HOH B 2 .   ? -5.072  -7.377  4.254   1.00 41.25 ? 155 HOH A O   1 
HETATM 1026 O O   . HOH B 2 .   ? -7.682  -9.202  14.751  1.00 40.16 ? 156 HOH A O   1 
HETATM 1027 O O   . HOH B 2 .   ? -1.754  0.549   16.209  1.00 33.77 ? 157 HOH A O   1 
HETATM 1028 O O   . HOH B 2 .   ? 4.143   -2.326  12.830  1.00 33.37 ? 158 HOH A O   1 
HETATM 1029 O O   . HOH B 2 .   ? 7.326   -0.804  9.239   1.00 23.50 ? 159 HOH A O   1 
HETATM 1030 O O   . HOH B 2 .   ? 8.376   1.191   10.479  1.00 37.09 ? 160 HOH A O   1 
HETATM 1031 O O   . HOH B 2 .   ? 7.793   4.922   9.900   1.00 33.02 ? 161 HOH A O   1 
HETATM 1032 O O   . HOH B 2 .   ? 7.865   -4.786  9.133   1.00 31.32 ? 162 HOH A O   1 
HETATM 1033 O O   . HOH B 2 .   ? 18.290  -6.039  -0.738  1.00 39.28 ? 163 HOH A O   1 
HETATM 1034 O O   . HOH B 2 .   ? 21.297  -3.599  2.208   1.00 30.07 ? 164 HOH A O   1 
HETATM 1035 O O   . HOH B 2 .   ? 21.211  -0.762  9.254   1.00 45.57 ? 165 HOH A O   1 
HETATM 1036 O O   . HOH B 2 .   ? 17.699  2.324   3.614   1.00 24.08 ? 166 HOH A O   1 
HETATM 1037 O O   . HOH B 2 .   ? -12.875 0.345   -8.175  1.00 67.67 ? 167 HOH A O   1 
HETATM 1038 O O   . HOH B 2 .   ? -9.350  6.244   -12.469 1.00 36.71 ? 168 HOH A O   1 
HETATM 1039 O O   . HOH B 2 .   ? -8.549  8.988   -11.294 1.00 32.62 ? 169 HOH A O   1 
HETATM 1040 O O   . HOH B 2 .   ? 3.540   10.439  3.664   1.00 26.56 ? 170 HOH A O   1 
HETATM 1041 O O   . HOH B 2 .   ? 1.470   12.203  3.081   1.00 35.65 ? 171 HOH A O   1 
HETATM 1042 O O   . HOH B 2 .   ? 5.008   14.936  -4.855  1.00 53.49 ? 172 HOH A O   1 
HETATM 1043 O O   . HOH B 2 .   ? 12.620  13.363  3.506   1.00 47.61 ? 173 HOH A O   1 
HETATM 1044 O O   . HOH B 2 .   ? -1.571  -6.336  -7.107  1.00 30.44 ? 174 HOH A O   1 
HETATM 1045 O O   . HOH B 2 .   ? 0.828   6.194   -16.068 1.00 39.90 ? 175 HOH A O   1 
HETATM 1046 O O   . HOH B 2 .   ? 3.420   12.791  -8.856  1.00 46.00 ? 176 HOH A O   1 
HETATM 1047 O O   . HOH B 2 .   ? 5.846   1.591   -14.427 1.00 35.49 ? 177 HOH A O   1 
HETATM 1048 O O   . HOH B 2 .   ? 8.921   -7.355  -12.842 1.00 38.52 ? 178 HOH A O   1 
HETATM 1049 O O   . HOH B 2 .   ? 13.635  -3.601  -10.900 1.00 36.92 ? 179 HOH A O   1 
HETATM 1050 O O   . HOH B 2 .   ? 13.306  -8.348  -16.660 1.00 41.85 ? 180 HOH A O   1 
HETATM 1051 O O   . HOH B 2 .   ? 4.415   -25.371 -3.283  1.00 30.43 ? 181 HOH A O   1 
HETATM 1052 O O   . HOH B 2 .   ? -5.188  15.353  -3.289  1.00 34.52 ? 182 HOH A O   1 
HETATM 1053 O O   . HOH B 2 .   ? -5.520  13.873  -5.541  1.00 35.21 ? 183 HOH A O   1 
HETATM 1054 O O   . HOH B 2 .   ? -3.786  6.555   17.263  1.00 39.14 ? 184 HOH A O   1 
HETATM 1055 O O   . HOH B 2 .   ? -17.100 4.173   9.187   1.00 51.27 ? 185 HOH A O   1 
HETATM 1056 O O   . HOH B 2 .   ? -10.961 -4.586  -2.675  1.00 50.92 ? 186 HOH A O   1 
HETATM 1057 O O   . HOH B 2 .   ? -11.640 -8.943  -3.332  1.00 43.45 ? 187 HOH A O   1 
HETATM 1058 O O   . HOH B 2 .   ? -9.586  -7.027  -2.677  1.00 55.21 ? 188 HOH A O   1 
HETATM 1059 O O   . HOH B 2 .   ? -12.354 -7.599  9.165   1.00 41.07 ? 189 HOH A O   1 
HETATM 1060 O O   . HOH B 2 .   ? -11.090 -7.864  13.470  1.00 37.13 ? 190 HOH A O   1 
HETATM 1061 O O   . HOH B 2 .   ? -1.468  -6.303  15.575  1.00 45.23 ? 191 HOH A O   1 
HETATM 1062 O O   . HOH B 2 .   ? -2.624  4.669   15.525  1.00 36.73 ? 192 HOH A O   1 
HETATM 1063 O O   . HOH B 2 .   ? 8.341   7.262   7.936   1.00 35.89 ? 193 HOH A O   1 
HETATM 1064 O O   . HOH B 2 .   ? 12.967  -6.647  8.601   1.00 22.30 ? 194 HOH A O   1 
HETATM 1065 O O   . HOH B 2 .   ? 23.080  -1.737  1.141   1.00 49.76 ? 195 HOH A O   1 
HETATM 1066 O O   . HOH B 2 .   ? 16.622  -1.564  -0.012  1.00 39.44 ? 196 HOH A O   1 
HETATM 1067 O O   . HOH B 2 .   ? 18.287  0.825   6.853   1.00 37.74 ? 197 HOH A O   1 
HETATM 1068 O O   . HOH B 2 .   ? 4.285   -7.610  1.908   1.00 47.79 ? 198 HOH A O   1 
HETATM 1069 O O   . HOH B 2 .   ? -3.731  11.796  -6.182  1.00 33.42 ? 199 HOH A O   1 
HETATM 1070 O O   . HOH B 2 .   ? 4.331   10.379  6.193   1.00 33.72 ? 200 HOH A O   1 
HETATM 1071 O O   . HOH B 2 .   ? 15.541  7.611   1.455   1.00 36.89 ? 201 HOH A O   1 
HETATM 1072 O O   . HOH B 2 .   ? 20.067  3.366   2.484   1.00 34.03 ? 202 HOH A O   1 
HETATM 1073 O O   . HOH B 2 .   ? 2.677   -6.239  -2.806  1.00 37.66 ? 203 HOH A O   1 
HETATM 1074 O O   . HOH B 2 .   ? 1.820   -8.410  -1.880  1.00 45.68 ? 204 HOH A O   1 
HETATM 1075 O O   . HOH B 2 .   ? -2.436  0.707   -17.214 1.00 47.04 ? 205 HOH A O   1 
HETATM 1076 O O   . HOH B 2 .   ? 11.155  7.397   -10.470 1.00 32.48 ? 206 HOH A O   1 
HETATM 1077 O O   . HOH B 2 .   ? 9.118   -0.313  -16.204 1.00 36.56 ? 207 HOH A O   1 
HETATM 1078 O O   . HOH B 2 .   ? 11.135  -4.733  -11.064 1.00 28.57 ? 208 HOH A O   1 
HETATM 1079 O O   . HOH B 2 .   ? 16.667  -2.852  -17.814 1.00 58.92 ? 209 HOH A O   1 
HETATM 1080 O O   . HOH B 2 .   ? 2.330   -27.108 -0.722  1.00 27.56 ? 210 HOH A O   1 
HETATM 1081 O O   . HOH B 2 .   ? 3.920   8.355   8.309   1.00 41.19 ? 211 HOH A O   1 
HETATM 1082 O O   . HOH B 2 .   ? -2.390  8.342   13.657  1.00 35.54 ? 212 HOH A O   1 
HETATM 1083 O O   . HOH B 2 .   ? -11.737 8.224   11.594  1.00 44.17 ? 213 HOH A O   1 
HETATM 1084 O O   . HOH B 2 .   ? 6.483   -2.745  11.064  1.00 40.86 ? 214 HOH A O   1 
HETATM 1085 O O   . HOH B 2 .   ? 22.915  -5.760  2.824   1.00 49.06 ? 215 HOH A O   1 
HETATM 1086 O O   . HOH B 2 .   ? 18.994  1.204   9.734   1.00 69.94 ? 216 HOH A O   1 
HETATM 1087 O O   . HOH B 2 .   ? -11.071 9.699   -7.971  1.00 42.60 ? 217 HOH A O   1 
HETATM 1088 O O   . HOH B 2 .   ? 0.182   4.350   -18.064 1.00 48.87 ? 218 HOH A O   1 
HETATM 1089 O O   . HOH B 2 .   ? -5.572  5.949   -18.817 1.00 55.85 ? 219 HOH A O   1 
HETATM 1090 O O   . HOH B 2 .   ? 0.658   11.685  7.676   1.00 41.86 ? 220 HOH A O   1 
HETATM 1091 O O   . HOH B 2 .   ? -5.530  10.090  10.933  1.00 29.25 ? 221 HOH A O   1 
HETATM 1092 O O   . HOH B 2 .   ? -7.784  10.280  12.301  1.00 35.56 ? 222 HOH A O   1 
HETATM 1093 O O   . HOH B 2 .   ? -3.559  10.402  12.612  1.00 40.95 ? 223 HOH A O   1 
HETATM 1094 O O   . HOH B 2 .   ? -11.127 -0.892  18.091  1.00 47.74 ? 224 HOH A O   1 
HETATM 1095 O O   . HOH B 2 .   ? -12.703 1.618   18.075  1.00 59.54 ? 225 HOH A O   1 
HETATM 1096 O O   . HOH B 2 .   ? -14.624 -7.064  5.143   1.00 47.56 ? 226 HOH A O   1 
HETATM 1097 O O   . HOH B 2 .   ? -17.407 6.925   6.133   1.00 52.68 ? 227 HOH A O   1 
HETATM 1098 O O   . HOH B 2 .   ? -11.158 -0.419  -3.221  1.00 44.24 ? 228 HOH A O   1 
HETATM 1099 O O   . HOH B 2 .   ? -15.426 -5.713  1.920   1.00 59.83 ? 229 HOH A O   1 
HETATM 1100 O O   . HOH B 2 .   ? -16.783 -9.275  1.128   1.00 35.76 ? 230 HOH A O   1 
HETATM 1101 O O   . HOH B 2 .   ? -14.788 -8.080  7.770   1.00 46.10 ? 231 HOH A O   1 
HETATM 1102 O O   . HOH B 2 .   ? -7.996  -11.108 8.272   1.00 46.56 ? 232 HOH A O   1 
HETATM 1103 O O   . HOH B 2 .   ? -5.405  -6.553  17.780  1.00 53.86 ? 233 HOH A O   1 
HETATM 1104 O O   . HOH B 2 .   ? -13.894 8.133   4.766   1.00 59.73 ? 234 HOH A O   1 
HETATM 1105 O O   . HOH B 2 .   ? -11.298 14.111  2.317   1.00 33.51 ? 235 HOH A O   1 
HETATM 1106 O O   . HOH B 2 .   ? 13.964  -5.749  11.349  1.00 50.64 ? 236 HOH A O   1 
HETATM 1107 O O   . HOH B 2 .   ? 24.462  -3.998  8.770   1.00 39.22 ? 237 HOH A O   1 
HETATM 1108 O O   . HOH B 2 .   ? 21.408  -0.099  -0.836  1.00 43.82 ? 238 HOH A O   1 
HETATM 1109 O O   . HOH B 2 .   ? -2.183  -4.972  -3.584  1.00 28.03 ? 239 HOH A O   1 
HETATM 1110 O O   . HOH B 2 .   ? -8.981  -1.794  -5.300  1.00 38.80 ? 240 HOH A O   1 
HETATM 1111 O O   . HOH B 2 .   ? -7.610  -1.547  -12.372 1.00 57.43 ? 241 HOH A O   1 
HETATM 1112 O O   . HOH B 2 .   ? -6.129  -1.501  -10.516 1.00 36.46 ? 242 HOH A O   1 
HETATM 1113 O O   . HOH B 2 .   ? -3.931  10.409  -12.978 1.00 41.04 ? 243 HOH A O   1 
HETATM 1114 O O   . HOH B 2 .   ? -2.757  12.157  -8.691  1.00 40.42 ? 244 HOH A O   1 
HETATM 1115 O O   . HOH B 2 .   ? 5.902   11.500  -2.281  1.00 35.42 ? 245 HOH A O   1 
HETATM 1116 O O   . HOH B 2 .   ? 6.711   10.851  6.874   1.00 40.70 ? 246 HOH A O   1 
HETATM 1117 O O   . HOH B 2 .   ? 8.934   15.060  3.429   1.00 60.14 ? 247 HOH A O   1 
HETATM 1118 O O   . HOH B 2 .   ? 8.115   14.784  7.266   1.00 57.90 ? 248 HOH A O   1 
HETATM 1119 O O   . HOH B 2 .   ? -2.302  -11.962 -12.447 1.00 47.82 ? 249 HOH A O   1 
HETATM 1120 O O   . HOH B 2 .   ? 3.428   0.446   -14.518 1.00 38.53 ? 250 HOH A O   1 
HETATM 1121 O O   . HOH B 2 .   ? 0.490   1.622   -17.584 1.00 55.90 ? 251 HOH A O   1 
HETATM 1122 O O   . HOH B 2 .   ? 11.997  3.806   -10.936 1.00 40.78 ? 252 HOH A O   1 
HETATM 1123 O O   . HOH B 2 .   ? 14.556  0.065   -13.760 1.00 45.81 ? 253 HOH A O   1 
HETATM 1124 O O   . HOH B 2 .   ? -5.863  -11.143 -11.622 1.00 59.00 ? 254 HOH A O   1 
HETATM 1125 O O   . HOH B 2 .   ? 10.302  2.662   8.997   1.00 25.48 ? 255 HOH A O   1 
HETATM 1126 O O   . HOH B 2 .   ? 12.767  2.103   8.603   1.00 40.30 ? 256 HOH A O   1 
HETATM 1127 O O   . HOH B 2 .   ? 1.533   15.789  -5.516  1.00 68.94 ? 257 HOH A O   1 
HETATM 1128 O O   . HOH B 2 .   ? 7.078   1.461   -16.776 1.00 60.90 ? 258 HOH A O   1 
HETATM 1129 O O   . HOH B 2 .   ? 12.909  -10.481 -17.616 1.00 54.87 ? 259 HOH A O   1 
HETATM 1130 O O   . HOH B 2 .   ? -3.737  8.824   16.242  1.00 42.43 ? 260 HOH A O   1 
HETATM 1131 O O   . HOH B 2 .   ? -11.945 10.708  10.285  1.00 36.47 ? 261 HOH A O   1 
HETATM 1132 O O   . HOH B 2 .   ? -12.407 11.640  7.800   1.00 40.42 ? 262 HOH A O   1 
HETATM 1133 O O   . HOH B 2 .   ? -9.023  21.140  -2.033  1.00 43.11 ? 263 HOH A O   1 
HETATM 1134 O O   . HOH B 2 .   ? -1.882  12.375  12.083  1.00 40.01 ? 264 HOH A O   1 
HETATM 1135 O O   . HOH B 2 .   ? -13.318 0.203   15.140  1.00 52.84 ? 265 HOH A O   1 
HETATM 1136 O O   . HOH B 2 .   ? -15.269 -3.660  9.386   1.00 39.07 ? 266 HOH A O   1 
HETATM 1137 O O   . HOH B 2 .   ? -7.896  -10.845 4.370   1.00 52.79 ? 267 HOH A O   1 
HETATM 1138 O O   . HOH B 2 .   ? 1.300   4.630   15.655  1.00 51.47 ? 268 HOH A O   1 
HETATM 1139 O O   . HOH B 2 .   ? 1.659   1.758   19.053  1.00 56.88 ? 269 HOH A O   1 
HETATM 1140 O O   . HOH B 2 .   ? 19.788  -3.708  0.041   1.00 42.64 ? 270 HOH A O   1 
HETATM 1141 O O   . HOH B 2 .   ? -12.007 3.713   -11.391 1.00 52.98 ? 271 HOH A O   1 
HETATM 1142 O O   . HOH B 2 .   ? -11.161 13.851  -7.117  1.00 46.19 ? 272 HOH A O   1 
HETATM 1143 O O   . HOH B 2 .   ? -0.390  11.747  -1.100  1.00 36.78 ? 273 HOH A O   1 
HETATM 1144 O O   . HOH B 2 .   ? 5.981   10.490  -6.944  1.00 37.76 ? 274 HOH A O   1 
HETATM 1145 O O   . HOH B 2 .   ? 8.157   12.317  -1.377  1.00 41.37 ? 275 HOH A O   1 
HETATM 1146 O O   . HOH B 2 .   ? -8.226  -3.103  -14.549 1.00 53.06 ? 276 HOH A O   1 
HETATM 1147 O O   . HOH B 2 .   ? 15.424  -2.282  -9.225  1.00 50.19 ? 277 HOH A O   1 
HETATM 1148 O O   . HOH B 2 .   ? 8.893   -29.448 -1.846  1.00 46.03 ? 278 HOH A O   1 
HETATM 1149 O O   . HOH B 2 .   ? -1.081  -1.181  18.478  1.00 57.08 ? 279 HOH A O   1 
HETATM 1150 O O   . HOH B 2 .   ? 19.969  -7.909  -0.485  1.00 42.55 ? 280 HOH A O   1 
HETATM 1151 O O   . HOH B 2 .   ? 6.167   4.882   -22.140 1.00 63.89 ? 281 HOH A O   1 
HETATM 1152 O O   . HOH B 2 .   ? -10.995 16.007  0.311   1.00 48.64 ? 282 HOH A O   1 
HETATM 1153 O O   . HOH B 2 .   ? -17.033 -4.062  6.629   1.00 59.17 ? 283 HOH A O   1 
HETATM 1154 O O   . HOH B 2 .   ? -8.724  -6.146  20.889  1.00 56.79 ? 284 HOH A O   1 
HETATM 1155 O O   . HOH B 2 .   ? -17.656 11.661  -1.658  1.00 61.31 ? 285 HOH A O   1 
HETATM 1156 O O   . HOH B 2 .   ? 17.643  -4.573  12.715  1.00 50.48 ? 286 HOH A O   1 
HETATM 1157 O O   . HOH B 2 .   ? 14.247  -1.263  9.160   1.00 53.45 ? 287 HOH A O   1 
HETATM 1158 O O   . HOH B 2 .   ? 13.971  -4.907  -1.498  1.00 46.81 ? 288 HOH A O   1 
HETATM 1159 O O   . HOH B 2 .   ? -7.593  -5.620  -6.075  1.00 55.56 ? 289 HOH A O   1 
HETATM 1160 O O   . HOH B 2 .   ? -7.897  -3.736  -8.402  1.00 53.18 ? 290 HOH A O   1 
HETATM 1161 O O   . HOH B 2 .   ? -15.892 0.798   -2.156  1.00 61.11 ? 291 HOH A O   1 
HETATM 1162 O O   . HOH B 2 .   ? -14.417 -5.798  11.648  1.00 52.78 ? 292 HOH A O   1 
HETATM 1163 O O   . HOH B 2 .   ? 1.994   12.478  0.410   1.00 49.07 ? 293 HOH A O   1 
HETATM 1164 O O   . HOH B 2 .   ? 17.320  -2.652  -2.736  1.00 63.16 ? 294 HOH A O   1 
HETATM 1165 O O   . HOH B 2 .   ? -7.551  1.231   -16.819 1.00 68.98 ? 295 HOH A O   1 
HETATM 1166 O O   . HOH B 2 .   ? 3.788   -20.171 -7.005  1.00 47.21 ? 296 HOH A O   1 
HETATM 1167 O O   . HOH B 2 .   ? -5.940  17.770  -4.407  1.00 53.72 ? 297 HOH A O   1 
HETATM 1168 O O   . HOH B 2 .   ? 12.101  -2.712  10.086  1.00 49.72 ? 298 HOH A O   1 
# 
loop_
_pdbx_poly_seq_scheme.asym_id 
_pdbx_poly_seq_scheme.entity_id 
_pdbx_poly_seq_scheme.seq_id 
_pdbx_poly_seq_scheme.mon_id 
_pdbx_poly_seq_scheme.ndb_seq_num 
_pdbx_poly_seq_scheme.pdb_seq_num 
_pdbx_poly_seq_scheme.auth_seq_num 
_pdbx_poly_seq_scheme.pdb_mon_id 
_pdbx_poly_seq_scheme.auth_mon_id 
_pdbx_poly_seq_scheme.pdb_strand_id 
_pdbx_poly_seq_scheme.pdb_ins_code 
_pdbx_poly_seq_scheme.hetero 
A 1 1   MET 1   1   1   MET MET A . n 
A 1 2   ARG 2   2   2   ARG ARG A . n 
A 1 3   PHE 3   3   3   PHE PHE A . n 
A 1 4   ARG 4   4   4   ARG ARG A . n 
A 1 5   PRO 5   5   5   PRO PRO A . n 
A 1 6   PHE 6   6   6   PHE PHE A . n 
A 1 7   THR 7   7   7   THR THR A . n 
A 1 8   GLU 8   8   8   GLU GLU A . n 
A 1 9   GLU 9   9   9   GLU GLU A . n 
A 1 10  ASP 10  10  10  ASP ASP A . n 
A 1 11  LEU 11  11  11  LEU LEU A . n 
A 1 12  ASP 12  12  12  ASP ASP A . n 
A 1 13  ARG 13  13  13  ARG ARG A . n 
A 1 14  LEU 14  14  14  LEU LEU A . n 
A 1 15  ASN 15  15  15  ASN ASN A . n 
A 1 16  ARG 16  16  16  ARG ARG A . n 
A 1 17  LEU 17  17  17  LEU LEU A . n 
A 1 18  ALA 18  18  18  ALA ALA A . n 
A 1 19  GLY 19  19  19  GLY GLY A . n 
A 1 20  LYS 20  20  20  LYS LYS A . n 
A 1 21  ARG 21  21  21  ARG ARG A . n 
A 1 22  PRO 22  22  22  PRO PRO A . n 
A 1 23  VAL 23  23  23  VAL VAL A . n 
A 1 24  SER 24  24  24  SER SER A . n 
A 1 25  LEU 25  25  25  LEU LEU A . n 
A 1 26  GLY 26  26  26  GLY GLY A . n 
A 1 27  ALA 27  27  27  ALA ALA A . n 
A 1 28  LEU 28  28  28  LEU LEU A . n 
A 1 29  ARG 29  29  29  ARG ARG A . n 
A 1 30  PHE 30  30  30  PHE PHE A . n 
A 1 31  PHE 31  31  31  PHE PHE A . n 
A 1 32  ALA 32  32  32  ALA ALA A . n 
A 1 33  ARG 33  33  33  ARG ARG A . n 
A 1 34  THR 34  34  34  THR THR A . n 
A 1 35  GLY 35  35  35  GLY GLY A . n 
A 1 36  HIS 36  36  36  HIS HIS A . n 
A 1 37  SER 37  37  37  SER SER A . n 
A 1 38  PHE 38  38  38  PHE PHE A . n 
A 1 39  LEU 39  39  39  LEU LEU A . n 
A 1 40  ALA 40  40  40  ALA ALA A . n 
A 1 41  GLU 41  41  41  GLU GLU A . n 
A 1 42  GLU 42  42  42  GLU GLU A . n 
A 1 43  GLY 43  43  43  GLY GLY A . n 
A 1 44  GLU 44  44  44  GLU GLU A . n 
A 1 45  GLU 45  45  45  GLU GLU A . n 
A 1 46  PRO 46  46  46  PRO PRO A . n 
A 1 47  MET 47  47  47  MET MET A . n 
A 1 48  GLY 48  48  48  GLY GLY A . n 
A 1 49  PHE 49  49  49  PHE PHE A . n 
A 1 50  ALA 50  50  50  ALA ALA A . n 
A 1 51  LEU 51  51  51  LEU LEU A . n 
A 1 52  ALA 52  52  52  ALA ALA A . n 
A 1 53  GLN 53  53  53  GLN GLN A . n 
A 1 54  ALA 54  54  54  ALA ALA A . n 
A 1 55  VAL 55  55  55  VAL VAL A . n 
A 1 56  TRP 56  56  56  TRP TRP A . n 
A 1 57  GLN 57  57  57  GLN GLN A . n 
A 1 58  GLY 58  58  58  GLY GLY A . n 
A 1 59  GLU 59  59  59  GLU GLU A . n 
A 1 60  ALA 60  60  60  ALA ALA A . n 
A 1 61  THR 61  61  61  THR THR A . n 
A 1 62  THR 62  62  62  THR THR A . n 
A 1 63  VAL 63  63  63  VAL VAL A . n 
A 1 64  LEU 64  64  64  LEU LEU A . n 
A 1 65  VAL 65  65  65  VAL VAL A . n 
A 1 66  THR 66  66  66  THR THR A . n 
A 1 67  ARG 67  67  67  ARG ARG A . n 
A 1 68  ILE 68  68  68  ILE ILE A . n 
A 1 69  GLU 69  69  69  GLU GLU A . n 
A 1 70  GLY 70  70  70  GLY GLY A . n 
A 1 71  ARG 71  71  71  ARG ARG A . n 
A 1 72  SER 72  72  72  SER SER A . n 
A 1 73  VAL 73  73  73  VAL VAL A . n 
A 1 74  GLU 74  74  74  GLU GLU A . n 
A 1 75  ALA 75  75  75  ALA ALA A . n 
A 1 76  LEU 76  76  76  LEU LEU A . n 
A 1 77  ARG 77  77  77  ARG ARG A . n 
A 1 78  GLY 78  78  78  GLY GLY A . n 
A 1 79  LEU 79  79  79  LEU LEU A . n 
A 1 80  LEU 80  80  80  LEU LEU A . n 
A 1 81  ARG 81  81  81  ARG ARG A . n 
A 1 82  ALA 82  82  82  ALA ALA A . n 
A 1 83  VAL 83  83  83  VAL VAL A . n 
A 1 84  VAL 84  84  84  VAL VAL A . n 
A 1 85  LYS 85  85  85  LYS LYS A . n 
A 1 86  SER 86  86  86  SER SER A . n 
A 1 87  ALA 87  87  87  ALA ALA A . n 
A 1 88  TYR 88  88  88  TYR TYR A . n 
A 1 89  ASP 89  89  89  ASP ASP A . n 
A 1 90  ALA 90  90  90  ALA ALA A . n 
A 1 91  GLY 91  91  91  GLY GLY A . n 
A 1 92  VAL 92  92  92  VAL VAL A . n 
A 1 93  TYR 93  93  93  TYR TYR A . n 
A 1 94  GLU 94  94  94  GLU GLU A . n 
A 1 95  VAL 95  95  95  VAL VAL A . n 
A 1 96  ALA 96  96  96  ALA ALA A . n 
A 1 97  LEU 97  97  97  LEU LEU A . n 
A 1 98  HIS 98  98  98  HIS HIS A . n 
A 1 99  LEU 99  99  99  LEU LEU A . n 
A 1 100 ASP 100 100 100 ASP ASP A . n 
A 1 101 PRO 101 101 101 PRO PRO A . n 
A 1 102 GLU 102 102 102 GLU GLU A . n 
A 1 103 ARG 103 103 103 ARG ARG A . n 
A 1 104 LYS 104 104 104 LYS LYS A . n 
A 1 105 GLU 105 105 105 GLU GLU A . n 
A 1 106 LEU 106 106 106 LEU LEU A . n 
A 1 107 GLU 107 107 107 GLU GLU A . n 
A 1 108 GLU 108 108 108 GLU GLU A . n 
A 1 109 ALA 109 109 109 ALA ALA A . n 
A 1 110 LEU 110 110 110 LEU LEU A . n 
A 1 111 LYS 111 111 111 LYS LYS A . n 
A 1 112 ALA 112 112 112 ALA ALA A . n 
A 1 113 GLU 113 113 113 GLU GLU A . n 
A 1 114 GLY 114 114 114 GLY GLY A . n 
A 1 115 PHE 115 115 115 PHE PHE A . n 
A 1 116 ALA 116 116 116 ALA ALA A . n 
A 1 117 LEU 117 117 117 LEU LEU A . n 
A 1 118 GLY 118 118 118 GLY GLY A . n 
A 1 119 PRO 119 119 119 PRO PRO A . n 
A 1 120 LEU 120 120 120 LEU LEU A . n 
A 1 121 VAL 121 121 121 VAL VAL A . n 
A 1 122 LEU 122 122 122 LEU LEU A . n 
A 1 123 ALA 123 123 123 ALA ALA A . n 
A 1 124 VAL 124 124 124 VAL VAL A . n 
A 1 125 ARG 125 125 125 ARG ARG A . n 
A 1 126 VAL 126 126 126 VAL VAL A . n 
A 1 127 LEU 127 127 127 LEU LEU A . n 
A 1 128 GLY 128 128 128 GLY GLY A . n 
A 1 129 SER 129 129 129 SER SER A . n 
A 1 130 ARG 130 130 130 ARG ARG A . n 
A 1 131 GLY 131 131 ?   ?   ?   A . n 
A 1 132 ALA 132 132 ?   ?   ?   A . n 
A 1 133 ARG 133 133 ?   ?   ?   A . n 
A 1 134 GLY 134 134 ?   ?   ?   A . n 
A 1 135 GLU 135 135 ?   ?   ?   A . n 
A 1 136 THR 136 136 ?   ?   ?   A . n 
A 1 137 ARG 137 137 ?   ?   ?   A . n 
A 1 138 GLY 138 138 ?   ?   ?   A . n 
A 1 139 VAL 139 139 ?   ?   ?   A . n 
A 1 140 LEU 140 140 ?   ?   ?   A . n 
A 1 141 GLU 141 141 ?   ?   ?   A . n 
# 
_pdbx_SG_project.id                    1 
_pdbx_SG_project.project_name          'NPPSFA, National Project on Protein Structural and Functional Analyses' 
_pdbx_SG_project.full_name_of_center   'RIKEN Structural Genomics/Proteomics Initiative' 
_pdbx_SG_project.initial_of_center     RSGI 
# 
loop_
_pdbx_nonpoly_scheme.asym_id 
_pdbx_nonpoly_scheme.entity_id 
_pdbx_nonpoly_scheme.mon_id 
_pdbx_nonpoly_scheme.ndb_seq_num 
_pdbx_nonpoly_scheme.pdb_seq_num 
_pdbx_nonpoly_scheme.auth_seq_num 
_pdbx_nonpoly_scheme.pdb_mon_id 
_pdbx_nonpoly_scheme.auth_mon_id 
_pdbx_nonpoly_scheme.pdb_strand_id 
_pdbx_nonpoly_scheme.pdb_ins_code 
B 2 HOH 1   142 1   HOH WAT A . 
B 2 HOH 2   143 2   HOH WAT A . 
B 2 HOH 3   144 3   HOH WAT A . 
B 2 HOH 4   145 4   HOH WAT A . 
B 2 HOH 5   146 5   HOH WAT A . 
B 2 HOH 6   147 6   HOH WAT A . 
B 2 HOH 7   148 7   HOH WAT A . 
B 2 HOH 8   149 8   HOH WAT A . 
B 2 HOH 9   150 9   HOH WAT A . 
B 2 HOH 10  151 10  HOH WAT A . 
B 2 HOH 11  152 11  HOH WAT A . 
B 2 HOH 12  153 12  HOH WAT A . 
B 2 HOH 13  154 13  HOH WAT A . 
B 2 HOH 14  155 14  HOH WAT A . 
B 2 HOH 15  156 15  HOH WAT A . 
B 2 HOH 16  157 16  HOH WAT A . 
B 2 HOH 17  158 17  HOH WAT A . 
B 2 HOH 18  159 18  HOH WAT A . 
B 2 HOH 19  160 19  HOH WAT A . 
B 2 HOH 20  161 20  HOH WAT A . 
B 2 HOH 21  162 21  HOH WAT A . 
B 2 HOH 22  163 22  HOH WAT A . 
B 2 HOH 23  164 23  HOH WAT A . 
B 2 HOH 24  165 24  HOH WAT A . 
B 2 HOH 25  166 25  HOH WAT A . 
B 2 HOH 26  167 26  HOH WAT A . 
B 2 HOH 27  168 27  HOH WAT A . 
B 2 HOH 28  169 28  HOH WAT A . 
B 2 HOH 29  170 29  HOH WAT A . 
B 2 HOH 30  171 30  HOH WAT A . 
B 2 HOH 31  172 31  HOH WAT A . 
B 2 HOH 32  173 32  HOH WAT A . 
B 2 HOH 33  174 33  HOH WAT A . 
B 2 HOH 34  175 34  HOH WAT A . 
B 2 HOH 35  176 35  HOH WAT A . 
B 2 HOH 36  177 36  HOH WAT A . 
B 2 HOH 37  178 37  HOH WAT A . 
B 2 HOH 38  179 38  HOH WAT A . 
B 2 HOH 39  180 39  HOH WAT A . 
B 2 HOH 40  181 40  HOH WAT A . 
B 2 HOH 41  182 41  HOH WAT A . 
B 2 HOH 42  183 42  HOH WAT A . 
B 2 HOH 43  184 43  HOH WAT A . 
B 2 HOH 44  185 44  HOH WAT A . 
B 2 HOH 45  186 45  HOH WAT A . 
B 2 HOH 46  187 46  HOH WAT A . 
B 2 HOH 47  188 47  HOH WAT A . 
B 2 HOH 48  189 48  HOH WAT A . 
B 2 HOH 49  190 49  HOH WAT A . 
B 2 HOH 50  191 50  HOH WAT A . 
B 2 HOH 51  192 51  HOH WAT A . 
B 2 HOH 52  193 52  HOH WAT A . 
B 2 HOH 53  194 53  HOH WAT A . 
B 2 HOH 54  195 54  HOH WAT A . 
B 2 HOH 55  196 55  HOH WAT A . 
B 2 HOH 56  197 56  HOH WAT A . 
B 2 HOH 57  198 57  HOH WAT A . 
B 2 HOH 58  199 58  HOH WAT A . 
B 2 HOH 59  200 59  HOH WAT A . 
B 2 HOH 60  201 60  HOH WAT A . 
B 2 HOH 61  202 61  HOH WAT A . 
B 2 HOH 62  203 62  HOH WAT A . 
B 2 HOH 63  204 63  HOH WAT A . 
B 2 HOH 64  205 64  HOH WAT A . 
B 2 HOH 65  206 65  HOH WAT A . 
B 2 HOH 66  207 66  HOH WAT A . 
B 2 HOH 67  208 67  HOH WAT A . 
B 2 HOH 68  209 68  HOH WAT A . 
B 2 HOH 69  210 69  HOH WAT A . 
B 2 HOH 70  211 70  HOH WAT A . 
B 2 HOH 71  212 71  HOH WAT A . 
B 2 HOH 72  213 72  HOH WAT A . 
B 2 HOH 73  214 73  HOH WAT A . 
B 2 HOH 74  215 74  HOH WAT A . 
B 2 HOH 75  216 75  HOH WAT A . 
B 2 HOH 76  217 76  HOH WAT A . 
B 2 HOH 77  218 77  HOH WAT A . 
B 2 HOH 78  219 78  HOH WAT A . 
B 2 HOH 79  220 79  HOH WAT A . 
B 2 HOH 80  221 80  HOH WAT A . 
B 2 HOH 81  222 81  HOH WAT A . 
B 2 HOH 82  223 82  HOH WAT A . 
B 2 HOH 83  224 83  HOH WAT A . 
B 2 HOH 84  225 84  HOH WAT A . 
B 2 HOH 85  226 85  HOH WAT A . 
B 2 HOH 86  227 86  HOH WAT A . 
B 2 HOH 87  228 87  HOH WAT A . 
B 2 HOH 88  229 88  HOH WAT A . 
B 2 HOH 89  230 89  HOH WAT A . 
B 2 HOH 90  231 90  HOH WAT A . 
B 2 HOH 91  232 91  HOH WAT A . 
B 2 HOH 92  233 92  HOH WAT A . 
B 2 HOH 93  234 93  HOH WAT A . 
B 2 HOH 94  235 94  HOH WAT A . 
B 2 HOH 95  236 95  HOH WAT A . 
B 2 HOH 96  237 96  HOH WAT A . 
B 2 HOH 97  238 97  HOH WAT A . 
B 2 HOH 98  239 98  HOH WAT A . 
B 2 HOH 99  240 99  HOH WAT A . 
B 2 HOH 100 241 100 HOH WAT A . 
B 2 HOH 101 242 101 HOH WAT A . 
B 2 HOH 102 243 102 HOH WAT A . 
B 2 HOH 103 244 103 HOH WAT A . 
B 2 HOH 104 245 104 HOH WAT A . 
B 2 HOH 105 246 105 HOH WAT A . 
B 2 HOH 106 247 106 HOH WAT A . 
B 2 HOH 107 248 107 HOH WAT A . 
B 2 HOH 108 249 108 HOH WAT A . 
B 2 HOH 109 250 109 HOH WAT A . 
B 2 HOH 110 251 110 HOH WAT A . 
B 2 HOH 111 252 111 HOH WAT A . 
B 2 HOH 112 253 112 HOH WAT A . 
B 2 HOH 113 254 113 HOH WAT A . 
B 2 HOH 114 255 114 HOH WAT A . 
B 2 HOH 115 256 115 HOH WAT A . 
B 2 HOH 116 257 116 HOH WAT A . 
B 2 HOH 117 258 117 HOH WAT A . 
B 2 HOH 118 259 118 HOH WAT A . 
B 2 HOH 119 260 119 HOH WAT A . 
B 2 HOH 120 261 120 HOH WAT A . 
B 2 HOH 121 262 121 HOH WAT A . 
B 2 HOH 122 263 122 HOH WAT A . 
B 2 HOH 123 264 123 HOH WAT A . 
B 2 HOH 124 265 124 HOH WAT A . 
B 2 HOH 125 266 125 HOH WAT A . 
B 2 HOH 126 267 126 HOH WAT A . 
B 2 HOH 127 268 127 HOH WAT A . 
B 2 HOH 128 269 128 HOH WAT A . 
B 2 HOH 129 270 129 HOH WAT A . 
B 2 HOH 130 271 130 HOH WAT A . 
B 2 HOH 131 272 131 HOH WAT A . 
B 2 HOH 132 273 132 HOH WAT A . 
B 2 HOH 133 274 133 HOH WAT A . 
B 2 HOH 134 275 134 HOH WAT A . 
B 2 HOH 135 276 135 HOH WAT A . 
B 2 HOH 136 277 136 HOH WAT A . 
B 2 HOH 137 278 137 HOH WAT A . 
B 2 HOH 138 279 138 HOH WAT A . 
B 2 HOH 139 280 139 HOH WAT A . 
B 2 HOH 140 281 140 HOH WAT A . 
B 2 HOH 141 282 141 HOH WAT A . 
B 2 HOH 142 283 142 HOH WAT A . 
B 2 HOH 143 284 143 HOH WAT A . 
B 2 HOH 144 285 144 HOH WAT A . 
B 2 HOH 145 286 145 HOH WAT A . 
B 2 HOH 146 287 146 HOH WAT A . 
B 2 HOH 147 288 147 HOH WAT A . 
B 2 HOH 148 289 148 HOH WAT A . 
B 2 HOH 149 290 149 HOH WAT A . 
B 2 HOH 150 291 150 HOH WAT A . 
B 2 HOH 151 292 151 HOH WAT A . 
B 2 HOH 152 293 152 HOH WAT A . 
B 2 HOH 153 294 153 HOH WAT A . 
B 2 HOH 154 295 154 HOH WAT A . 
B 2 HOH 155 296 155 HOH WAT A . 
B 2 HOH 156 297 156 HOH WAT A . 
B 2 HOH 157 298 157 HOH WAT A . 
# 
loop_
_pdbx_struct_assembly.id 
_pdbx_struct_assembly.details 
_pdbx_struct_assembly.method_details 
_pdbx_struct_assembly.oligomeric_details 
_pdbx_struct_assembly.oligomeric_count 
1 author_defined_assembly   ?        monomeric 1 
2 software_defined_assembly PISA,PQS dimeric   2 
# 
loop_
_pdbx_struct_assembly_gen.assembly_id 
_pdbx_struct_assembly_gen.oper_expression 
_pdbx_struct_assembly_gen.asym_id_list 
1 1   A,B 
2 1,2 A,B 
# 
loop_
_pdbx_struct_assembly_prop.biol_id 
_pdbx_struct_assembly_prop.type 
_pdbx_struct_assembly_prop.value 
_pdbx_struct_assembly_prop.details 
2 'ABSA (A^2)' 4120  ? 
2 MORE         -24   ? 
2 'SSA (A^2)'  12740 ? 
# 
loop_
_pdbx_struct_oper_list.id 
_pdbx_struct_oper_list.type 
_pdbx_struct_oper_list.name 
_pdbx_struct_oper_list.symmetry_operation 
_pdbx_struct_oper_list.matrix[1][1] 
_pdbx_struct_oper_list.matrix[1][2] 
_pdbx_struct_oper_list.matrix[1][3] 
_pdbx_struct_oper_list.vector[1] 
_pdbx_struct_oper_list.matrix[2][1] 
_pdbx_struct_oper_list.matrix[2][2] 
_pdbx_struct_oper_list.matrix[2][3] 
_pdbx_struct_oper_list.vector[2] 
_pdbx_struct_oper_list.matrix[3][1] 
_pdbx_struct_oper_list.matrix[3][2] 
_pdbx_struct_oper_list.matrix[3][3] 
_pdbx_struct_oper_list.vector[3] 
1 'identity operation'         1_555 x,y,z    1.0000000000  0.0000000000 0.0000000000 0.0000000000  0.0000000000 1.0000000000  0.0000000000 0.0000000000   0.0000000000 0.0000000000 1.0000000000 0.0000000000 
2 'crystal symmetry operation' 4_556 y,x,-z+1 -0.9928211454 0.0107309835 0.1191260647 18.1374575199 0.0107309835 -0.9839592785 0.1780701666 -16.5555115575 0.1191260647 0.1780701666 0.9767804239 0.3983238369 
# 
loop_
_pdbx_audit_revision_history.ordinal 
_pdbx_audit_revision_history.data_content_type 
_pdbx_audit_revision_history.major_revision 
_pdbx_audit_revision_history.minor_revision 
_pdbx_audit_revision_history.revision_date 
1 'Structure model' 1 0 2006-04-21 
2 'Structure model' 1 1 2008-04-30 
3 'Structure model' 1 2 2011-07-13 
4 'Structure model' 1 3 2023-10-25 
# 
_pdbx_audit_revision_details.ordinal             1 
_pdbx_audit_revision_details.revision_ordinal    1 
_pdbx_audit_revision_details.data_content_type   'Structure model' 
_pdbx_audit_revision_details.provider            repository 
_pdbx_audit_revision_details.type                'Initial release' 
_pdbx_audit_revision_details.description         ? 
_pdbx_audit_revision_details.details             ? 
# 
loop_
_pdbx_audit_revision_group.ordinal 
_pdbx_audit_revision_group.revision_ordinal 
_pdbx_audit_revision_group.data_content_type 
_pdbx_audit_revision_group.group 
1 2 'Structure model' 'Version format compliance' 
2 3 'Structure model' Advisory                    
3 3 'Structure model' 'Derived calculations'      
4 3 'Structure model' 'Source and taxonomy'       
5 3 'Structure model' 'Version format compliance' 
6 4 'Structure model' 'Data collection'           
7 4 'Structure model' 'Database references'       
8 4 'Structure model' 'Refinement description'    
# 
loop_
_pdbx_audit_revision_category.ordinal 
_pdbx_audit_revision_category.revision_ordinal 
_pdbx_audit_revision_category.data_content_type 
_pdbx_audit_revision_category.category 
1 4 'Structure model' chem_comp_atom                
2 4 'Structure model' chem_comp_bond                
3 4 'Structure model' database_2                    
4 4 'Structure model' pdbx_initial_refinement_model 
# 
loop_
_pdbx_audit_revision_item.ordinal 
_pdbx_audit_revision_item.revision_ordinal 
_pdbx_audit_revision_item.data_content_type 
_pdbx_audit_revision_item.item 
1 4 'Structure model' '_database_2.pdbx_DOI'                
2 4 'Structure model' '_database_2.pdbx_database_accession' 
# 
_pdbx_refine_tls.id               1 
_pdbx_refine_tls.details          ? 
_pdbx_refine_tls.method           refined 
_pdbx_refine_tls.origin_x         -0.4678 
_pdbx_refine_tls.origin_y         -0.1990 
_pdbx_refine_tls.origin_z         0.0279 
_pdbx_refine_tls.T[1][1]          0.0217 
_pdbx_refine_tls.T[2][2]          0.0128 
_pdbx_refine_tls.T[3][3]          0.0375 
_pdbx_refine_tls.T[1][2]          -0.0060 
_pdbx_refine_tls.T[1][3]          -0.0125 
_pdbx_refine_tls.T[2][3]          -0.0076 
_pdbx_refine_tls.L[1][1]          0.6069 
_pdbx_refine_tls.L[2][2]          2.2157 
_pdbx_refine_tls.L[3][3]          0.5583 
_pdbx_refine_tls.L[1][2]          -0.1554 
_pdbx_refine_tls.L[1][3]          -0.1618 
_pdbx_refine_tls.L[2][3]          0.0626 
_pdbx_refine_tls.S[1][1]          0.0208 
_pdbx_refine_tls.S[1][2]          0.0619 
_pdbx_refine_tls.S[1][3]          0.0383 
_pdbx_refine_tls.S[2][1]          -0.1002 
_pdbx_refine_tls.S[2][2]          -0.0280 
_pdbx_refine_tls.S[2][3]          0.2896 
_pdbx_refine_tls.S[3][1]          -0.0603 
_pdbx_refine_tls.S[3][2]          -0.0403 
_pdbx_refine_tls.S[3][3]          0.0072 
_pdbx_refine_tls.pdbx_refine_id   'X-RAY DIFFRACTION' 
# 
_pdbx_refine_tls_group.id                  1 
_pdbx_refine_tls_group.refine_tls_id       1 
_pdbx_refine_tls_group.beg_auth_asym_id    A 
_pdbx_refine_tls_group.beg_auth_seq_id     1 
_pdbx_refine_tls_group.beg_label_asym_id   A 
_pdbx_refine_tls_group.beg_label_seq_id    1 
_pdbx_refine_tls_group.end_auth_asym_id    A 
_pdbx_refine_tls_group.end_auth_seq_id     130 
_pdbx_refine_tls_group.end_label_asym_id   A 
_pdbx_refine_tls_group.end_label_seq_id    130 
_pdbx_refine_tls_group.selection           ? 
_pdbx_refine_tls_group.pdbx_refine_id      'X-RAY DIFFRACTION' 
_pdbx_refine_tls_group.selection_details   ? 
# 
loop_
_software.name 
_software.classification 
_software.version 
_software.citation_id 
_software.pdbx_ordinal 
REFMAC    refinement       5.1.24 ? 1 
HKL-2000  'data reduction' .      ? 2 
SCALEPACK 'data scaling'   .      ? 3 
MOLREP    phasing          .      ? 4 
# 
_pdbx_validate_torsion.id              1 
_pdbx_validate_torsion.PDB_model_num   1 
_pdbx_validate_torsion.auth_comp_id    GLU 
_pdbx_validate_torsion.auth_asym_id    A 
_pdbx_validate_torsion.auth_seq_id     59 
_pdbx_validate_torsion.PDB_ins_code    ? 
_pdbx_validate_torsion.label_alt_id    ? 
_pdbx_validate_torsion.phi             -159.13 
_pdbx_validate_torsion.psi             -61.42 
# 
loop_
_pdbx_unobs_or_zero_occ_residues.id 
_pdbx_unobs_or_zero_occ_residues.PDB_model_num 
_pdbx_unobs_or_zero_occ_residues.polymer_flag 
_pdbx_unobs_or_zero_occ_residues.occupancy_flag 
_pdbx_unobs_or_zero_occ_residues.auth_asym_id 
_pdbx_unobs_or_zero_occ_residues.auth_comp_id 
_pdbx_unobs_or_zero_occ_residues.auth_seq_id 
_pdbx_unobs_or_zero_occ_residues.PDB_ins_code 
_pdbx_unobs_or_zero_occ_residues.label_asym_id 
_pdbx_unobs_or_zero_occ_residues.label_comp_id 
_pdbx_unobs_or_zero_occ_residues.label_seq_id 
1  1 Y 1 A GLY 131 ? A GLY 131 
2  1 Y 1 A ALA 132 ? A ALA 132 
3  1 Y 1 A ARG 133 ? A ARG 133 
4  1 Y 1 A GLY 134 ? A GLY 134 
5  1 Y 1 A GLU 135 ? A GLU 135 
6  1 Y 1 A THR 136 ? A THR 136 
7  1 Y 1 A ARG 137 ? A ARG 137 
8  1 Y 1 A GLY 138 ? A GLY 138 
9  1 Y 1 A VAL 139 ? A VAL 139 
10 1 Y 1 A LEU 140 ? A LEU 140 
11 1 Y 1 A GLU 141 ? A GLU 141 
# 
loop_
_chem_comp_atom.comp_id 
_chem_comp_atom.atom_id 
_chem_comp_atom.type_symbol 
_chem_comp_atom.pdbx_aromatic_flag 
_chem_comp_atom.pdbx_stereo_config 
_chem_comp_atom.pdbx_ordinal 
ALA N    N N N 1   
ALA CA   C N S 2   
ALA C    C N N 3   
ALA O    O N N 4   
ALA CB   C N N 5   
ALA OXT  O N N 6   
ALA H    H N N 7   
ALA H2   H N N 8   
ALA HA   H N N 9   
ALA HB1  H N N 10  
ALA HB2  H N N 11  
ALA HB3  H N N 12  
ALA HXT  H N N 13  
ARG N    N N N 14  
ARG CA   C N S 15  
ARG C    C N N 16  
ARG O    O N N 17  
ARG CB   C N N 18  
ARG CG   C N N 19  
ARG CD   C N N 20  
ARG NE   N N N 21  
ARG CZ   C N N 22  
ARG NH1  N N N 23  
ARG NH2  N N N 24  
ARG OXT  O N N 25  
ARG H    H N N 26  
ARG H2   H N N 27  
ARG HA   H N N 28  
ARG HB2  H N N 29  
ARG HB3  H N N 30  
ARG HG2  H N N 31  
ARG HG3  H N N 32  
ARG HD2  H N N 33  
ARG HD3  H N N 34  
ARG HE   H N N 35  
ARG HH11 H N N 36  
ARG HH12 H N N 37  
ARG HH21 H N N 38  
ARG HH22 H N N 39  
ARG HXT  H N N 40  
ASN N    N N N 41  
ASN CA   C N S 42  
ASN C    C N N 43  
ASN O    O N N 44  
ASN CB   C N N 45  
ASN CG   C N N 46  
ASN OD1  O N N 47  
ASN ND2  N N N 48  
ASN OXT  O N N 49  
ASN H    H N N 50  
ASN H2   H N N 51  
ASN HA   H N N 52  
ASN HB2  H N N 53  
ASN HB3  H N N 54  
ASN HD21 H N N 55  
ASN HD22 H N N 56  
ASN HXT  H N N 57  
ASP N    N N N 58  
ASP CA   C N S 59  
ASP C    C N N 60  
ASP O    O N N 61  
ASP CB   C N N 62  
ASP CG   C N N 63  
ASP OD1  O N N 64  
ASP OD2  O N N 65  
ASP OXT  O N N 66  
ASP H    H N N 67  
ASP H2   H N N 68  
ASP HA   H N N 69  
ASP HB2  H N N 70  
ASP HB3  H N N 71  
ASP HD2  H N N 72  
ASP HXT  H N N 73  
GLN N    N N N 74  
GLN CA   C N S 75  
GLN C    C N N 76  
GLN O    O N N 77  
GLN CB   C N N 78  
GLN CG   C N N 79  
GLN CD   C N N 80  
GLN OE1  O N N 81  
GLN NE2  N N N 82  
GLN OXT  O N N 83  
GLN H    H N N 84  
GLN H2   H N N 85  
GLN HA   H N N 86  
GLN HB2  H N N 87  
GLN HB3  H N N 88  
GLN HG2  H N N 89  
GLN HG3  H N N 90  
GLN HE21 H N N 91  
GLN HE22 H N N 92  
GLN HXT  H N N 93  
GLU N    N N N 94  
GLU CA   C N S 95  
GLU C    C N N 96  
GLU O    O N N 97  
GLU CB   C N N 98  
GLU CG   C N N 99  
GLU CD   C N N 100 
GLU OE1  O N N 101 
GLU OE2  O N N 102 
GLU OXT  O N N 103 
GLU H    H N N 104 
GLU H2   H N N 105 
GLU HA   H N N 106 
GLU HB2  H N N 107 
GLU HB3  H N N 108 
GLU HG2  H N N 109 
GLU HG3  H N N 110 
GLU HE2  H N N 111 
GLU HXT  H N N 112 
GLY N    N N N 113 
GLY CA   C N N 114 
GLY C    C N N 115 
GLY O    O N N 116 
GLY OXT  O N N 117 
GLY H    H N N 118 
GLY H2   H N N 119 
GLY HA2  H N N 120 
GLY HA3  H N N 121 
GLY HXT  H N N 122 
HIS N    N N N 123 
HIS CA   C N S 124 
HIS C    C N N 125 
HIS O    O N N 126 
HIS CB   C N N 127 
HIS CG   C Y N 128 
HIS ND1  N Y N 129 
HIS CD2  C Y N 130 
HIS CE1  C Y N 131 
HIS NE2  N Y N 132 
HIS OXT  O N N 133 
HIS H    H N N 134 
HIS H2   H N N 135 
HIS HA   H N N 136 
HIS HB2  H N N 137 
HIS HB3  H N N 138 
HIS HD1  H N N 139 
HIS HD2  H N N 140 
HIS HE1  H N N 141 
HIS HE2  H N N 142 
HIS HXT  H N N 143 
HOH O    O N N 144 
HOH H1   H N N 145 
HOH H2   H N N 146 
ILE N    N N N 147 
ILE CA   C N S 148 
ILE C    C N N 149 
ILE O    O N N 150 
ILE CB   C N S 151 
ILE CG1  C N N 152 
ILE CG2  C N N 153 
ILE CD1  C N N 154 
ILE OXT  O N N 155 
ILE H    H N N 156 
ILE H2   H N N 157 
ILE HA   H N N 158 
ILE HB   H N N 159 
ILE HG12 H N N 160 
ILE HG13 H N N 161 
ILE HG21 H N N 162 
ILE HG22 H N N 163 
ILE HG23 H N N 164 
ILE HD11 H N N 165 
ILE HD12 H N N 166 
ILE HD13 H N N 167 
ILE HXT  H N N 168 
LEU N    N N N 169 
LEU CA   C N S 170 
LEU C    C N N 171 
LEU O    O N N 172 
LEU CB   C N N 173 
LEU CG   C N N 174 
LEU CD1  C N N 175 
LEU CD2  C N N 176 
LEU OXT  O N N 177 
LEU H    H N N 178 
LEU H2   H N N 179 
LEU HA   H N N 180 
LEU HB2  H N N 181 
LEU HB3  H N N 182 
LEU HG   H N N 183 
LEU HD11 H N N 184 
LEU HD12 H N N 185 
LEU HD13 H N N 186 
LEU HD21 H N N 187 
LEU HD22 H N N 188 
LEU HD23 H N N 189 
LEU HXT  H N N 190 
LYS N    N N N 191 
LYS CA   C N S 192 
LYS C    C N N 193 
LYS O    O N N 194 
LYS CB   C N N 195 
LYS CG   C N N 196 
LYS CD   C N N 197 
LYS CE   C N N 198 
LYS NZ   N N N 199 
LYS OXT  O N N 200 
LYS H    H N N 201 
LYS H2   H N N 202 
LYS HA   H N N 203 
LYS HB2  H N N 204 
LYS HB3  H N N 205 
LYS HG2  H N N 206 
LYS HG3  H N N 207 
LYS HD2  H N N 208 
LYS HD3  H N N 209 
LYS HE2  H N N 210 
LYS HE3  H N N 211 
LYS HZ1  H N N 212 
LYS HZ2  H N N 213 
LYS HZ3  H N N 214 
LYS HXT  H N N 215 
MET N    N N N 216 
MET CA   C N S 217 
MET C    C N N 218 
MET O    O N N 219 
MET CB   C N N 220 
MET CG   C N N 221 
MET SD   S N N 222 
MET CE   C N N 223 
MET OXT  O N N 224 
MET H    H N N 225 
MET H2   H N N 226 
MET HA   H N N 227 
MET HB2  H N N 228 
MET HB3  H N N 229 
MET HG2  H N N 230 
MET HG3  H N N 231 
MET HE1  H N N 232 
MET HE2  H N N 233 
MET HE3  H N N 234 
MET HXT  H N N 235 
PHE N    N N N 236 
PHE CA   C N S 237 
PHE C    C N N 238 
PHE O    O N N 239 
PHE CB   C N N 240 
PHE CG   C Y N 241 
PHE CD1  C Y N 242 
PHE CD2  C Y N 243 
PHE CE1  C Y N 244 
PHE CE2  C Y N 245 
PHE CZ   C Y N 246 
PHE OXT  O N N 247 
PHE H    H N N 248 
PHE H2   H N N 249 
PHE HA   H N N 250 
PHE HB2  H N N 251 
PHE HB3  H N N 252 
PHE HD1  H N N 253 
PHE HD2  H N N 254 
PHE HE1  H N N 255 
PHE HE2  H N N 256 
PHE HZ   H N N 257 
PHE HXT  H N N 258 
PRO N    N N N 259 
PRO CA   C N S 260 
PRO C    C N N 261 
PRO O    O N N 262 
PRO CB   C N N 263 
PRO CG   C N N 264 
PRO CD   C N N 265 
PRO OXT  O N N 266 
PRO H    H N N 267 
PRO HA   H N N 268 
PRO HB2  H N N 269 
PRO HB3  H N N 270 
PRO HG2  H N N 271 
PRO HG3  H N N 272 
PRO HD2  H N N 273 
PRO HD3  H N N 274 
PRO HXT  H N N 275 
SER N    N N N 276 
SER CA   C N S 277 
SER C    C N N 278 
SER O    O N N 279 
SER CB   C N N 280 
SER OG   O N N 281 
SER OXT  O N N 282 
SER H    H N N 283 
SER H2   H N N 284 
SER HA   H N N 285 
SER HB2  H N N 286 
SER HB3  H N N 287 
SER HG   H N N 288 
SER HXT  H N N 289 
THR N    N N N 290 
THR CA   C N S 291 
THR C    C N N 292 
THR O    O N N 293 
THR CB   C N R 294 
THR OG1  O N N 295 
THR CG2  C N N 296 
THR OXT  O N N 297 
THR H    H N N 298 
THR H2   H N N 299 
THR HA   H N N 300 
THR HB   H N N 301 
THR HG1  H N N 302 
THR HG21 H N N 303 
THR HG22 H N N 304 
THR HG23 H N N 305 
THR HXT  H N N 306 
TRP N    N N N 307 
TRP CA   C N S 308 
TRP C    C N N 309 
TRP O    O N N 310 
TRP CB   C N N 311 
TRP CG   C Y N 312 
TRP CD1  C Y N 313 
TRP CD2  C Y N 314 
TRP NE1  N Y N 315 
TRP CE2  C Y N 316 
TRP CE3  C Y N 317 
TRP CZ2  C Y N 318 
TRP CZ3  C Y N 319 
TRP CH2  C Y N 320 
TRP OXT  O N N 321 
TRP H    H N N 322 
TRP H2   H N N 323 
TRP HA   H N N 324 
TRP HB2  H N N 325 
TRP HB3  H N N 326 
TRP HD1  H N N 327 
TRP HE1  H N N 328 
TRP HE3  H N N 329 
TRP HZ2  H N N 330 
TRP HZ3  H N N 331 
TRP HH2  H N N 332 
TRP HXT  H N N 333 
TYR N    N N N 334 
TYR CA   C N S 335 
TYR C    C N N 336 
TYR O    O N N 337 
TYR CB   C N N 338 
TYR CG   C Y N 339 
TYR CD1  C Y N 340 
TYR CD2  C Y N 341 
TYR CE1  C Y N 342 
TYR CE2  C Y N 343 
TYR CZ   C Y N 344 
TYR OH   O N N 345 
TYR OXT  O N N 346 
TYR H    H N N 347 
TYR H2   H N N 348 
TYR HA   H N N 349 
TYR HB2  H N N 350 
TYR HB3  H N N 351 
TYR HD1  H N N 352 
TYR HD2  H N N 353 
TYR HE1  H N N 354 
TYR HE2  H N N 355 
TYR HH   H N N 356 
TYR HXT  H N N 357 
VAL N    N N N 358 
VAL CA   C N S 359 
VAL C    C N N 360 
VAL O    O N N 361 
VAL CB   C N N 362 
VAL CG1  C N N 363 
VAL CG2  C N N 364 
VAL OXT  O N N 365 
VAL H    H N N 366 
VAL H2   H N N 367 
VAL HA   H N N 368 
VAL HB   H N N 369 
VAL HG11 H N N 370 
VAL HG12 H N N 371 
VAL HG13 H N N 372 
VAL HG21 H N N 373 
VAL HG22 H N N 374 
VAL HG23 H N N 375 
VAL HXT  H N N 376 
# 
loop_
_chem_comp_bond.comp_id 
_chem_comp_bond.atom_id_1 
_chem_comp_bond.atom_id_2 
_chem_comp_bond.value_order 
_chem_comp_bond.pdbx_aromatic_flag 
_chem_comp_bond.pdbx_stereo_config 
_chem_comp_bond.pdbx_ordinal 
ALA N   CA   sing N N 1   
ALA N   H    sing N N 2   
ALA N   H2   sing N N 3   
ALA CA  C    sing N N 4   
ALA CA  CB   sing N N 5   
ALA CA  HA   sing N N 6   
ALA C   O    doub N N 7   
ALA C   OXT  sing N N 8   
ALA CB  HB1  sing N N 9   
ALA CB  HB2  sing N N 10  
ALA CB  HB3  sing N N 11  
ALA OXT HXT  sing N N 12  
ARG N   CA   sing N N 13  
ARG N   H    sing N N 14  
ARG N   H2   sing N N 15  
ARG CA  C    sing N N 16  
ARG CA  CB   sing N N 17  
ARG CA  HA   sing N N 18  
ARG C   O    doub N N 19  
ARG C   OXT  sing N N 20  
ARG CB  CG   sing N N 21  
ARG CB  HB2  sing N N 22  
ARG CB  HB3  sing N N 23  
ARG CG  CD   sing N N 24  
ARG CG  HG2  sing N N 25  
ARG CG  HG3  sing N N 26  
ARG CD  NE   sing N N 27  
ARG CD  HD2  sing N N 28  
ARG CD  HD3  sing N N 29  
ARG NE  CZ   sing N N 30  
ARG NE  HE   sing N N 31  
ARG CZ  NH1  sing N N 32  
ARG CZ  NH2  doub N N 33  
ARG NH1 HH11 sing N N 34  
ARG NH1 HH12 sing N N 35  
ARG NH2 HH21 sing N N 36  
ARG NH2 HH22 sing N N 37  
ARG OXT HXT  sing N N 38  
ASN N   CA   sing N N 39  
ASN N   H    sing N N 40  
ASN N   H2   sing N N 41  
ASN CA  C    sing N N 42  
ASN CA  CB   sing N N 43  
ASN CA  HA   sing N N 44  
ASN C   O    doub N N 45  
ASN C   OXT  sing N N 46  
ASN CB  CG   sing N N 47  
ASN CB  HB2  sing N N 48  
ASN CB  HB3  sing N N 49  
ASN CG  OD1  doub N N 50  
ASN CG  ND2  sing N N 51  
ASN ND2 HD21 sing N N 52  
ASN ND2 HD22 sing N N 53  
ASN OXT HXT  sing N N 54  
ASP N   CA   sing N N 55  
ASP N   H    sing N N 56  
ASP N   H2   sing N N 57  
ASP CA  C    sing N N 58  
ASP CA  CB   sing N N 59  
ASP CA  HA   sing N N 60  
ASP C   O    doub N N 61  
ASP C   OXT  sing N N 62  
ASP CB  CG   sing N N 63  
ASP CB  HB2  sing N N 64  
ASP CB  HB3  sing N N 65  
ASP CG  OD1  doub N N 66  
ASP CG  OD2  sing N N 67  
ASP OD2 HD2  sing N N 68  
ASP OXT HXT  sing N N 69  
GLN N   CA   sing N N 70  
GLN N   H    sing N N 71  
GLN N   H2   sing N N 72  
GLN CA  C    sing N N 73  
GLN CA  CB   sing N N 74  
GLN CA  HA   sing N N 75  
GLN C   O    doub N N 76  
GLN C   OXT  sing N N 77  
GLN CB  CG   sing N N 78  
GLN CB  HB2  sing N N 79  
GLN CB  HB3  sing N N 80  
GLN CG  CD   sing N N 81  
GLN CG  HG2  sing N N 82  
GLN CG  HG3  sing N N 83  
GLN CD  OE1  doub N N 84  
GLN CD  NE2  sing N N 85  
GLN NE2 HE21 sing N N 86  
GLN NE2 HE22 sing N N 87  
GLN OXT HXT  sing N N 88  
GLU N   CA   sing N N 89  
GLU N   H    sing N N 90  
GLU N   H2   sing N N 91  
GLU CA  C    sing N N 92  
GLU CA  CB   sing N N 93  
GLU CA  HA   sing N N 94  
GLU C   O    doub N N 95  
GLU C   OXT  sing N N 96  
GLU CB  CG   sing N N 97  
GLU CB  HB2  sing N N 98  
GLU CB  HB3  sing N N 99  
GLU CG  CD   sing N N 100 
GLU CG  HG2  sing N N 101 
GLU CG  HG3  sing N N 102 
GLU CD  OE1  doub N N 103 
GLU CD  OE2  sing N N 104 
GLU OE2 HE2  sing N N 105 
GLU OXT HXT  sing N N 106 
GLY N   CA   sing N N 107 
GLY N   H    sing N N 108 
GLY N   H2   sing N N 109 
GLY CA  C    sing N N 110 
GLY CA  HA2  sing N N 111 
GLY CA  HA3  sing N N 112 
GLY C   O    doub N N 113 
GLY C   OXT  sing N N 114 
GLY OXT HXT  sing N N 115 
HIS N   CA   sing N N 116 
HIS N   H    sing N N 117 
HIS N   H2   sing N N 118 
HIS CA  C    sing N N 119 
HIS CA  CB   sing N N 120 
HIS CA  HA   sing N N 121 
HIS C   O    doub N N 122 
HIS C   OXT  sing N N 123 
HIS CB  CG   sing N N 124 
HIS CB  HB2  sing N N 125 
HIS CB  HB3  sing N N 126 
HIS CG  ND1  sing Y N 127 
HIS CG  CD2  doub Y N 128 
HIS ND1 CE1  doub Y N 129 
HIS ND1 HD1  sing N N 130 
HIS CD2 NE2  sing Y N 131 
HIS CD2 HD2  sing N N 132 
HIS CE1 NE2  sing Y N 133 
HIS CE1 HE1  sing N N 134 
HIS NE2 HE2  sing N N 135 
HIS OXT HXT  sing N N 136 
HOH O   H1   sing N N 137 
HOH O   H2   sing N N 138 
ILE N   CA   sing N N 139 
ILE N   H    sing N N 140 
ILE N   H2   sing N N 141 
ILE CA  C    sing N N 142 
ILE CA  CB   sing N N 143 
ILE CA  HA   sing N N 144 
ILE C   O    doub N N 145 
ILE C   OXT  sing N N 146 
ILE CB  CG1  sing N N 147 
ILE CB  CG2  sing N N 148 
ILE CB  HB   sing N N 149 
ILE CG1 CD1  sing N N 150 
ILE CG1 HG12 sing N N 151 
ILE CG1 HG13 sing N N 152 
ILE CG2 HG21 sing N N 153 
ILE CG2 HG22 sing N N 154 
ILE CG2 HG23 sing N N 155 
ILE CD1 HD11 sing N N 156 
ILE CD1 HD12 sing N N 157 
ILE CD1 HD13 sing N N 158 
ILE OXT HXT  sing N N 159 
LEU N   CA   sing N N 160 
LEU N   H    sing N N 161 
LEU N   H2   sing N N 162 
LEU CA  C    sing N N 163 
LEU CA  CB   sing N N 164 
LEU CA  HA   sing N N 165 
LEU C   O    doub N N 166 
LEU C   OXT  sing N N 167 
LEU CB  CG   sing N N 168 
LEU CB  HB2  sing N N 169 
LEU CB  HB3  sing N N 170 
LEU CG  CD1  sing N N 171 
LEU CG  CD2  sing N N 172 
LEU CG  HG   sing N N 173 
LEU CD1 HD11 sing N N 174 
LEU CD1 HD12 sing N N 175 
LEU CD1 HD13 sing N N 176 
LEU CD2 HD21 sing N N 177 
LEU CD2 HD22 sing N N 178 
LEU CD2 HD23 sing N N 179 
LEU OXT HXT  sing N N 180 
LYS N   CA   sing N N 181 
LYS N   H    sing N N 182 
LYS N   H2   sing N N 183 
LYS CA  C    sing N N 184 
LYS CA  CB   sing N N 185 
LYS CA  HA   sing N N 186 
LYS C   O    doub N N 187 
LYS C   OXT  sing N N 188 
LYS CB  CG   sing N N 189 
LYS CB  HB2  sing N N 190 
LYS CB  HB3  sing N N 191 
LYS CG  CD   sing N N 192 
LYS CG  HG2  sing N N 193 
LYS CG  HG3  sing N N 194 
LYS CD  CE   sing N N 195 
LYS CD  HD2  sing N N 196 
LYS CD  HD3  sing N N 197 
LYS CE  NZ   sing N N 198 
LYS CE  HE2  sing N N 199 
LYS CE  HE3  sing N N 200 
LYS NZ  HZ1  sing N N 201 
LYS NZ  HZ2  sing N N 202 
LYS NZ  HZ3  sing N N 203 
LYS OXT HXT  sing N N 204 
MET N   CA   sing N N 205 
MET N   H    sing N N 206 
MET N   H2   sing N N 207 
MET CA  C    sing N N 208 
MET CA  CB   sing N N 209 
MET CA  HA   sing N N 210 
MET C   O    doub N N 211 
MET C   OXT  sing N N 212 
MET CB  CG   sing N N 213 
MET CB  HB2  sing N N 214 
MET CB  HB3  sing N N 215 
MET CG  SD   sing N N 216 
MET CG  HG2  sing N N 217 
MET CG  HG3  sing N N 218 
MET SD  CE   sing N N 219 
MET CE  HE1  sing N N 220 
MET CE  HE2  sing N N 221 
MET CE  HE3  sing N N 222 
MET OXT HXT  sing N N 223 
PHE N   CA   sing N N 224 
PHE N   H    sing N N 225 
PHE N   H2   sing N N 226 
PHE CA  C    sing N N 227 
PHE CA  CB   sing N N 228 
PHE CA  HA   sing N N 229 
PHE C   O    doub N N 230 
PHE C   OXT  sing N N 231 
PHE CB  CG   sing N N 232 
PHE CB  HB2  sing N N 233 
PHE CB  HB3  sing N N 234 
PHE CG  CD1  doub Y N 235 
PHE CG  CD2  sing Y N 236 
PHE CD1 CE1  sing Y N 237 
PHE CD1 HD1  sing N N 238 
PHE CD2 CE2  doub Y N 239 
PHE CD2 HD2  sing N N 240 
PHE CE1 CZ   doub Y N 241 
PHE CE1 HE1  sing N N 242 
PHE CE2 CZ   sing Y N 243 
PHE CE2 HE2  sing N N 244 
PHE CZ  HZ   sing N N 245 
PHE OXT HXT  sing N N 246 
PRO N   CA   sing N N 247 
PRO N   CD   sing N N 248 
PRO N   H    sing N N 249 
PRO CA  C    sing N N 250 
PRO CA  CB   sing N N 251 
PRO CA  HA   sing N N 252 
PRO C   O    doub N N 253 
PRO C   OXT  sing N N 254 
PRO CB  CG   sing N N 255 
PRO CB  HB2  sing N N 256 
PRO CB  HB3  sing N N 257 
PRO CG  CD   sing N N 258 
PRO CG  HG2  sing N N 259 
PRO CG  HG3  sing N N 260 
PRO CD  HD2  sing N N 261 
PRO CD  HD3  sing N N 262 
PRO OXT HXT  sing N N 263 
SER N   CA   sing N N 264 
SER N   H    sing N N 265 
SER N   H2   sing N N 266 
SER CA  C    sing N N 267 
SER CA  CB   sing N N 268 
SER CA  HA   sing N N 269 
SER C   O    doub N N 270 
SER C   OXT  sing N N 271 
SER CB  OG   sing N N 272 
SER CB  HB2  sing N N 273 
SER CB  HB3  sing N N 274 
SER OG  HG   sing N N 275 
SER OXT HXT  sing N N 276 
THR N   CA   sing N N 277 
THR N   H    sing N N 278 
THR N   H2   sing N N 279 
THR CA  C    sing N N 280 
THR CA  CB   sing N N 281 
THR CA  HA   sing N N 282 
THR C   O    doub N N 283 
THR C   OXT  sing N N 284 
THR CB  OG1  sing N N 285 
THR CB  CG2  sing N N 286 
THR CB  HB   sing N N 287 
THR OG1 HG1  sing N N 288 
THR CG2 HG21 sing N N 289 
THR CG2 HG22 sing N N 290 
THR CG2 HG23 sing N N 291 
THR OXT HXT  sing N N 292 
TRP N   CA   sing N N 293 
TRP N   H    sing N N 294 
TRP N   H2   sing N N 295 
TRP CA  C    sing N N 296 
TRP CA  CB   sing N N 297 
TRP CA  HA   sing N N 298 
TRP C   O    doub N N 299 
TRP C   OXT  sing N N 300 
TRP CB  CG   sing N N 301 
TRP CB  HB2  sing N N 302 
TRP CB  HB3  sing N N 303 
TRP CG  CD1  doub Y N 304 
TRP CG  CD2  sing Y N 305 
TRP CD1 NE1  sing Y N 306 
TRP CD1 HD1  sing N N 307 
TRP CD2 CE2  doub Y N 308 
TRP CD2 CE3  sing Y N 309 
TRP NE1 CE2  sing Y N 310 
TRP NE1 HE1  sing N N 311 
TRP CE2 CZ2  sing Y N 312 
TRP CE3 CZ3  doub Y N 313 
TRP CE3 HE3  sing N N 314 
TRP CZ2 CH2  doub Y N 315 
TRP CZ2 HZ2  sing N N 316 
TRP CZ3 CH2  sing Y N 317 
TRP CZ3 HZ3  sing N N 318 
TRP CH2 HH2  sing N N 319 
TRP OXT HXT  sing N N 320 
TYR N   CA   sing N N 321 
TYR N   H    sing N N 322 
TYR N   H2   sing N N 323 
TYR CA  C    sing N N 324 
TYR CA  CB   sing N N 325 
TYR CA  HA   sing N N 326 
TYR C   O    doub N N 327 
TYR C   OXT  sing N N 328 
TYR CB  CG   sing N N 329 
TYR CB  HB2  sing N N 330 
TYR CB  HB3  sing N N 331 
TYR CG  CD1  doub Y N 332 
TYR CG  CD2  sing Y N 333 
TYR CD1 CE1  sing Y N 334 
TYR CD1 HD1  sing N N 335 
TYR CD2 CE2  doub Y N 336 
TYR CD2 HD2  sing N N 337 
TYR CE1 CZ   doub Y N 338 
TYR CE1 HE1  sing N N 339 
TYR CE2 CZ   sing Y N 340 
TYR CE2 HE2  sing N N 341 
TYR CZ  OH   sing N N 342 
TYR OH  HH   sing N N 343 
TYR OXT HXT  sing N N 344 
VAL N   CA   sing N N 345 
VAL N   H    sing N N 346 
VAL N   H2   sing N N 347 
VAL CA  C    sing N N 348 
VAL CA  CB   sing N N 349 
VAL CA  HA   sing N N 350 
VAL C   O    doub N N 351 
VAL C   OXT  sing N N 352 
VAL CB  CG1  sing N N 353 
VAL CB  CG2  sing N N 354 
VAL CB  HB   sing N N 355 
VAL CG1 HG11 sing N N 356 
VAL CG1 HG12 sing N N 357 
VAL CG1 HG13 sing N N 358 
VAL CG2 HG21 sing N N 359 
VAL CG2 HG22 sing N N 360 
VAL CG2 HG23 sing N N 361 
VAL OXT HXT  sing N N 362 
# 
_pdbx_entity_nonpoly.entity_id   2 
_pdbx_entity_nonpoly.name        water 
_pdbx_entity_nonpoly.comp_id     HOH 
# 
_pdbx_initial_refinement_model.id               1 
_pdbx_initial_refinement_model.entity_id_list   ? 
_pdbx_initial_refinement_model.type             'experimental model' 
_pdbx_initial_refinement_model.source_name      PDB 
_pdbx_initial_refinement_model.accession_code   2D4O 
_pdbx_initial_refinement_model.details          ? 
# 
